data_7NSK
#
_entry.id   7NSK
#
_cell.length_a   75.559
_cell.length_b   134.572
_cell.length_c   128.638
_cell.angle_alpha   90.000
_cell.angle_beta   90.200
_cell.angle_gamma   90.000
#
_symmetry.space_group_name_H-M   'P 1 21 1'
#
loop_
_entity.id
_entity.type
_entity.pdbx_description
1 polymer 'Endoplasmic reticulum aminopeptidase 2'
2 branched alpha-D-mannopyranose-(1-3)-[alpha-D-mannopyranose-(1-6)]beta-D-mannopyranose-(1-4)-2-acetamido-2-deoxy-beta-D-glucopyranose-(1-4)-2-acetamido-2-deoxy-beta-D-glucopyranose
3 branched 2-acetamido-2-deoxy-beta-D-glucopyranose-(1-4)-2-acetamido-2-deoxy-beta-D-glucopyranose
4 branched beta-D-mannopyranose-(1-4)-2-acetamido-2-deoxy-beta-D-glucopyranose-(1-4)-2-acetamido-2-deoxy-beta-D-glucopyranose
5 non-polymer 'ZINC ION'
6 non-polymer 2-acetamido-2-deoxy-beta-D-glucopyranose
7 non-polymer 1-ETHOXY-2-(2-ETHOXYETHOXY)ETHANE
8 non-polymer (2~{S})-3-(4-hydroxyphenyl)-~{N}-oxidanyl-2-[4-[[(5-pyridin-2-ylthiophen-2-yl)sulfonylamino]methyl]-1,2,3-triazol-1-yl]propanamide
9 non-polymer 1,2-ETHANEDIOL
10 water water
#
_entity_poly.entity_id   1
_entity_poly.type   'polypeptide(L)'
_entity_poly.pdbx_seq_one_letter_code
;MFHSSAMVNSHRKPMFNIHRGFYCLTAILPQICICSQFSVPSSYHFTEDPGAFPVATNGERFPWQELRLPSVVIPLHYDL
FVHPNLTSLDFVASEKIEVLVSNATQFIILHSKDLEITNATLQSEEDSRYMKPGKELKVLSYPAHEQIALLVPEKLTPHL
KYYVAMDFQAKLGDGFEGFYKSTYRTLGGETRILAVTDFEPTQARMAFPCFDEPLFKANFSIKIRRESRHIALSNMPKVK
TIELEGGLLEDHFETTVKMSTYLVAYIVCDFHSLSGFTSSGVKVSIYASPDKRNQTHYALQASLKLLDFYEKYFDIYYPL
SKLDLIAIPDFAPGAMENWGLITYRETSLLFDPKTSSASDKLWVTRVIAHELAHQWFGNLVTMEWWNDIWLNEGFAKYME
LIAVNATYPELQFDDYFLNVCFEVITKDSLNSSRPISKPAETPTQIQEMFDEVSYNKGACILNMLKDFLGEEKFQKGIIQ
YLKKFSYRNAKNDDLWSSLSNSCLESDFTSGGVCHSDPKMTSNMLAFLGENAEVKEMMTTWTLQKGIPLLVVKQDGCSLR
LQQERFLQGVFQEDPEWRALQERYLWHIPLTYSTSSSNVIHRHILKSKTDTLDLPEKTSWVKFNVDSNGYYIVHYEGHGW
DQLITQLNQNHTLLRPKDRVGLIHDVFQLVGAGRLTLDKALDMTYYLQHETSSPALLEGLSYLESFYHMMDRRNISDISE
NLKRYLLQYFKPVIDRQSWSDKGSVWDRMLRSALLKLACDLNHAPCIQKAAELFSQWMESSGKLNIPTDVLKIVYSVGAQ
TTAGWNYLLEQYELSMSSAEQNKILYALSTSKHQEKLLKLIELGMEGKVIKTQNLAALLHAIARRPKGQQLAWDFVRENW
THLLKKFDLGSYDIRMIISGTTAHFSSKDKLQEVKLFFESLEAQGSHLDIFQTVLETITKNIKWLEKNLPTLRTWLMVNT
RHH
;
_entity_poly.pdbx_strand_id   A,B
#
loop_
_chem_comp.id
_chem_comp.type
_chem_comp.name
_chem_comp.formula
BMA D-saccharide, beta linking beta-D-mannopyranose 'C6 H12 O6'
EDO non-polymer 1,2-ETHANEDIOL 'C2 H6 O2'
MAN D-saccharide, alpha linking alpha-D-mannopyranose 'C6 H12 O6'
NAG D-saccharide, beta linking 2-acetamido-2-deoxy-beta-D-glucopyranose 'C8 H15 N O6'
P4G non-polymer 1-ETHOXY-2-(2-ETHOXYETHOXY)ETHANE 'C8 H18 O3'
UQE non-polymer (2~{S})-3-(4-hydroxyphenyl)-~{N}-oxidanyl-2-[4-[[(5-pyridin-2-ylthiophen-2-yl)sulfonylamino]methyl]-1,2,3-triazol-1-yl]propanamide 'C21 H20 N6 O5 S2'
ZN non-polymer 'ZINC ION' 'Zn 2'
#
# COMPACT_ATOMS: atom_id res chain seq x y z
N ALA A 52 29.31 -4.81 -43.24
CA ALA A 52 28.13 -4.62 -44.06
C ALA A 52 27.33 -3.43 -43.54
N PHE A 53 26.03 -3.64 -43.20
CA PHE A 53 25.17 -2.58 -42.68
C PHE A 53 24.03 -3.24 -41.88
N PRO A 54 23.01 -2.51 -41.35
CA PRO A 54 22.16 -3.10 -40.31
C PRO A 54 21.54 -4.44 -40.69
N VAL A 55 21.27 -5.23 -39.66
CA VAL A 55 20.69 -6.57 -39.74
C VAL A 55 19.46 -6.61 -38.82
N ALA A 56 18.35 -7.17 -39.31
CA ALA A 56 17.06 -7.08 -38.63
C ALA A 56 16.86 -8.21 -37.63
N THR A 57 15.72 -8.16 -36.91
CA THR A 57 15.43 -9.16 -35.90
C THR A 57 15.32 -10.54 -36.51
N ASN A 58 14.65 -10.64 -37.65
CA ASN A 58 14.58 -11.87 -38.44
C ASN A 58 15.89 -12.19 -39.16
N GLY A 59 16.94 -11.38 -38.97
CA GLY A 59 18.19 -11.65 -39.63
C GLY A 59 18.23 -11.32 -41.10
N GLU A 60 17.50 -10.30 -41.54
CA GLU A 60 17.57 -9.89 -42.93
C GLU A 60 18.44 -8.64 -43.08
N ARG A 61 17.84 -7.51 -43.42
CA ARG A 61 18.61 -6.29 -43.52
C ARG A 61 17.68 -5.11 -43.35
N PHE A 62 18.24 -4.01 -42.89
CA PHE A 62 17.40 -2.83 -42.89
C PHE A 62 17.76 -1.95 -44.07
N PRO A 63 16.78 -1.56 -44.87
CA PRO A 63 17.04 -0.66 -46.00
C PRO A 63 17.74 0.64 -45.62
N TRP A 64 17.85 0.93 -44.32
CA TRP A 64 18.23 2.24 -43.83
C TRP A 64 19.18 2.10 -42.65
N GLN A 65 20.21 2.96 -42.61
CA GLN A 65 21.33 2.74 -41.70
C GLN A 65 21.51 3.81 -40.62
N GLU A 66 21.10 5.06 -40.84
CA GLU A 66 21.23 6.10 -39.83
C GLU A 66 20.09 6.02 -38.80
N LEU A 67 20.31 6.63 -37.62
CA LEU A 67 19.21 6.65 -36.66
C LEU A 67 18.30 7.85 -36.85
N ARG A 68 18.72 8.84 -37.62
CA ARG A 68 17.78 9.86 -38.07
C ARG A 68 16.85 9.27 -39.11
N LEU A 69 15.67 9.85 -39.24
CA LEU A 69 14.74 9.20 -40.15
C LEU A 69 14.97 9.66 -41.58
N PRO A 70 14.37 8.97 -42.58
CA PRO A 70 14.46 9.46 -43.95
C PRO A 70 13.35 10.45 -44.29
N SER A 71 13.71 11.57 -44.89
CA SER A 71 12.72 12.59 -45.24
C SER A 71 11.97 12.31 -46.58
N VAL A 72 11.92 11.08 -47.10
CA VAL A 72 11.18 10.86 -48.34
C VAL A 72 9.69 10.72 -48.07
N VAL A 73 9.34 9.92 -47.08
CA VAL A 73 7.97 9.81 -46.63
C VAL A 73 7.78 10.81 -45.48
N ILE A 74 6.76 11.67 -45.61
CA ILE A 74 6.43 12.60 -44.52
C ILE A 74 4.96 12.51 -44.11
N PRO A 75 4.66 12.41 -42.81
CA PRO A 75 3.29 12.19 -42.36
C PRO A 75 2.46 13.47 -42.22
N LEU A 76 1.21 13.36 -42.64
CA LEU A 76 0.27 14.47 -42.55
C LEU A 76 -0.83 14.24 -41.55
N HIS A 77 -1.20 13.00 -41.26
CA HIS A 77 -2.34 12.77 -40.39
C HIS A 77 -2.32 11.38 -39.78
N TYR A 78 -2.70 11.30 -38.50
CA TYR A 78 -2.68 10.09 -37.72
C TYR A 78 -4.11 9.83 -37.24
N ASP A 79 -4.74 8.78 -37.76
CA ASP A 79 -5.95 8.23 -37.16
C ASP A 79 -5.49 7.20 -36.14
N LEU A 80 -5.53 7.55 -34.86
CA LEU A 80 -5.00 6.68 -33.82
C LEU A 80 -6.13 6.21 -32.90
N PHE A 81 -6.16 4.91 -32.63
CA PHE A 81 -7.17 4.31 -31.76
C PHE A 81 -6.48 3.48 -30.68
N VAL A 82 -6.87 3.70 -29.43
CA VAL A 82 -6.25 3.07 -28.27
C VAL A 82 -7.35 2.55 -27.37
N HIS A 83 -7.27 1.25 -27.02
CA HIS A 83 -8.18 0.57 -26.10
C HIS A 83 -7.30 -0.01 -25.00
N PRO A 84 -7.11 0.69 -23.91
CA PRO A 84 -6.34 0.12 -22.80
C PRO A 84 -7.25 -0.58 -21.80
N ASN A 85 -6.93 -1.80 -21.38
CA ASN A 85 -7.67 -2.44 -20.31
C ASN A 85 -6.88 -2.24 -19.03
N LEU A 86 -7.52 -1.60 -18.06
CA LEU A 86 -6.84 -1.21 -16.83
C LEU A 86 -6.86 -2.28 -15.76
N THR A 87 -7.68 -3.31 -15.89
CA THR A 87 -7.53 -4.38 -14.92
C THR A 87 -6.68 -5.52 -15.47
N SER A 88 -6.39 -5.54 -16.78
CA SER A 88 -5.34 -6.41 -17.31
C SER A 88 -3.98 -5.74 -17.34
N LEU A 89 -3.92 -4.40 -17.31
CA LEU A 89 -2.69 -3.60 -17.35
C LEU A 89 -1.95 -3.76 -18.67
N ASP A 90 -2.71 -3.83 -19.76
CA ASP A 90 -2.19 -3.93 -21.12
C ASP A 90 -3.09 -3.12 -22.04
N PHE A 91 -2.67 -2.97 -23.31
CA PHE A 91 -3.46 -2.18 -24.25
C PHE A 91 -3.37 -2.75 -25.67
N VAL A 92 -4.49 -2.63 -26.40
CA VAL A 92 -4.64 -3.07 -27.78
C VAL A 92 -4.99 -1.84 -28.63
N ALA A 93 -4.26 -1.62 -29.74
CA ALA A 93 -4.35 -0.37 -30.47
C ALA A 93 -4.27 -0.58 -31.97
N SER A 94 -4.49 0.51 -32.72
CA SER A 94 -4.42 0.53 -34.18
C SER A 94 -4.19 1.95 -34.67
N GLU A 95 -3.75 2.08 -35.92
CA GLU A 95 -3.43 3.41 -36.44
C GLU A 95 -3.32 3.43 -37.97
N LYS A 96 -3.68 4.57 -38.55
CA LYS A 96 -3.73 4.74 -40.01
C LYS A 96 -3.11 6.11 -40.34
N ILE A 97 -1.93 6.09 -40.96
CA ILE A 97 -1.07 7.27 -41.11
C ILE A 97 -1.16 7.75 -42.56
N GLU A 98 -1.86 8.86 -42.78
CA GLU A 98 -1.86 9.43 -44.12
C GLU A 98 -0.51 10.08 -44.41
N VAL A 99 0.26 9.46 -45.30
CA VAL A 99 1.60 9.90 -45.59
C VAL A 99 1.66 10.49 -47.00
N LEU A 100 2.64 11.34 -47.22
CA LEU A 100 2.96 11.81 -48.55
C LEU A 100 4.41 11.44 -48.85
N VAL A 101 4.62 10.83 -49.99
CA VAL A 101 5.95 10.49 -50.44
C VAL A 101 6.40 11.51 -51.48
N SER A 102 7.57 12.11 -51.27
CA SER A 102 8.13 13.07 -52.21
C SER A 102 9.02 12.42 -53.26
N ASN A 103 9.87 11.47 -52.87
CA ASN A 103 10.73 10.74 -53.80
C ASN A 103 10.34 9.27 -53.79
N ALA A 104 10.26 8.66 -54.98
CA ALA A 104 9.86 7.26 -55.12
C ALA A 104 10.69 6.34 -54.24
N THR A 105 10.05 5.30 -53.69
CA THR A 105 10.65 4.48 -52.65
C THR A 105 10.19 3.04 -52.72
N GLN A 106 10.99 2.16 -52.11
CA GLN A 106 10.67 0.75 -51.96
C GLN A 106 10.35 0.37 -50.51
N PHE A 107 10.58 1.27 -49.56
CA PHE A 107 10.62 0.94 -48.15
C PHE A 107 10.24 2.18 -47.36
N ILE A 108 9.43 1.98 -46.31
CA ILE A 108 9.01 3.04 -45.41
C ILE A 108 9.75 2.84 -44.10
N ILE A 109 10.13 3.93 -43.43
CA ILE A 109 10.85 3.86 -42.16
C ILE A 109 10.09 4.63 -41.10
N LEU A 110 9.84 3.97 -39.97
CA LEU A 110 9.18 4.54 -38.80
C LEU A 110 9.99 4.21 -37.56
N HIS A 111 9.62 4.82 -36.44
CA HIS A 111 10.08 4.37 -35.12
C HIS A 111 9.02 3.44 -34.50
N SER A 112 9.48 2.37 -33.85
CA SER A 112 8.66 1.62 -32.91
C SER A 112 9.58 1.00 -31.88
N LYS A 113 9.10 0.88 -30.63
CA LYS A 113 9.90 0.30 -29.56
C LYS A 113 9.01 -0.46 -28.61
N ASP A 114 9.37 -1.72 -28.33
CA ASP A 114 8.63 -2.57 -27.40
C ASP A 114 7.16 -2.67 -27.80
N LEU A 115 6.91 -2.77 -29.10
CA LEU A 115 5.56 -2.76 -29.64
C LEU A 115 5.39 -3.93 -30.59
N GLU A 116 4.51 -4.87 -30.23
CA GLU A 116 4.21 -5.99 -31.10
C GLU A 116 3.26 -5.52 -32.20
N ILE A 117 3.72 -5.57 -33.44
CA ILE A 117 2.93 -5.17 -34.60
C ILE A 117 2.36 -6.42 -35.23
N THR A 118 1.04 -6.46 -35.44
CA THR A 118 0.36 -7.68 -35.86
C THR A 118 -0.43 -7.54 -37.16
N ASN A 119 -0.28 -6.42 -37.86
CA ASN A 119 -0.95 -6.22 -39.14
C ASN A 119 -0.36 -4.95 -39.74
N ALA A 120 -0.13 -4.95 -41.05
CA ALA A 120 0.47 -3.80 -41.70
C ALA A 120 0.03 -3.78 -43.16
N THR A 121 -0.88 -2.88 -43.51
CA THR A 121 -1.37 -2.72 -44.88
C THR A 121 -0.90 -1.39 -45.48
N LEU A 122 -1.22 -1.21 -46.76
CA LEU A 122 -1.03 0.07 -47.45
C LEU A 122 -2.20 0.26 -48.41
N GLN A 123 -2.88 1.39 -48.28
CA GLN A 123 -3.98 1.74 -49.17
C GLN A 123 -3.66 3.08 -49.80
N SER A 124 -4.46 3.44 -50.82
CA SER A 124 -4.34 4.77 -51.41
C SER A 124 -5.60 5.11 -52.18
N GLU A 125 -5.87 6.42 -52.26
CA GLU A 125 -6.91 6.96 -53.11
C GLU A 125 -6.36 7.79 -54.25
N GLU A 126 -5.06 8.08 -54.24
CA GLU A 126 -4.44 8.74 -55.37
C GLU A 126 -3.67 7.78 -56.26
N ASP A 127 -3.15 6.69 -55.68
CA ASP A 127 -2.41 5.66 -56.40
C ASP A 127 -3.26 4.41 -56.40
N SER A 128 -3.80 4.06 -57.56
CA SER A 128 -4.84 3.06 -57.62
C SER A 128 -4.34 1.64 -57.42
N ARG A 129 -3.02 1.41 -57.48
CA ARG A 129 -2.51 0.07 -57.24
C ARG A 129 -2.86 -0.39 -55.84
N TYR A 130 -2.69 0.49 -54.86
CA TYR A 130 -3.07 0.20 -53.49
C TYR A 130 -4.48 0.75 -53.21
N MET A 131 -5.44 0.27 -54.00
CA MET A 131 -6.84 0.58 -53.80
C MET A 131 -7.45 -0.43 -52.83
N LYS A 132 -8.46 0.02 -52.08
CA LYS A 132 -9.08 -0.80 -51.04
C LYS A 132 -9.31 -2.21 -51.56
N PRO A 133 -9.05 -3.24 -50.76
CA PRO A 133 -8.58 -3.22 -49.38
C PRO A 133 -7.14 -2.73 -49.26
N GLY A 134 -6.29 -3.10 -50.19
CA GLY A 134 -4.89 -2.74 -50.15
C GLY A 134 -4.02 -3.95 -49.90
N LYS A 135 -2.77 -3.86 -50.37
CA LYS A 135 -1.79 -4.93 -50.24
C LYS A 135 -1.17 -4.91 -48.84
N GLU A 136 -0.78 -6.11 -48.39
CA GLU A 136 -0.14 -6.24 -47.09
C GLU A 136 1.32 -5.80 -47.17
N LEU A 137 1.78 -5.17 -46.11
CA LEU A 137 3.16 -4.81 -45.94
C LEU A 137 3.85 -5.85 -45.07
N LYS A 138 5.18 -5.90 -45.17
CA LYS A 138 6.00 -6.77 -44.31
C LYS A 138 7.03 -5.93 -43.57
N VAL A 139 7.07 -6.11 -42.25
CA VAL A 139 7.78 -5.22 -41.34
C VAL A 139 8.98 -5.95 -40.77
N LEU A 140 10.11 -5.24 -40.70
CA LEU A 140 11.32 -5.71 -40.04
C LEU A 140 11.69 -4.70 -38.98
N SER A 141 11.99 -5.18 -37.78
CA SER A 141 12.30 -4.29 -36.67
C SER A 141 13.80 -4.27 -36.44
N TYR A 142 14.37 -3.09 -36.40
CA TYR A 142 15.78 -2.90 -36.12
C TYR A 142 15.89 -2.28 -34.74
N PRO A 143 15.85 -3.10 -33.67
CA PRO A 143 15.69 -2.51 -32.32
C PRO A 143 16.84 -1.61 -31.90
N ALA A 144 17.93 -1.59 -32.65
CA ALA A 144 19.06 -0.80 -32.21
C ALA A 144 18.88 0.69 -32.42
N HIS A 145 18.20 1.09 -33.49
CA HIS A 145 17.86 2.50 -33.69
C HIS A 145 16.43 2.80 -33.27
N GLU A 146 15.76 1.80 -32.70
CA GLU A 146 14.34 1.86 -32.37
C GLU A 146 13.46 2.11 -33.61
N GLN A 147 13.92 1.62 -34.76
CA GLN A 147 13.25 1.81 -36.03
C GLN A 147 12.58 0.52 -36.50
N ILE A 148 11.45 0.67 -37.18
CA ILE A 148 10.89 -0.41 -37.99
C ILE A 148 10.93 0.03 -39.44
N ALA A 149 11.05 -0.95 -40.34
CA ALA A 149 11.00 -0.73 -41.78
C ALA A 149 9.78 -1.46 -42.33
N LEU A 150 8.87 -0.72 -42.93
CA LEU A 150 7.77 -1.30 -43.67
C LEU A 150 8.21 -1.42 -45.12
N LEU A 151 8.15 -2.65 -45.65
CA LEU A 151 8.64 -2.93 -47.00
C LEU A 151 7.48 -3.12 -47.95
N VAL A 152 7.55 -2.45 -49.09
CA VAL A 152 6.43 -2.30 -50.02
C VAL A 152 6.60 -3.26 -51.20
N PRO A 153 5.52 -3.72 -51.85
CA PRO A 153 5.72 -4.59 -53.02
C PRO A 153 6.26 -3.85 -54.24
N GLU A 154 5.80 -2.62 -54.49
CA GLU A 154 6.13 -1.89 -55.71
C GLU A 154 6.50 -0.46 -55.38
N LYS A 155 7.51 0.04 -56.09
CA LYS A 155 8.02 1.40 -55.95
C LYS A 155 6.87 2.41 -55.90
N LEU A 156 6.94 3.31 -54.93
CA LEU A 156 5.88 4.28 -54.71
C LEU A 156 6.05 5.50 -55.61
N THR A 157 4.98 6.28 -55.71
CA THR A 157 4.91 7.39 -56.66
C THR A 157 5.10 8.70 -55.96
N PRO A 158 6.01 9.53 -56.46
CA PRO A 158 6.18 10.87 -55.89
C PRO A 158 4.90 11.69 -56.03
N HIS A 159 4.62 12.47 -54.99
CA HIS A 159 3.52 13.42 -54.96
C HIS A 159 2.16 12.72 -54.83
N LEU A 160 2.12 11.54 -54.20
CA LEU A 160 0.86 10.80 -54.00
C LEU A 160 0.73 10.34 -52.56
N LYS A 161 -0.46 10.53 -51.97
CA LYS A 161 -0.67 10.23 -50.56
C LYS A 161 -1.10 8.78 -50.38
N TYR A 162 -0.52 8.11 -49.40
CA TYR A 162 -0.84 6.73 -49.05
C TYR A 162 -1.29 6.66 -47.59
N TYR A 163 -2.04 5.62 -47.27
CA TYR A 163 -2.43 5.36 -45.88
C TYR A 163 -1.73 4.10 -45.39
N VAL A 164 -0.98 4.24 -44.29
CA VAL A 164 -0.23 3.15 -43.66
C VAL A 164 -0.96 2.76 -42.39
N ALA A 165 -1.37 1.49 -42.32
CA ALA A 165 -2.25 1.01 -41.26
C ALA A 165 -1.57 -0.12 -40.51
N MET A 166 -1.60 -0.05 -39.17
CA MET A 166 -1.00 -1.05 -38.31
C MET A 166 -1.86 -1.33 -37.07
N ASP A 167 -1.89 -2.59 -36.66
CA ASP A 167 -2.47 -3.03 -35.40
C ASP A 167 -1.31 -3.44 -34.52
N PHE A 168 -1.30 -2.97 -33.27
CA PHE A 168 -0.21 -3.28 -32.38
C PHE A 168 -0.74 -3.40 -30.97
N GLN A 169 0.06 -4.00 -30.09
CA GLN A 169 -0.37 -4.23 -28.73
C GLN A 169 0.85 -4.25 -27.83
N ALA A 170 0.62 -3.99 -26.55
CA ALA A 170 1.68 -4.06 -25.54
C ALA A 170 1.09 -3.98 -24.15
N LYS A 171 1.88 -4.44 -23.18
CA LYS A 171 1.56 -4.31 -21.77
C LYS A 171 1.80 -2.87 -21.35
N LEU A 172 0.96 -2.38 -20.44
CA LEU A 172 1.14 -1.02 -19.95
C LEU A 172 2.50 -0.96 -19.30
N GLY A 173 3.30 0.05 -19.69
CA GLY A 173 4.62 0.24 -19.09
C GLY A 173 4.51 0.49 -17.61
N ASP A 174 5.58 0.24 -16.89
CA ASP A 174 5.59 0.42 -15.44
C ASP A 174 6.78 1.25 -15.03
N GLY A 175 6.93 2.41 -15.65
CA GLY A 175 8.11 3.19 -15.37
C GLY A 175 8.20 4.55 -16.00
N PHE A 176 7.26 5.43 -15.65
CA PHE A 176 7.35 6.87 -15.88
C PHE A 176 7.51 7.28 -17.33
N GLU A 177 7.41 6.37 -18.30
CA GLU A 177 7.56 6.80 -19.68
C GLU A 177 6.74 5.89 -20.57
N GLY A 178 6.29 6.46 -21.69
CA GLY A 178 5.37 5.79 -22.59
C GLY A 178 3.94 5.90 -22.08
N PHE A 179 3.14 4.88 -22.41
CA PHE A 179 1.82 4.74 -21.85
C PHE A 179 1.98 3.85 -20.62
N TYR A 180 1.88 4.42 -19.42
CA TYR A 180 2.26 3.67 -18.23
C TYR A 180 1.22 3.72 -17.12
N LYS A 181 1.37 2.81 -16.18
CA LYS A 181 0.47 2.62 -15.06
C LYS A 181 0.83 3.57 -13.90
N SER A 182 -0.20 4.03 -13.20
CA SER A 182 0.00 4.88 -12.03
C SER A 182 -1.12 4.66 -11.01
N THR A 183 -0.75 4.76 -9.75
CA THR A 183 -1.60 4.44 -8.62
C THR A 183 -1.72 5.68 -7.72
N TYR A 184 -2.91 5.93 -7.17
CA TYR A 184 -2.99 6.86 -6.05
C TYR A 184 -3.72 6.24 -4.86
N ARG A 185 -3.74 7.00 -3.77
CA ARG A 185 -4.46 6.62 -2.56
C ARG A 185 -5.64 7.57 -2.34
N THR A 186 -6.79 6.99 -2.04
CA THR A 186 -7.99 7.72 -1.70
C THR A 186 -7.96 8.09 -0.24
N LEU A 187 -8.96 8.86 0.17
CA LEU A 187 -9.04 9.24 1.57
C LEU A 187 -9.48 8.07 2.43
N GLY A 188 -10.26 7.14 1.84
CA GLY A 188 -10.81 6.02 2.57
C GLY A 188 -9.86 4.88 2.79
N GLY A 189 -8.71 4.93 2.11
CA GLY A 189 -7.73 3.85 2.12
C GLY A 189 -7.72 3.01 0.86
N GLU A 190 -8.74 3.14 0.00
CA GLU A 190 -8.73 2.44 -1.28
C GLU A 190 -7.49 2.86 -2.08
N THR A 191 -7.03 1.97 -2.95
CA THR A 191 -5.98 2.26 -3.91
C THR A 191 -6.50 2.08 -5.32
N ARG A 192 -6.19 3.03 -6.21
CA ARG A 192 -6.85 3.09 -7.50
C ARG A 192 -5.83 3.38 -8.59
N ILE A 193 -6.10 2.86 -9.79
CA ILE A 193 -5.14 2.84 -10.90
C ILE A 193 -5.61 3.78 -11.99
N LEU A 194 -4.65 4.42 -12.66
CA LEU A 194 -4.87 5.13 -13.92
C LEU A 194 -3.74 4.81 -14.90
N ALA A 195 -3.95 5.16 -16.17
CA ALA A 195 -2.93 5.01 -17.20
C ALA A 195 -2.71 6.35 -17.88
N VAL A 196 -1.46 6.78 -17.93
CA VAL A 196 -1.13 8.12 -18.38
C VAL A 196 0.04 8.03 -19.37
N THR A 197 0.09 8.99 -20.31
CA THR A 197 1.22 9.03 -21.23
C THR A 197 2.24 10.06 -20.77
N ASP A 198 3.52 9.76 -21.06
CA ASP A 198 4.58 10.77 -21.04
C ASP A 198 5.54 10.47 -22.16
N PHE A 199 5.69 11.41 -23.10
CA PHE A 199 6.40 11.12 -24.34
C PHE A 199 7.70 11.91 -24.54
N GLU A 200 7.81 13.16 -24.06
CA GLU A 200 8.99 13.95 -24.44
C GLU A 200 10.25 13.36 -23.85
N PRO A 201 11.34 13.21 -24.64
CA PRO A 201 11.49 13.55 -26.06
C PRO A 201 11.16 12.42 -27.04
N THR A 202 11.46 11.17 -26.69
CA THR A 202 11.46 10.14 -27.71
C THR A 202 10.72 8.87 -27.28
N GLN A 203 9.76 8.96 -26.36
CA GLN A 203 9.07 7.74 -25.97
C GLN A 203 7.70 7.59 -26.60
N ALA A 204 7.23 8.60 -27.33
CA ALA A 204 6.06 8.39 -28.17
C ALA A 204 6.11 7.06 -28.94
N ARG A 205 7.29 6.74 -29.49
CA ARG A 205 7.57 5.51 -30.24
C ARG A 205 7.37 4.23 -29.41
N MET A 206 7.07 4.38 -28.12
CA MET A 206 6.84 3.25 -27.23
C MET A 206 5.37 2.96 -27.03
N ALA A 207 4.47 3.69 -27.69
CA ALA A 207 3.03 3.51 -27.55
C ALA A 207 2.27 3.43 -28.86
N PHE A 208 2.78 4.04 -29.94
CA PHE A 208 2.32 3.76 -31.28
C PHE A 208 3.49 3.91 -32.23
N PRO A 209 3.53 3.12 -33.30
CA PRO A 209 4.58 3.30 -34.30
C PRO A 209 4.38 4.64 -34.98
N CYS A 210 5.46 5.36 -35.21
CA CYS A 210 5.30 6.70 -35.77
C CYS A 210 6.66 7.25 -36.14
N PHE A 211 6.64 8.41 -36.79
CA PHE A 211 7.87 9.14 -37.13
C PHE A 211 8.22 10.05 -35.96
N ASP A 212 8.88 9.48 -34.96
CA ASP A 212 9.09 10.16 -33.68
C ASP A 212 10.28 11.12 -33.73
N GLU A 213 10.14 12.18 -34.52
CA GLU A 213 10.98 13.37 -34.50
C GLU A 213 10.08 14.60 -34.49
N PRO A 214 10.43 15.66 -33.76
CA PRO A 214 9.79 16.94 -34.01
C PRO A 214 10.15 17.32 -35.43
N LEU A 215 9.29 18.15 -36.04
CA LEU A 215 9.34 18.52 -37.46
C LEU A 215 8.49 17.59 -38.32
N PHE A 216 8.56 16.28 -38.07
CA PHE A 216 7.47 15.49 -38.61
C PHE A 216 6.19 15.88 -37.87
N LYS A 217 5.62 17.05 -38.20
CA LYS A 217 4.39 17.49 -37.56
C LYS A 217 3.19 17.03 -38.37
N ALA A 218 2.16 16.57 -37.67
CA ALA A 218 0.94 16.07 -38.29
C ALA A 218 -0.29 16.58 -37.55
N ASN A 219 -1.48 16.21 -38.06
CA ASN A 219 -2.69 16.31 -37.28
C ASN A 219 -2.96 14.96 -36.61
N PHE A 220 -3.55 14.98 -35.42
CA PHE A 220 -3.86 13.75 -34.69
C PHE A 220 -5.36 13.59 -34.41
N SER A 221 -5.85 12.37 -34.65
CA SER A 221 -7.24 12.02 -34.36
C SER A 221 -7.23 10.83 -33.41
N ILE A 222 -7.79 11.01 -32.23
CA ILE A 222 -7.73 10.00 -31.20
C ILE A 222 -9.14 9.57 -30.86
N LYS A 223 -9.39 8.27 -30.92
CA LYS A 223 -10.53 7.63 -30.29
C LYS A 223 -10.00 6.70 -29.19
N ILE A 224 -10.71 6.63 -28.06
CA ILE A 224 -10.27 5.86 -26.89
C ILE A 224 -11.46 5.10 -26.34
N ARG A 225 -11.24 3.87 -25.92
CA ARG A 225 -12.29 3.02 -25.42
C ARG A 225 -12.12 2.85 -23.91
N ARG A 226 -13.23 2.80 -23.18
CA ARG A 226 -13.11 2.91 -21.74
C ARG A 226 -14.24 2.20 -21.04
N GLU A 227 -13.98 1.75 -19.81
CA GLU A 227 -15.07 1.27 -18.99
C GLU A 227 -15.94 2.46 -18.53
N SER A 228 -17.14 2.14 -18.06
CA SER A 228 -18.11 3.15 -17.63
C SER A 228 -17.69 3.91 -16.36
N ARG A 229 -16.81 3.35 -15.52
CA ARG A 229 -16.36 3.97 -14.28
C ARG A 229 -15.14 4.88 -14.42
N HIS A 230 -14.53 4.91 -15.61
CA HIS A 230 -13.43 5.80 -15.94
C HIS A 230 -13.92 6.96 -16.78
N ILE A 231 -13.07 7.98 -16.89
CA ILE A 231 -13.16 8.97 -17.96
C ILE A 231 -11.87 8.89 -18.77
N ALA A 232 -11.90 9.49 -19.94
CA ALA A 232 -10.69 9.54 -20.75
C ALA A 232 -10.47 10.97 -21.20
N LEU A 233 -9.27 11.47 -21.01
CA LEU A 233 -8.90 12.75 -21.55
C LEU A 233 -7.81 12.54 -22.59
N SER A 234 -7.66 13.53 -23.46
CA SER A 234 -6.55 13.60 -24.41
C SER A 234 -6.33 15.06 -24.75
N ASN A 235 -5.67 15.30 -25.90
CA ASN A 235 -5.16 16.62 -26.21
C ASN A 235 -6.29 17.63 -26.37
N MET A 236 -7.38 17.23 -27.02
CA MET A 236 -8.40 18.15 -27.51
C MET A 236 -9.80 17.66 -27.15
N PRO A 237 -10.75 18.59 -26.93
CA PRO A 237 -12.01 18.20 -26.26
C PRO A 237 -12.74 17.07 -26.97
N LYS A 238 -13.64 16.42 -26.24
CA LYS A 238 -14.30 15.23 -26.76
C LYS A 238 -15.52 15.65 -27.57
N VAL A 239 -15.64 15.10 -28.78
CA VAL A 239 -16.76 15.45 -29.63
C VAL A 239 -17.98 14.63 -29.29
N LYS A 240 -17.77 13.35 -29.02
CA LYS A 240 -18.82 12.38 -29.12
C LYS A 240 -18.45 11.22 -28.21
N THR A 241 -19.45 10.52 -27.69
CA THR A 241 -19.21 9.30 -26.91
C THR A 241 -20.23 8.26 -27.35
N ILE A 242 -19.84 7.39 -28.30
CA ILE A 242 -20.76 6.35 -28.76
C ILE A 242 -20.80 5.22 -27.74
N GLU A 243 -21.97 4.63 -27.55
CA GLU A 243 -22.09 3.50 -26.65
C GLU A 243 -21.93 2.22 -27.46
N LEU A 244 -20.85 1.49 -27.21
CA LEU A 244 -20.69 0.16 -27.75
C LEU A 244 -21.64 -0.80 -27.06
N GLU A 245 -21.74 -2.03 -27.60
CA GLU A 245 -22.85 -2.91 -27.26
C GLU A 245 -22.62 -3.64 -25.93
N GLY A 246 -21.41 -4.16 -25.70
CA GLY A 246 -21.22 -4.78 -24.41
C GLY A 246 -21.33 -3.87 -23.21
N GLY A 247 -21.62 -2.59 -23.37
CA GLY A 247 -21.54 -1.65 -22.27
C GLY A 247 -20.26 -0.83 -22.21
N LEU A 248 -19.37 -1.01 -23.17
CA LEU A 248 -18.18 -0.19 -23.22
C LEU A 248 -18.51 1.14 -23.90
N LEU A 249 -17.53 2.05 -23.92
CA LEU A 249 -17.74 3.41 -24.42
C LEU A 249 -16.57 3.81 -25.29
N GLU A 250 -16.86 4.56 -26.35
CA GLU A 250 -15.84 5.01 -27.29
C GLU A 250 -15.85 6.54 -27.36
N ASP A 251 -14.81 7.16 -26.80
CA ASP A 251 -14.65 8.60 -26.79
C ASP A 251 -13.96 9.08 -28.08
N HIS A 252 -14.61 9.97 -28.83
CA HIS A 252 -14.09 10.47 -30.10
C HIS A 252 -13.65 11.91 -29.89
N PHE A 253 -12.37 12.21 -30.11
CA PHE A 253 -11.80 13.53 -29.82
C PHE A 253 -11.67 14.37 -31.07
N GLU A 254 -11.99 15.65 -30.97
CA GLU A 254 -11.73 16.60 -32.05
C GLU A 254 -10.30 16.39 -32.53
N THR A 255 -10.09 16.34 -33.84
CA THR A 255 -8.75 16.07 -34.28
C THR A 255 -7.89 17.33 -34.14
N THR A 256 -6.59 17.17 -34.28
CA THR A 256 -5.62 18.15 -33.78
C THR A 256 -5.14 19.13 -34.84
N VAL A 257 -4.55 20.22 -34.37
CA VAL A 257 -3.80 21.10 -35.26
C VAL A 257 -2.46 20.42 -35.47
N LYS A 258 -1.69 20.90 -36.44
CA LYS A 258 -0.38 20.31 -36.69
C LYS A 258 0.51 20.43 -35.45
N MET A 259 1.13 19.32 -35.05
CA MET A 259 1.99 19.33 -33.86
C MET A 259 2.97 18.17 -33.87
N SER A 260 4.05 18.32 -33.12
CA SER A 260 5.05 17.25 -33.07
C SER A 260 4.52 16.06 -32.27
N THR A 261 5.09 14.86 -32.50
CA THR A 261 4.57 13.65 -31.84
C THR A 261 4.77 13.67 -30.32
N TYR A 262 5.91 14.15 -29.84
CA TYR A 262 6.11 14.01 -28.40
C TYR A 262 5.05 14.71 -27.57
N LEU A 263 4.16 15.49 -28.17
CA LEU A 263 3.18 16.23 -27.39
C LEU A 263 1.85 15.51 -27.23
N VAL A 264 1.61 14.44 -28.01
CA VAL A 264 0.37 13.70 -27.92
C VAL A 264 0.20 13.17 -26.51
N ALA A 265 -1.03 13.22 -26.01
CA ALA A 265 -1.28 12.66 -24.70
C ALA A 265 -2.63 11.97 -24.68
N TYR A 266 -2.75 10.94 -23.85
CA TYR A 266 -4.06 10.44 -23.45
C TYR A 266 -3.99 9.86 -22.05
N ILE A 267 -5.12 9.93 -21.35
CA ILE A 267 -5.23 9.44 -19.98
C ILE A 267 -6.56 8.74 -19.80
N VAL A 268 -6.55 7.69 -18.96
CA VAL A 268 -7.78 7.06 -18.49
C VAL A 268 -7.68 6.96 -16.96
N CYS A 269 -8.73 7.42 -16.27
CA CYS A 269 -8.69 7.62 -14.83
C CYS A 269 -10.09 7.96 -14.35
N ASP A 270 -10.21 8.24 -13.05
CA ASP A 270 -11.48 8.65 -12.45
C ASP A 270 -11.30 9.90 -11.59
N PHE A 271 -10.72 10.94 -12.19
CA PHE A 271 -10.49 12.20 -11.47
C PHE A 271 -11.71 13.09 -11.51
N HIS A 272 -11.77 14.02 -10.56
CA HIS A 272 -12.72 15.10 -10.60
C HIS A 272 -12.02 16.37 -11.04
N SER A 273 -12.80 17.42 -11.25
CA SER A 273 -12.25 18.63 -11.82
C SER A 273 -13.08 19.84 -11.44
N LEU A 274 -12.39 20.98 -11.34
CA LEU A 274 -12.99 22.32 -11.28
C LEU A 274 -12.71 23.04 -12.58
N SER A 275 -13.72 23.71 -13.09
CA SER A 275 -13.60 24.39 -14.37
C SER A 275 -13.94 25.87 -14.23
N GLY A 276 -13.31 26.69 -15.07
CA GLY A 276 -13.62 28.09 -15.23
C GLY A 276 -13.27 28.49 -16.66
N PHE A 277 -13.59 29.73 -17.02
CA PHE A 277 -13.29 30.23 -18.36
C PHE A 277 -12.36 31.43 -18.32
N THR A 278 -11.51 31.54 -19.34
CA THR A 278 -10.69 32.74 -19.49
C THR A 278 -11.53 33.84 -20.13
N SER A 279 -10.99 35.06 -20.11
CA SER A 279 -11.60 36.15 -20.89
C SER A 279 -11.49 35.85 -22.37
N SER A 280 -10.58 34.99 -22.73
CA SER A 280 -10.44 34.53 -24.10
C SER A 280 -11.46 33.48 -24.49
N GLY A 281 -12.09 32.81 -23.52
CA GLY A 281 -13.06 31.77 -23.86
C GLY A 281 -12.53 30.35 -23.82
N VAL A 282 -11.44 30.11 -23.18
CA VAL A 282 -10.98 28.74 -23.02
C VAL A 282 -11.58 28.15 -21.77
N LYS A 283 -12.01 26.91 -21.84
CA LYS A 283 -12.36 26.18 -20.62
C LYS A 283 -11.07 25.60 -20.01
N VAL A 284 -10.72 26.08 -18.83
CA VAL A 284 -9.58 25.60 -18.06
C VAL A 284 -10.12 24.72 -16.95
N SER A 285 -9.52 23.57 -16.78
CA SER A 285 -10.03 22.61 -15.82
C SER A 285 -8.85 21.94 -15.14
N ILE A 286 -8.85 21.98 -13.82
CA ILE A 286 -7.84 21.30 -13.03
C ILE A 286 -8.42 19.95 -12.64
N TYR A 287 -7.71 18.87 -13.00
CA TYR A 287 -8.16 17.50 -12.72
C TYR A 287 -7.29 16.87 -11.66
N ALA A 288 -7.91 16.21 -10.68
CA ALA A 288 -7.14 15.52 -9.65
C ALA A 288 -7.95 14.34 -9.11
N SER A 289 -7.27 13.47 -8.35
CA SER A 289 -7.89 12.48 -7.48
C SER A 289 -9.17 13.08 -6.88
N PRO A 290 -10.19 12.25 -6.66
CA PRO A 290 -11.47 12.74 -6.14
C PRO A 290 -11.27 13.55 -4.86
N ASP A 291 -10.64 12.94 -3.86
CA ASP A 291 -10.59 13.58 -2.56
C ASP A 291 -9.76 14.86 -2.52
N LYS A 292 -8.86 15.07 -3.48
CA LYS A 292 -7.97 16.22 -3.42
C LYS A 292 -8.55 17.45 -4.10
N ARG A 293 -9.85 17.44 -4.41
CA ARG A 293 -10.37 18.48 -5.29
C ARG A 293 -10.21 19.85 -4.65
N ASN A 294 -10.37 19.96 -3.33
CA ASN A 294 -10.07 21.20 -2.61
C ASN A 294 -8.77 21.79 -3.10
N GLN A 295 -7.75 20.97 -3.17
CA GLN A 295 -6.43 21.52 -3.44
C GLN A 295 -6.24 22.06 -4.87
N THR A 296 -7.23 21.92 -5.77
CA THR A 296 -7.05 22.46 -7.12
C THR A 296 -7.44 23.92 -7.24
N HIS A 297 -8.02 24.55 -6.21
CA HIS A 297 -8.60 25.89 -6.40
C HIS A 297 -7.55 26.91 -6.86
N TYR A 298 -6.37 26.95 -6.20
CA TYR A 298 -5.38 27.95 -6.58
C TYR A 298 -4.80 27.68 -7.96
N ALA A 299 -4.57 26.42 -8.29
CA ALA A 299 -4.19 26.09 -9.66
C ALA A 299 -5.12 26.79 -10.65
N LEU A 300 -6.44 26.62 -10.48
CA LEU A 300 -7.37 27.29 -11.38
C LEU A 300 -7.19 28.80 -11.34
N GLN A 301 -7.19 29.39 -10.13
CA GLN A 301 -7.07 30.84 -10.01
C GLN A 301 -5.88 31.35 -10.83
N ALA A 302 -4.71 30.74 -10.63
CA ALA A 302 -3.48 31.25 -11.23
C ALA A 302 -3.43 30.99 -12.71
N SER A 303 -3.94 29.83 -13.16
CA SER A 303 -3.77 29.48 -14.58
C SER A 303 -4.68 30.32 -15.46
N LEU A 304 -5.92 30.60 -15.01
CA LEU A 304 -6.76 31.58 -15.70
C LEU A 304 -6.05 32.91 -15.86
N LYS A 305 -5.61 33.51 -14.74
CA LYS A 305 -4.92 34.80 -14.79
C LYS A 305 -3.72 34.73 -15.72
N LEU A 306 -3.03 33.59 -15.72
CA LEU A 306 -1.81 33.46 -16.52
C LEU A 306 -2.14 33.30 -17.99
N LEU A 307 -3.05 32.39 -18.31
CA LEU A 307 -3.41 32.18 -19.71
C LEU A 307 -3.87 33.48 -20.35
N ASP A 308 -4.69 34.27 -19.65
CA ASP A 308 -4.98 35.62 -20.11
C ASP A 308 -3.68 36.35 -20.46
N PHE A 309 -2.81 36.54 -19.44
CA PHE A 309 -1.59 37.32 -19.62
C PHE A 309 -0.83 36.89 -20.85
N TYR A 310 -0.67 35.58 -21.04
CA TYR A 310 0.13 35.13 -22.16
C TYR A 310 -0.51 35.53 -23.47
N GLU A 311 -1.83 35.35 -23.57
CA GLU A 311 -2.48 35.69 -24.82
C GLU A 311 -2.24 37.15 -25.19
N LYS A 312 -2.41 38.07 -24.24
CA LYS A 312 -2.21 39.49 -24.54
C LYS A 312 -0.76 39.75 -24.93
N TYR A 313 0.17 39.20 -24.15
CA TYR A 313 1.58 39.57 -24.29
C TYR A 313 2.14 39.06 -25.61
N PHE A 314 1.73 37.87 -26.04
CA PHE A 314 2.22 37.34 -27.30
C PHE A 314 1.43 37.85 -28.49
N ASP A 315 0.23 38.41 -28.27
CA ASP A 315 -0.67 38.83 -29.36
C ASP A 315 -1.07 37.63 -30.22
N ILE A 316 -1.43 36.54 -29.56
CA ILE A 316 -1.69 35.27 -30.21
C ILE A 316 -2.68 34.50 -29.35
N TYR A 317 -3.84 34.17 -29.90
CA TYR A 317 -4.76 33.43 -29.05
C TYR A 317 -4.25 32.00 -28.85
N TYR A 318 -4.59 31.45 -27.69
CA TYR A 318 -4.44 30.02 -27.48
C TYR A 318 -5.33 29.29 -28.51
N PRO A 319 -4.77 28.39 -29.33
CA PRO A 319 -5.54 27.88 -30.47
C PRO A 319 -6.61 26.87 -30.08
N LEU A 320 -6.40 26.13 -28.98
CA LEU A 320 -7.34 25.09 -28.65
C LEU A 320 -8.58 25.68 -27.97
N SER A 321 -9.58 24.83 -27.71
CA SER A 321 -10.79 25.27 -27.04
C SER A 321 -10.78 24.98 -25.54
N LYS A 322 -10.09 23.92 -25.14
CA LYS A 322 -9.88 23.49 -23.75
C LYS A 322 -8.42 23.65 -23.34
N LEU A 323 -8.21 23.67 -22.04
CA LEU A 323 -6.88 23.50 -21.48
C LEU A 323 -7.07 22.78 -20.17
N ASP A 324 -6.34 21.67 -20.00
CA ASP A 324 -6.53 20.80 -18.86
C ASP A 324 -5.24 20.74 -18.09
N LEU A 325 -5.32 20.96 -16.79
CA LEU A 325 -4.24 20.64 -15.89
C LEU A 325 -4.63 19.44 -15.02
N ILE A 326 -3.83 18.39 -15.09
CA ILE A 326 -4.10 17.19 -14.32
C ILE A 326 -2.95 16.96 -13.37
N ALA A 327 -3.23 16.37 -12.20
CA ALA A 327 -2.21 16.16 -11.17
C ALA A 327 -1.97 14.65 -11.09
N ILE A 328 -0.87 14.19 -11.69
CA ILE A 328 -0.60 12.76 -11.77
C ILE A 328 0.17 12.33 -10.52
N PRO A 329 -0.25 11.26 -9.84
CA PRO A 329 0.47 10.81 -8.65
C PRO A 329 1.86 10.26 -8.93
N ASP A 330 2.00 9.38 -9.91
CA ASP A 330 3.33 8.92 -10.33
C ASP A 330 3.76 9.73 -11.56
N PHE A 331 4.76 10.56 -11.40
CA PHE A 331 5.15 11.41 -12.53
C PHE A 331 6.58 11.95 -12.36
N ALA A 332 7.48 11.53 -13.27
CA ALA A 332 8.90 11.84 -13.09
C ALA A 332 9.19 13.32 -13.25
N PRO A 333 8.79 13.98 -14.32
CA PRO A 333 9.24 15.37 -14.47
C PRO A 333 8.60 16.30 -13.46
N GLY A 334 9.01 17.57 -13.45
CA GLY A 334 8.22 18.56 -12.72
C GLY A 334 6.82 18.66 -13.27
N ALA A 335 6.68 18.72 -14.60
CA ALA A 335 5.41 18.75 -15.33
C ALA A 335 5.72 18.73 -16.81
N MET A 336 4.74 18.28 -17.63
CA MET A 336 4.89 18.11 -19.08
C MET A 336 3.77 18.83 -19.81
N GLU A 337 4.15 19.57 -20.88
CA GLU A 337 3.34 20.57 -21.56
C GLU A 337 2.49 20.02 -22.70
N ASN A 338 2.01 18.78 -22.60
CA ASN A 338 1.09 18.24 -23.56
C ASN A 338 0.03 19.26 -23.97
N TRP A 339 -0.01 19.58 -25.25
CA TRP A 339 -0.91 20.59 -25.78
C TRP A 339 -2.35 20.26 -25.41
N GLY A 340 -2.97 21.14 -24.60
CA GLY A 340 -4.32 20.91 -24.06
C GLY A 340 -4.42 19.95 -22.85
N LEU A 341 -3.34 19.29 -22.44
CA LEU A 341 -3.54 18.32 -21.38
C LEU A 341 -2.28 18.23 -20.52
N ILE A 342 -2.02 19.28 -19.73
CA ILE A 342 -0.74 19.42 -19.04
C ILE A 342 -0.73 18.54 -17.79
N THR A 343 0.34 17.76 -17.63
CA THR A 343 0.47 16.78 -16.57
C THR A 343 1.46 17.27 -15.52
N TYR A 344 1.19 17.00 -14.24
CA TYR A 344 2.02 17.54 -13.17
C TYR A 344 2.25 16.49 -12.10
N ARG A 345 3.39 16.60 -11.46
CA ARG A 345 3.49 16.08 -10.11
C ARG A 345 2.52 16.88 -9.27
N GLU A 346 1.85 16.21 -8.35
CA GLU A 346 0.95 16.92 -7.45
C GLU A 346 1.65 18.09 -6.72
N THR A 347 2.89 17.91 -6.29
CA THR A 347 3.59 19.01 -5.63
C THR A 347 3.74 20.25 -6.51
N SER A 348 3.59 20.11 -7.83
CA SER A 348 3.74 21.22 -8.74
C SER A 348 2.44 21.98 -8.95
N LEU A 349 1.31 21.31 -8.75
CA LEU A 349 0.02 21.86 -9.13
C LEU A 349 -0.93 22.02 -7.95
N LEU A 350 -0.92 21.10 -6.99
CA LEU A 350 -1.88 21.14 -5.89
C LEU A 350 -1.41 22.05 -4.77
N PHE A 351 -2.36 22.71 -4.12
CA PHE A 351 -2.03 23.63 -3.04
C PHE A 351 -3.12 23.54 -2.01
N ASP A 352 -2.74 23.30 -0.77
CA ASP A 352 -3.68 23.25 0.32
C ASP A 352 -3.23 24.23 1.39
N PRO A 353 -4.08 25.13 1.85
CA PRO A 353 -3.57 26.27 2.65
C PRO A 353 -3.13 25.92 4.06
N LYS A 354 -3.74 24.90 4.71
CA LYS A 354 -3.32 24.48 6.04
C LYS A 354 -1.90 23.90 6.02
N THR A 355 -1.44 23.41 4.87
CA THR A 355 -0.17 22.69 4.85
C THR A 355 0.86 23.22 3.86
N SER A 356 0.47 23.50 2.61
CA SER A 356 1.39 24.13 1.67
C SER A 356 2.01 25.40 2.27
N SER A 357 3.31 25.54 2.08
CA SER A 357 3.98 26.75 2.50
C SER A 357 3.76 27.86 1.48
N ALA A 358 4.11 29.09 1.89
CA ALA A 358 4.06 30.23 0.95
C ALA A 358 5.17 30.13 -0.10
N SER A 359 6.33 29.59 0.26
CA SER A 359 7.30 29.17 -0.74
C SER A 359 6.66 28.19 -1.73
N ASP A 360 5.94 27.20 -1.20
CA ASP A 360 5.29 26.21 -2.06
C ASP A 360 4.37 26.88 -3.08
N LYS A 361 3.58 27.87 -2.63
CA LYS A 361 2.73 28.62 -3.57
C LYS A 361 3.56 29.32 -4.63
N LEU A 362 4.66 29.94 -4.23
CA LEU A 362 5.55 30.50 -5.24
C LEU A 362 5.97 29.43 -6.23
N TRP A 363 6.38 28.26 -5.73
CA TRP A 363 6.71 27.14 -6.61
C TRP A 363 5.53 26.78 -7.51
N VAL A 364 4.37 26.49 -6.92
CA VAL A 364 3.25 26.05 -7.76
C VAL A 364 2.95 27.10 -8.82
N THR A 365 3.11 28.39 -8.47
CA THR A 365 2.83 29.44 -9.45
C THR A 365 3.87 29.44 -10.54
N ARG A 366 5.11 29.09 -10.18
CA ARG A 366 6.16 29.05 -11.17
C ARG A 366 5.92 27.99 -12.21
N VAL A 367 5.60 26.76 -11.79
CA VAL A 367 5.53 25.72 -12.81
C VAL A 367 4.31 25.90 -13.71
N ILE A 368 3.18 26.39 -13.18
CA ILE A 368 2.03 26.71 -14.05
C ILE A 368 2.41 27.80 -15.05
N ALA A 369 3.17 28.81 -14.59
CA ALA A 369 3.71 29.80 -15.50
C ALA A 369 4.52 29.13 -16.61
N HIS A 370 5.40 28.19 -16.21
CA HIS A 370 6.36 27.59 -17.13
C HIS A 370 5.65 26.75 -18.20
N GLU A 371 4.82 25.81 -17.76
CA GLU A 371 4.16 24.91 -18.69
C GLU A 371 3.26 25.69 -19.65
N LEU A 372 2.48 26.64 -19.12
CA LEU A 372 1.64 27.48 -19.96
C LEU A 372 2.46 28.18 -21.04
N ALA A 373 3.62 28.76 -20.68
CA ALA A 373 4.46 29.41 -21.69
C ALA A 373 4.83 28.46 -22.84
N HIS A 374 5.03 27.15 -22.56
CA HIS A 374 5.33 26.15 -23.59
C HIS A 374 4.25 26.05 -24.67
N GLN A 375 3.01 26.43 -24.35
CA GLN A 375 1.93 26.35 -25.34
C GLN A 375 2.30 27.11 -26.59
N TRP A 376 2.97 28.25 -26.42
CA TRP A 376 3.59 28.99 -27.52
C TRP A 376 5.00 28.49 -27.79
N PHE A 377 5.89 28.65 -26.80
CA PHE A 377 7.29 28.27 -26.94
C PHE A 377 7.39 26.77 -26.67
N GLY A 378 7.24 25.98 -27.73
CA GLY A 378 7.27 24.53 -27.60
C GLY A 378 6.28 23.85 -28.51
N ASN A 379 5.02 24.25 -28.42
CA ASN A 379 3.95 23.57 -29.11
C ASN A 379 3.54 24.32 -30.36
N LEU A 380 3.18 25.59 -30.22
CA LEU A 380 2.91 26.43 -31.38
C LEU A 380 4.16 26.57 -32.25
N VAL A 381 5.34 26.64 -31.63
CA VAL A 381 6.61 26.69 -32.33
C VAL A 381 7.54 25.68 -31.69
N THR A 382 7.93 24.65 -32.43
CA THR A 382 8.78 23.63 -31.84
C THR A 382 10.16 23.70 -32.44
N MET A 383 11.16 23.32 -31.65
CA MET A 383 12.52 23.34 -32.16
C MET A 383 12.65 22.38 -33.32
N GLU A 384 13.55 22.73 -34.24
CA GLU A 384 13.77 21.88 -35.42
C GLU A 384 14.28 20.49 -35.02
N TRP A 385 15.27 20.45 -34.13
CA TRP A 385 15.85 19.22 -33.62
C TRP A 385 16.35 19.43 -32.20
N TRP A 386 16.64 18.34 -31.50
CA TRP A 386 16.96 18.41 -30.07
C TRP A 386 18.22 19.19 -29.76
N ASN A 387 19.01 19.60 -30.74
CA ASN A 387 20.13 20.49 -30.41
C ASN A 387 19.60 21.81 -29.86
N ASP A 388 18.58 22.36 -30.51
CA ASP A 388 18.06 23.66 -30.11
C ASP A 388 16.95 23.58 -29.06
N ILE A 389 16.98 22.56 -28.19
CA ILE A 389 15.95 22.37 -27.19
C ILE A 389 15.81 23.60 -26.31
N TRP A 390 16.88 24.37 -26.15
CA TRP A 390 16.73 25.60 -25.39
C TRP A 390 15.69 26.54 -26.02
N LEU A 391 15.43 26.43 -27.34
CA LEU A 391 14.38 27.28 -27.92
C LEU A 391 13.04 27.07 -27.26
N ASN A 392 12.82 25.91 -26.60
CA ASN A 392 11.64 25.69 -25.76
C ASN A 392 12.00 26.10 -24.34
N GLU A 393 12.87 25.32 -23.70
CA GLU A 393 13.03 25.46 -22.26
C GLU A 393 13.56 26.84 -21.85
N GLY A 394 14.67 27.27 -22.45
CA GLY A 394 15.16 28.63 -22.19
C GLY A 394 14.03 29.66 -22.18
N PHE A 395 13.23 29.70 -23.25
CA PHE A 395 12.20 30.72 -23.28
C PHE A 395 11.15 30.49 -22.20
N ALA A 396 10.84 29.23 -21.91
CA ALA A 396 9.83 28.96 -20.91
C ALA A 396 10.30 29.39 -19.53
N LYS A 397 11.50 28.95 -19.12
CA LYS A 397 12.05 29.40 -17.85
C LYS A 397 12.01 30.91 -17.73
N TYR A 398 12.14 31.63 -18.85
CA TYR A 398 12.21 33.08 -18.77
C TYR A 398 10.84 33.71 -18.67
N MET A 399 9.88 33.18 -19.41
CA MET A 399 8.53 33.71 -19.34
C MET A 399 7.97 33.57 -17.95
N GLU A 400 8.36 32.51 -17.23
CA GLU A 400 8.07 32.39 -15.81
C GLU A 400 8.17 33.77 -15.17
N LEU A 401 9.35 34.36 -15.35
CA LEU A 401 9.68 35.61 -14.69
C LEU A 401 8.75 36.72 -15.12
N ILE A 402 8.63 36.96 -16.43
CA ILE A 402 7.79 38.07 -16.85
C ILE A 402 6.34 37.84 -16.45
N ALA A 403 5.87 36.60 -16.60
CA ALA A 403 4.46 36.35 -16.36
C ALA A 403 4.14 36.34 -14.88
N VAL A 404 5.00 35.76 -14.04
CA VAL A 404 4.67 35.80 -12.61
C VAL A 404 4.75 37.23 -12.12
N ASN A 405 5.83 37.93 -12.49
CA ASN A 405 5.96 39.32 -12.11
C ASN A 405 4.77 40.15 -12.56
N ALA A 406 4.27 39.89 -13.76
CA ALA A 406 3.13 40.63 -14.27
C ALA A 406 1.85 40.33 -13.49
N THR A 407 1.63 39.07 -13.14
CA THR A 407 0.34 38.67 -12.64
C THR A 407 0.32 38.49 -11.14
N TYR A 408 1.46 38.23 -10.54
CA TYR A 408 1.55 38.10 -9.08
C TYR A 408 2.75 38.91 -8.62
N PRO A 409 2.68 40.24 -8.76
CA PRO A 409 3.68 41.09 -8.13
C PRO A 409 3.89 40.75 -6.67
N GLU A 410 2.81 40.37 -5.96
CA GLU A 410 2.92 40.04 -4.54
C GLU A 410 3.81 38.83 -4.31
N LEU A 411 3.97 37.97 -5.31
CA LEU A 411 4.82 36.80 -5.18
C LEU A 411 6.29 37.11 -5.27
N GLN A 412 6.66 38.37 -5.52
CA GLN A 412 8.02 38.83 -5.37
C GLN A 412 8.99 38.01 -6.22
N PHE A 413 8.58 37.53 -7.39
CA PHE A 413 9.47 36.59 -8.05
C PHE A 413 10.66 37.26 -8.74
N ASP A 414 10.64 38.60 -8.92
CA ASP A 414 11.75 39.30 -9.57
C ASP A 414 13.02 39.31 -8.70
N ASP A 415 12.86 39.26 -7.38
CA ASP A 415 14.03 39.19 -6.49
C ASP A 415 14.61 37.79 -6.41
N TYR A 416 13.99 36.79 -7.03
CA TYR A 416 14.47 35.44 -6.93
C TYR A 416 15.09 34.95 -8.23
N PHE A 417 15.07 35.76 -9.28
CA PHE A 417 15.53 35.29 -10.58
C PHE A 417 17.05 35.24 -10.71
N LEU A 418 17.81 35.97 -9.88
CA LEU A 418 19.25 35.90 -9.96
C LEU A 418 19.79 34.55 -9.48
N ASN A 419 19.00 33.83 -8.68
CA ASN A 419 19.41 32.50 -8.28
C ASN A 419 19.49 31.57 -9.48
N VAL A 420 18.55 31.72 -10.41
CA VAL A 420 18.56 30.88 -11.61
C VAL A 420 19.88 31.05 -12.35
N CYS A 421 20.35 32.30 -12.51
CA CYS A 421 21.61 32.51 -13.20
C CYS A 421 22.79 32.08 -12.34
N PHE A 422 22.77 32.47 -11.06
CA PHE A 422 23.88 32.12 -10.19
C PHE A 422 24.12 30.62 -10.16
N GLU A 423 23.04 29.83 -10.04
CA GLU A 423 23.23 28.39 -10.01
C GLU A 423 23.90 27.90 -11.27
N VAL A 424 23.31 28.22 -12.44
CA VAL A 424 23.90 27.78 -13.68
C VAL A 424 25.32 28.29 -13.84
N ILE A 425 25.69 29.35 -13.12
CA ILE A 425 27.03 29.90 -13.32
C ILE A 425 28.08 28.98 -12.73
N THR A 426 27.79 28.42 -11.55
CA THR A 426 28.79 27.54 -10.96
C THR A 426 29.02 26.29 -11.78
N LYS A 427 28.14 25.95 -12.73
CA LYS A 427 28.49 24.88 -13.66
C LYS A 427 29.19 25.38 -14.90
N ASP A 428 28.94 26.62 -15.30
CA ASP A 428 29.72 27.21 -16.38
C ASP A 428 31.08 27.70 -15.91
N SER A 429 31.36 27.61 -14.62
CA SER A 429 32.70 27.88 -14.14
C SER A 429 33.64 26.68 -14.29
N LEU A 430 33.18 25.59 -14.88
CA LEU A 430 34.04 24.43 -15.06
C LEU A 430 34.27 24.22 -16.55
N ASN A 431 35.32 23.47 -16.88
CA ASN A 431 35.62 23.19 -18.28
C ASN A 431 34.62 22.21 -18.89
N SER A 432 34.19 21.23 -18.10
CA SER A 432 33.29 20.19 -18.58
C SER A 432 31.97 20.73 -19.09
N SER A 433 31.67 22.00 -18.89
CA SER A 433 30.39 22.51 -19.35
C SER A 433 30.32 22.50 -20.87
N ARG A 434 29.09 22.43 -21.40
CA ARG A 434 28.79 22.46 -22.84
C ARG A 434 28.36 23.86 -23.27
N PRO A 435 28.03 24.10 -24.55
CA PRO A 435 27.34 25.35 -24.88
C PRO A 435 25.83 25.12 -24.93
N ILE A 436 25.05 26.18 -25.10
CA ILE A 436 23.60 26.08 -25.08
C ILE A 436 23.10 25.21 -26.22
N SER A 437 23.64 25.38 -27.41
CA SER A 437 23.29 24.56 -28.56
C SER A 437 24.44 23.62 -28.81
N LYS A 438 24.19 22.32 -28.70
CA LYS A 438 25.21 21.31 -28.93
C LYS A 438 24.55 20.16 -29.68
N PRO A 439 25.24 19.57 -30.65
CA PRO A 439 24.71 18.38 -31.32
C PRO A 439 24.37 17.25 -30.35
N ALA A 440 23.36 16.45 -30.68
CA ALA A 440 22.97 15.29 -29.88
C ALA A 440 22.20 14.32 -30.77
N GLU A 441 22.43 13.01 -30.62
CA GLU A 441 21.85 12.08 -31.57
C GLU A 441 21.14 10.87 -30.96
N THR A 442 21.80 10.13 -30.06
CA THR A 442 21.18 9.01 -29.35
C THR A 442 20.15 9.52 -28.35
N PRO A 443 19.15 8.70 -28.01
CA PRO A 443 18.22 9.06 -26.94
C PRO A 443 18.91 9.65 -25.72
N THR A 444 19.97 8.98 -25.27
CA THR A 444 20.56 9.36 -23.99
C THR A 444 21.19 10.75 -24.06
N GLN A 445 21.84 11.07 -25.18
CA GLN A 445 22.32 12.44 -25.33
C GLN A 445 21.18 13.45 -25.27
N ILE A 446 20.10 13.17 -25.99
CA ILE A 446 18.95 14.06 -25.97
C ILE A 446 18.48 14.30 -24.53
N GLN A 447 18.38 13.24 -23.73
CA GLN A 447 17.89 13.47 -22.38
C GLN A 447 18.86 14.36 -21.61
N GLU A 448 20.16 14.11 -21.77
CA GLU A 448 21.15 14.94 -21.09
C GLU A 448 20.93 16.40 -21.42
N MET A 449 20.38 16.69 -22.62
CA MET A 449 20.22 18.06 -23.07
C MET A 449 19.30 18.88 -22.18
N PHE A 450 18.51 18.24 -21.33
CA PHE A 450 17.67 18.97 -20.39
C PHE A 450 18.47 19.14 -19.11
N ASP A 451 19.14 20.28 -18.97
CA ASP A 451 19.95 20.50 -17.78
C ASP A 451 19.96 21.98 -17.46
N GLU A 452 20.64 22.33 -16.37
CA GLU A 452 20.74 23.73 -15.94
C GLU A 452 21.12 24.64 -17.10
N VAL A 453 21.90 24.14 -18.05
CA VAL A 453 22.36 24.96 -19.15
C VAL A 453 21.20 25.29 -20.08
N SER A 454 20.55 24.25 -20.62
CA SER A 454 19.47 24.49 -21.58
C SER A 454 18.40 25.38 -21.00
N TYR A 455 18.15 25.27 -19.70
CA TYR A 455 17.08 26.01 -19.04
C TYR A 455 17.52 27.40 -18.63
N ASN A 456 18.58 27.52 -17.81
CA ASN A 456 18.91 28.79 -17.17
C ASN A 456 19.81 29.67 -18.03
N LYS A 457 20.97 29.16 -18.45
CA LYS A 457 21.81 29.97 -19.32
C LYS A 457 20.94 30.55 -20.43
N GLY A 458 20.14 29.70 -21.06
CA GLY A 458 19.18 30.19 -22.04
C GLY A 458 18.26 31.26 -21.48
N ALA A 459 17.74 31.05 -20.27
CA ALA A 459 16.84 32.06 -19.72
C ALA A 459 17.61 33.29 -19.26
N CYS A 460 18.86 33.14 -18.82
CA CYS A 460 19.57 34.33 -18.35
C CYS A 460 20.00 35.20 -19.51
N ILE A 461 20.58 34.61 -20.56
CA ILE A 461 20.97 35.44 -21.71
C ILE A 461 19.74 36.07 -22.34
N LEU A 462 18.59 35.40 -22.29
CA LEU A 462 17.38 36.10 -22.73
C LEU A 462 17.23 37.39 -21.92
N ASN A 463 17.00 37.27 -20.60
CA ASN A 463 16.87 38.45 -19.77
C ASN A 463 18.02 39.41 -19.94
N MET A 464 19.21 38.91 -20.30
CA MET A 464 20.29 39.83 -20.61
C MET A 464 20.00 40.59 -21.91
N LEU A 465 19.45 39.89 -22.89
CA LEU A 465 19.10 40.55 -24.15
C LEU A 465 18.06 41.63 -23.91
N LYS A 466 17.01 41.30 -23.14
CA LYS A 466 15.92 42.26 -22.92
C LYS A 466 16.46 43.58 -22.39
N ASP A 467 17.34 43.55 -21.37
CA ASP A 467 17.88 44.79 -20.81
C ASP A 467 18.57 45.58 -21.89
N PHE A 468 19.20 44.89 -22.84
CA PHE A 468 19.88 45.58 -23.94
C PHE A 468 18.90 46.25 -24.89
N LEU A 469 17.90 45.49 -25.39
CA LEU A 469 16.97 46.00 -26.40
C LEU A 469 15.79 46.77 -25.79
N GLY A 470 15.38 46.41 -24.58
CA GLY A 470 14.27 47.09 -23.93
C GLY A 470 13.00 46.28 -24.09
N GLU A 471 12.15 46.29 -23.06
CA GLU A 471 10.97 45.44 -23.04
C GLU A 471 10.17 45.54 -24.34
N GLU A 472 9.86 46.75 -24.77
CA GLU A 472 9.13 46.91 -26.02
C GLU A 472 9.81 46.18 -27.15
N LYS A 473 10.98 46.65 -27.60
CA LYS A 473 11.62 46.05 -28.76
C LYS A 473 11.84 44.56 -28.60
N PHE A 474 11.84 44.07 -27.37
CA PHE A 474 11.98 42.64 -27.09
C PHE A 474 10.65 41.90 -27.32
N GLN A 475 9.54 42.47 -26.83
CA GLN A 475 8.23 41.88 -27.04
C GLN A 475 7.89 41.82 -28.53
N LYS A 476 8.12 42.92 -29.26
CA LYS A 476 7.77 42.97 -30.67
C LYS A 476 8.60 42.01 -31.52
N GLY A 477 9.81 41.67 -31.08
CA GLY A 477 10.57 40.62 -31.76
C GLY A 477 10.07 39.23 -31.41
N ILE A 478 9.54 39.05 -30.20
CA ILE A 478 9.01 37.75 -29.82
C ILE A 478 7.76 37.44 -30.63
N ILE A 479 6.84 38.40 -30.70
CA ILE A 479 5.62 38.20 -31.49
C ILE A 479 5.96 37.93 -32.94
N GLN A 480 6.90 38.71 -33.52
CA GLN A 480 7.28 38.50 -34.92
C GLN A 480 7.91 37.14 -35.17
N TYR A 481 8.20 36.37 -34.12
CA TYR A 481 8.78 35.03 -34.21
C TYR A 481 7.74 33.92 -34.01
N LEU A 482 6.98 33.98 -32.90
CA LEU A 482 5.88 33.04 -32.72
C LEU A 482 4.83 33.14 -33.83
N LYS A 483 4.64 34.33 -34.38
CA LYS A 483 3.70 34.44 -35.50
C LYS A 483 4.30 33.84 -36.76
N LYS A 484 5.61 34.05 -36.98
CA LYS A 484 6.27 33.64 -38.22
C LYS A 484 6.46 32.13 -38.31
N PHE A 485 6.65 31.46 -37.18
CA PHE A 485 6.94 30.04 -37.22
C PHE A 485 5.80 29.19 -36.70
N SER A 486 4.62 29.80 -36.52
CA SER A 486 3.45 29.08 -36.03
C SER A 486 3.28 27.76 -36.78
N TYR A 487 3.04 26.69 -36.01
CA TYR A 487 2.74 25.37 -36.55
C TYR A 487 3.87 24.82 -37.44
N ARG A 488 5.10 25.28 -37.25
CA ARG A 488 6.20 24.60 -37.88
C ARG A 488 7.41 24.78 -36.96
N ASN A 489 8.62 24.57 -37.49
CA ASN A 489 9.78 24.51 -36.62
C ASN A 489 10.77 25.65 -36.90
N ALA A 490 11.72 25.79 -35.99
CA ALA A 490 12.67 26.88 -36.05
C ALA A 490 13.99 26.41 -35.46
N LYS A 491 15.09 26.75 -36.11
CA LYS A 491 16.39 26.44 -35.55
C LYS A 491 16.95 27.68 -34.88
N ASN A 492 17.99 27.45 -34.06
CA ASN A 492 18.64 28.49 -33.26
C ASN A 492 18.77 29.82 -34.00
N ASP A 493 19.33 29.77 -35.21
CA ASP A 493 19.56 31.01 -35.94
C ASP A 493 18.27 31.76 -36.18
N ASP A 494 17.20 31.06 -36.56
CA ASP A 494 15.92 31.71 -36.85
C ASP A 494 15.48 32.64 -35.72
N LEU A 495 15.74 32.22 -34.48
CA LEU A 495 15.31 33.02 -33.34
C LEU A 495 16.05 34.34 -33.27
N TRP A 496 17.38 34.32 -33.40
CA TRP A 496 18.10 35.59 -33.39
C TRP A 496 17.67 36.49 -34.53
N SER A 497 17.32 35.91 -35.68
CA SER A 497 16.95 36.70 -36.85
C SER A 497 15.72 37.56 -36.57
N SER A 498 14.66 36.94 -36.06
CA SER A 498 13.46 37.71 -35.81
C SER A 498 13.57 38.58 -34.56
N LEU A 499 14.47 38.26 -33.62
CA LEU A 499 14.71 39.14 -32.47
C LEU A 499 15.63 40.30 -32.83
N SER A 500 16.50 40.15 -33.82
CA SER A 500 17.34 41.26 -34.22
C SER A 500 16.60 42.20 -35.16
N ASN A 501 15.80 41.65 -36.06
CA ASN A 501 14.97 42.43 -36.96
C ASN A 501 13.64 42.78 -36.32
N SER A 502 13.69 43.26 -35.08
CA SER A 502 12.49 43.65 -34.34
C SER A 502 12.19 45.14 -34.56
N CYS A 503 10.92 45.43 -34.83
CA CYS A 503 10.42 46.79 -35.00
C CYS A 503 9.76 47.27 -33.71
N LEU A 504 9.74 48.58 -33.52
CA LEU A 504 9.24 49.24 -32.32
C LEU A 504 8.07 50.15 -32.69
N GLU A 505 7.14 50.33 -31.74
CA GLU A 505 5.93 51.13 -31.96
C GLU A 505 5.15 50.66 -33.19
N SER A 506 4.89 49.34 -33.27
CA SER A 506 4.29 48.70 -34.44
C SER A 506 5.23 48.76 -35.63
N ASP A 507 4.79 49.38 -36.73
CA ASP A 507 5.63 49.66 -37.88
C ASP A 507 6.16 51.09 -37.86
N PHE A 508 6.24 51.70 -36.68
CA PHE A 508 6.37 53.15 -36.53
C PHE A 508 5.28 53.82 -37.37
N THR A 509 5.66 54.71 -38.29
CA THR A 509 4.71 55.16 -39.29
C THR A 509 4.74 54.18 -40.46
N SER A 510 3.60 53.59 -40.79
CA SER A 510 3.54 52.68 -41.93
C SER A 510 4.19 53.35 -43.13
N GLY A 511 5.38 52.91 -43.49
CA GLY A 511 6.21 53.64 -44.40
C GLY A 511 7.31 54.42 -43.72
N GLY A 512 7.76 53.99 -42.55
CA GLY A 512 8.82 54.69 -41.85
C GLY A 512 10.12 53.92 -41.82
N VAL A 513 10.36 53.22 -40.71
CA VAL A 513 11.59 52.48 -40.47
C VAL A 513 11.38 50.97 -40.60
N CYS A 514 10.22 50.54 -41.06
CA CYS A 514 9.95 49.10 -41.16
C CYS A 514 9.54 48.75 -42.59
N HIS A 515 9.25 47.45 -42.78
CA HIS A 515 9.36 46.83 -44.10
C HIS A 515 8.41 47.40 -45.14
N SER A 516 7.31 48.03 -44.72
CA SER A 516 6.39 48.63 -45.69
C SER A 516 6.94 49.97 -46.14
N ASP A 517 7.25 50.09 -47.45
CA ASP A 517 7.64 51.33 -48.12
C ASP A 517 8.58 52.21 -47.28
N PRO A 518 9.78 51.73 -46.96
CA PRO A 518 10.63 52.43 -45.98
C PRO A 518 11.30 53.67 -46.55
N LYS A 519 11.84 54.48 -45.65
CA LYS A 519 12.48 55.74 -46.00
C LYS A 519 13.97 55.65 -45.68
N MET A 520 14.81 55.80 -46.72
CA MET A 520 16.27 55.87 -46.58
C MET A 520 16.70 56.98 -45.65
N THR A 521 17.11 56.63 -44.44
CA THR A 521 17.63 57.62 -43.51
C THR A 521 18.83 57.07 -42.78
N SER A 522 19.71 57.98 -42.34
CA SER A 522 20.89 57.60 -41.56
C SER A 522 20.53 56.89 -40.27
N ASN A 523 19.25 56.88 -39.88
CA ASN A 523 18.79 55.97 -38.84
C ASN A 523 18.67 54.54 -39.35
N MET A 524 18.10 54.36 -40.56
CA MET A 524 17.91 52.98 -41.04
C MET A 524 19.24 52.27 -41.30
N LEU A 525 20.29 53.00 -41.72
CA LEU A 525 21.60 52.38 -41.93
C LEU A 525 22.24 51.94 -40.60
N ALA A 526 21.91 52.60 -39.49
CA ALA A 526 22.33 52.12 -38.18
C ALA A 526 21.34 51.14 -37.58
N PHE A 527 20.09 51.16 -38.02
CA PHE A 527 19.14 50.14 -37.59
C PHE A 527 19.47 48.80 -38.20
N LEU A 528 19.74 48.79 -39.51
CA LEU A 528 20.22 47.56 -40.17
C LEU A 528 21.62 47.20 -39.68
N GLY A 529 22.42 48.21 -39.31
CA GLY A 529 23.73 47.94 -38.72
C GLY A 529 23.62 47.45 -37.29
N GLU A 530 22.72 48.06 -36.50
CA GLU A 530 22.49 47.59 -35.14
C GLU A 530 21.74 46.27 -35.13
N ASN A 531 20.95 45.99 -36.17
CA ASN A 531 20.29 44.69 -36.26
C ASN A 531 21.30 43.57 -36.44
N ALA A 532 22.23 43.72 -37.38
CA ALA A 532 23.24 42.69 -37.56
C ALA A 532 24.24 42.67 -36.42
N GLU A 533 24.41 43.80 -35.71
CA GLU A 533 25.27 43.80 -34.53
C GLU A 533 24.78 42.80 -33.50
N VAL A 534 23.49 42.83 -33.16
CA VAL A 534 23.00 41.96 -32.10
C VAL A 534 22.94 40.51 -32.54
N LYS A 535 22.65 40.23 -33.83
CA LYS A 535 22.62 38.84 -34.25
C LYS A 535 23.99 38.20 -34.15
N GLU A 536 25.04 39.00 -34.35
CA GLU A 536 26.39 38.52 -34.11
C GLU A 536 26.62 38.23 -32.64
N MET A 537 26.29 39.20 -31.77
CA MET A 537 26.66 39.13 -30.37
C MET A 537 26.04 37.91 -29.69
N MET A 538 24.78 37.62 -30.00
CA MET A 538 24.12 36.49 -29.37
C MET A 538 24.75 35.18 -29.81
N THR A 539 24.96 35.02 -31.12
CA THR A 539 25.50 33.75 -31.59
C THR A 539 26.81 33.41 -30.87
N THR A 540 27.53 34.43 -30.41
CA THR A 540 28.69 34.24 -29.55
C THR A 540 28.30 33.64 -28.19
N TRP A 541 27.15 34.04 -27.64
CA TRP A 541 26.73 33.50 -26.36
C TRP A 541 26.24 32.08 -26.48
N THR A 542 25.69 31.72 -27.63
CA THR A 542 24.99 30.45 -27.74
C THR A 542 25.88 29.28 -28.09
N LEU A 543 27.06 29.51 -28.69
CA LEU A 543 27.93 28.42 -29.11
C LEU A 543 29.27 28.36 -28.40
N GLN A 544 29.61 29.35 -27.57
CA GLN A 544 30.76 29.30 -26.68
C GLN A 544 30.33 28.83 -25.29
N LYS A 545 30.87 27.71 -24.87
CA LYS A 545 30.69 27.26 -23.51
C LYS A 545 31.28 28.28 -22.53
N GLY A 546 30.74 28.28 -21.34
CA GLY A 546 31.32 29.06 -20.27
C GLY A 546 30.86 30.48 -20.30
N ILE A 547 31.41 31.25 -19.36
CA ILE A 547 30.94 32.60 -19.09
C ILE A 547 32.12 33.54 -18.90
N PRO A 548 32.14 34.70 -19.55
CA PRO A 548 33.31 35.58 -19.42
C PRO A 548 33.38 36.29 -18.08
N LEU A 549 34.62 36.54 -17.66
CA LEU A 549 34.93 37.38 -16.51
C LEU A 549 35.60 38.65 -17.04
N LEU A 550 35.07 39.80 -16.64
CA LEU A 550 35.60 41.09 -17.06
C LEU A 550 36.43 41.69 -15.93
N VAL A 551 37.68 42.04 -16.23
CA VAL A 551 38.60 42.63 -15.26
C VAL A 551 38.64 44.14 -15.44
N VAL A 552 38.44 44.88 -14.33
CA VAL A 552 38.35 46.33 -14.35
C VAL A 552 39.47 46.90 -13.49
N LYS A 553 40.30 47.77 -14.08
CA LYS A 553 41.37 48.48 -13.38
C LYS A 553 41.14 49.98 -13.54
N GLN A 554 41.07 50.69 -12.41
CA GLN A 554 40.81 52.14 -12.40
C GLN A 554 42.14 52.87 -12.24
N ASP A 555 42.60 53.52 -13.31
CA ASP A 555 43.85 54.27 -13.27
C ASP A 555 43.61 55.74 -13.59
N GLY A 556 42.80 56.42 -12.78
CA GLY A 556 42.52 57.83 -12.94
C GLY A 556 42.03 58.21 -14.31
N CYS A 557 40.70 58.28 -14.48
CA CYS A 557 40.02 58.61 -15.73
C CYS A 557 40.29 57.59 -16.84
N SER A 558 40.97 56.49 -16.53
CA SER A 558 41.31 55.46 -17.49
C SER A 558 40.95 54.11 -16.88
N LEU A 559 40.05 53.37 -17.56
CA LEU A 559 39.63 52.04 -17.16
C LEU A 559 40.12 51.05 -18.22
N ARG A 560 41.05 50.17 -17.83
CA ARG A 560 41.53 49.12 -18.73
C ARG A 560 40.62 47.91 -18.55
N LEU A 561 39.91 47.57 -19.62
CA LEU A 561 38.96 46.47 -19.62
C LEU A 561 39.61 45.23 -20.20
N GLN A 562 39.53 44.13 -19.46
CA GLN A 562 39.98 42.85 -20.00
C GLN A 562 38.91 41.78 -19.80
N GLN A 563 38.81 40.86 -20.77
CA GLN A 563 37.93 39.73 -20.70
C GLN A 563 38.72 38.43 -20.83
N GLU A 564 38.16 37.36 -20.25
CA GLU A 564 38.80 36.05 -20.15
C GLU A 564 37.78 35.07 -19.61
N ARG A 565 37.79 33.84 -20.12
CA ARG A 565 36.81 32.84 -19.67
C ARG A 565 37.03 32.56 -18.19
N PHE A 566 35.93 32.62 -17.44
CA PHE A 566 35.99 32.41 -16.00
C PHE A 566 36.08 30.92 -15.69
N LEU A 567 36.96 30.57 -14.76
CA LEU A 567 37.27 29.18 -14.48
C LEU A 567 37.37 28.93 -12.98
N GLN A 568 36.84 27.80 -12.54
CA GLN A 568 36.70 27.45 -11.14
C GLN A 568 37.57 26.25 -10.83
N GLY A 569 38.29 26.34 -9.71
CA GLY A 569 39.27 25.31 -9.40
C GLY A 569 40.37 25.24 -10.43
N VAL A 570 40.80 26.41 -10.93
CA VAL A 570 41.98 26.61 -11.76
C VAL A 570 42.42 28.07 -11.61
N PHE A 571 43.68 28.28 -11.21
CA PHE A 571 44.19 29.62 -10.94
C PHE A 571 44.67 30.27 -12.24
N GLN A 572 45.15 31.52 -12.17
CA GLN A 572 45.62 32.21 -13.37
C GLN A 572 47.05 31.83 -13.73
N GLU A 573 47.92 31.74 -12.72
CA GLU A 573 49.29 31.27 -12.90
C GLU A 573 49.25 29.75 -12.83
N ASP A 574 49.03 29.12 -13.98
CA ASP A 574 48.90 27.67 -14.05
C ASP A 574 49.13 27.24 -15.49
N PRO A 575 49.57 26.00 -15.70
CA PRO A 575 49.71 25.53 -17.09
C PRO A 575 48.39 25.23 -17.71
N GLU A 576 47.39 24.99 -16.87
CA GLU A 576 46.08 24.59 -17.32
C GLU A 576 45.22 25.78 -17.73
N TRP A 577 45.63 27.01 -17.42
CA TRP A 577 44.71 28.14 -17.57
C TRP A 577 44.83 28.86 -18.92
N ARG A 578 46.04 29.07 -19.43
CA ARG A 578 46.22 29.80 -20.67
CA ARG A 578 46.19 29.81 -20.67
C ARG A 578 45.97 28.94 -21.91
N ALA A 579 45.68 27.65 -21.73
CA ALA A 579 45.29 26.78 -22.83
C ALA A 579 43.78 26.56 -22.89
N LEU A 580 43.05 26.90 -21.83
CA LEU A 580 41.60 26.97 -21.84
C LEU A 580 41.09 28.39 -22.10
N GLN A 581 42.00 29.37 -22.23
CA GLN A 581 41.69 30.68 -22.78
C GLN A 581 41.80 30.70 -24.30
N GLU A 582 41.63 29.55 -24.93
CA GLU A 582 41.71 29.41 -26.37
C GLU A 582 40.48 30.02 -27.01
N ARG A 583 40.69 31.03 -27.84
CA ARG A 583 39.71 31.48 -28.82
C ARG A 583 38.39 31.97 -28.20
N TYR A 584 38.28 31.93 -26.87
CA TYR A 584 37.05 32.32 -26.20
C TYR A 584 37.03 33.84 -26.11
N LEU A 585 36.09 34.46 -26.84
CA LEU A 585 35.87 35.91 -26.83
C LEU A 585 34.40 36.21 -27.10
N TRP A 586 33.80 37.04 -26.26
CA TRP A 586 32.37 37.32 -26.31
C TRP A 586 32.12 38.77 -26.67
N HIS A 587 30.92 39.04 -27.16
CA HIS A 587 30.45 40.42 -27.25
C HIS A 587 29.61 40.67 -26.02
N ILE A 588 30.25 41.22 -24.99
CA ILE A 588 29.63 41.41 -23.67
C ILE A 588 29.07 42.82 -23.63
N PRO A 589 27.74 43.01 -23.61
CA PRO A 589 27.21 44.37 -23.46
C PRO A 589 27.36 44.92 -22.05
N LEU A 590 28.30 45.83 -21.86
CA LEU A 590 28.60 46.24 -20.50
C LEU A 590 27.58 47.23 -19.97
N THR A 591 27.60 47.41 -18.66
CA THR A 591 26.84 48.46 -18.00
C THR A 591 27.60 48.90 -16.76
N TYR A 592 27.59 50.20 -16.48
CA TYR A 592 28.26 50.67 -15.26
C TYR A 592 27.65 51.96 -14.75
N SER A 593 27.69 52.11 -13.44
CA SER A 593 27.32 53.33 -12.77
C SER A 593 28.51 53.72 -11.91
N THR A 594 28.80 55.01 -11.81
CA THR A 594 29.88 55.44 -10.93
C THR A 594 29.32 55.92 -9.60
N SER A 595 30.24 56.30 -8.72
CA SER A 595 29.86 56.70 -7.37
C SER A 595 29.22 58.08 -7.33
N SER A 596 29.57 58.94 -8.29
CA SER A 596 28.93 60.25 -8.37
C SER A 596 27.49 60.10 -8.85
N SER A 597 27.31 59.95 -10.16
CA SER A 597 25.98 59.99 -10.75
C SER A 597 25.38 58.60 -10.84
N ASN A 598 24.05 58.54 -10.72
CA ASN A 598 23.32 57.30 -10.92
CA ASN A 598 23.33 57.30 -10.92
C ASN A 598 23.12 56.96 -12.39
N VAL A 599 23.70 57.76 -13.30
CA VAL A 599 23.61 57.46 -14.72
C VAL A 599 24.03 56.02 -15.00
N ILE A 600 23.37 55.41 -15.96
CA ILE A 600 23.76 54.08 -16.41
C ILE A 600 24.33 54.26 -17.81
N HIS A 601 25.66 54.20 -17.91
CA HIS A 601 26.35 54.12 -19.18
C HIS A 601 26.33 52.69 -19.71
N ARG A 602 26.60 52.55 -21.01
CA ARG A 602 26.35 51.27 -21.69
C ARG A 602 27.32 51.12 -22.84
N HIS A 603 28.27 50.19 -22.75
CA HIS A 603 29.25 49.98 -23.80
C HIS A 603 29.28 48.50 -24.20
N ILE A 604 29.53 48.24 -25.49
CA ILE A 604 29.53 46.88 -26.01
C ILE A 604 30.96 46.45 -26.33
N LEU A 605 31.61 45.78 -25.40
CA LEU A 605 32.99 45.34 -25.61
C LEU A 605 33.00 44.13 -26.54
N LYS A 606 33.67 44.26 -27.69
CA LYS A 606 33.74 43.20 -28.69
C LYS A 606 35.17 42.74 -28.92
N SER A 607 36.09 43.16 -28.07
CA SER A 607 37.51 42.92 -28.24
C SER A 607 38.04 42.25 -26.98
N LYS A 608 39.30 41.82 -27.03
CA LYS A 608 39.90 41.21 -25.84
C LYS A 608 40.45 42.26 -24.86
N THR A 609 40.70 43.49 -25.33
CA THR A 609 41.05 44.61 -24.45
C THR A 609 40.37 45.86 -25.00
N ASP A 610 40.10 46.79 -24.11
CA ASP A 610 39.44 48.02 -24.49
C ASP A 610 39.53 48.99 -23.32
N THR A 611 39.46 50.28 -23.61
CA THR A 611 39.68 51.30 -22.59
C THR A 611 38.68 52.41 -22.79
N LEU A 612 37.79 52.62 -21.81
CA LEU A 612 36.94 53.79 -21.76
C LEU A 612 37.52 54.82 -20.79
N ASP A 613 37.05 56.06 -20.90
CA ASP A 613 37.60 57.18 -20.14
C ASP A 613 36.57 57.71 -19.14
N LEU A 614 36.90 57.63 -17.85
CA LEU A 614 36.01 58.14 -16.81
C LEU A 614 36.14 59.65 -16.69
N PRO A 615 35.03 60.40 -16.73
CA PRO A 615 35.13 61.87 -16.72
C PRO A 615 35.21 62.48 -15.33
N GLU A 616 34.31 62.07 -14.43
CA GLU A 616 34.32 62.61 -13.08
C GLU A 616 35.40 61.97 -12.21
N LYS A 617 35.77 60.72 -12.50
CA LYS A 617 36.86 60.01 -11.83
C LYS A 617 36.66 59.98 -10.31
N THR A 618 35.61 59.29 -9.89
CA THR A 618 35.17 59.36 -8.51
C THR A 618 35.56 58.08 -7.75
N SER A 619 34.85 57.83 -6.65
CA SER A 619 35.34 56.90 -5.64
C SER A 619 35.33 55.46 -6.15
N TRP A 620 34.19 55.00 -6.65
CA TRP A 620 34.12 53.64 -7.14
C TRP A 620 33.25 53.59 -8.38
N VAL A 621 33.29 52.45 -9.05
CA VAL A 621 32.54 52.25 -10.28
C VAL A 621 32.06 50.82 -10.29
N LYS A 622 30.73 50.61 -10.35
CA LYS A 622 30.13 49.27 -10.27
C LYS A 622 29.69 48.80 -11.66
N PHE A 623 30.39 47.82 -12.20
CA PHE A 623 30.09 47.27 -13.50
C PHE A 623 29.00 46.21 -13.42
N ASN A 624 28.29 46.03 -14.54
CA ASN A 624 27.12 45.15 -14.65
C ASN A 624 26.06 45.56 -13.63
N VAL A 625 25.42 46.71 -13.89
CA VAL A 625 24.52 47.26 -12.89
C VAL A 625 23.27 46.40 -12.82
N ASP A 626 22.81 46.15 -11.60
CA ASP A 626 21.67 45.26 -11.32
C ASP A 626 21.98 43.82 -11.68
N SER A 627 23.17 43.56 -12.22
CA SER A 627 23.70 42.24 -12.51
C SER A 627 23.09 41.62 -13.74
N ASN A 628 22.43 42.40 -14.59
CA ASN A 628 21.59 41.81 -15.62
C ASN A 628 22.39 41.12 -16.70
N GLY A 629 23.71 41.24 -16.70
CA GLY A 629 24.55 40.69 -17.75
C GLY A 629 25.29 39.44 -17.30
N TYR A 630 25.33 38.47 -18.22
CA TYR A 630 25.91 37.14 -17.95
C TYR A 630 27.44 37.23 -17.91
N TYR A 631 27.98 37.73 -16.80
CA TYR A 631 29.42 37.89 -16.70
C TYR A 631 29.79 38.33 -15.29
N ILE A 632 30.99 37.95 -14.86
CA ILE A 632 31.52 38.32 -13.55
C ILE A 632 32.50 39.48 -13.72
N VAL A 633 32.41 40.47 -12.83
CA VAL A 633 33.33 41.61 -12.84
C VAL A 633 34.19 41.53 -11.60
N HIS A 634 35.51 41.65 -11.79
CA HIS A 634 36.51 41.70 -10.73
C HIS A 634 37.30 42.99 -10.87
N TYR A 635 37.48 43.70 -9.75
CA TYR A 635 38.12 45.01 -9.75
C TYR A 635 39.57 44.83 -9.27
N GLU A 636 40.53 45.25 -10.09
CA GLU A 636 41.92 45.33 -9.66
C GLU A 636 42.18 46.64 -8.93
N GLY A 637 43.37 46.76 -8.35
CA GLY A 637 43.71 47.92 -7.54
C GLY A 637 42.99 48.02 -6.21
N HIS A 638 42.54 49.21 -5.84
CA HIS A 638 41.74 49.34 -4.63
C HIS A 638 40.24 49.25 -4.91
N GLY A 639 39.85 48.91 -6.13
CA GLY A 639 38.46 48.78 -6.49
C GLY A 639 37.65 47.93 -5.52
N TRP A 640 38.07 46.67 -5.33
CA TRP A 640 37.38 45.79 -4.38
C TRP A 640 37.40 46.40 -2.98
N ASP A 641 38.39 47.24 -2.70
CA ASP A 641 38.45 47.84 -1.38
C ASP A 641 37.52 49.05 -1.27
N GLN A 642 37.39 49.84 -2.34
CA GLN A 642 36.49 50.99 -2.30
C GLN A 642 35.04 50.54 -2.11
N LEU A 643 34.61 49.53 -2.87
CA LEU A 643 33.22 49.09 -2.81
C LEU A 643 32.87 48.56 -1.42
N ILE A 644 33.77 47.79 -0.81
CA ILE A 644 33.45 47.19 0.49
C ILE A 644 33.29 48.26 1.57
N THR A 645 34.17 49.27 1.58
CA THR A 645 33.98 50.34 2.54
C THR A 645 32.64 51.03 2.32
N GLN A 646 32.26 51.23 1.06
CA GLN A 646 30.97 51.84 0.76
C GLN A 646 29.83 51.03 1.37
N LEU A 647 29.97 49.70 1.41
CA LEU A 647 28.96 48.84 2.00
C LEU A 647 28.90 48.97 3.52
N ASN A 648 30.03 49.23 4.18
CA ASN A 648 30.00 49.29 5.63
C ASN A 648 29.64 50.67 6.13
N GLN A 649 29.77 51.70 5.29
CA GLN A 649 29.40 53.06 5.64
C GLN A 649 27.91 53.30 5.41
N ASN A 650 27.48 53.47 4.16
CA ASN A 650 26.04 53.55 3.93
C ASN A 650 25.55 52.18 3.52
N HIS A 651 25.89 51.78 2.29
CA HIS A 651 25.53 50.54 1.59
C HIS A 651 24.27 50.75 0.77
N THR A 652 23.48 51.75 1.16
CA THR A 652 22.37 52.19 0.35
C THR A 652 22.81 53.05 -0.85
N LEU A 653 24.09 53.32 -1.01
CA LEU A 653 24.52 54.04 -2.21
C LEU A 653 24.66 53.12 -3.42
N LEU A 654 24.51 51.80 -3.24
CA LEU A 654 24.45 50.83 -4.32
C LEU A 654 23.08 50.16 -4.33
N ARG A 655 22.45 50.09 -5.50
CA ARG A 655 21.11 49.56 -5.59
C ARG A 655 21.08 48.08 -5.16
N PRO A 656 19.92 47.59 -4.69
CA PRO A 656 19.90 46.28 -4.03
C PRO A 656 20.30 45.12 -4.91
N LYS A 657 20.06 45.18 -6.23
CA LYS A 657 20.55 44.10 -7.07
C LYS A 657 22.07 44.12 -7.17
N ASP A 658 22.65 45.32 -7.32
CA ASP A 658 24.11 45.51 -7.30
C ASP A 658 24.74 44.79 -6.11
N ARG A 659 24.10 44.85 -4.96
CA ARG A 659 24.65 44.22 -3.76
C ARG A 659 24.74 42.72 -3.94
N VAL A 660 23.61 42.06 -4.28
CA VAL A 660 23.66 40.60 -4.34
C VAL A 660 24.60 40.15 -5.43
N GLY A 661 24.70 40.91 -6.53
CA GLY A 661 25.74 40.65 -7.51
C GLY A 661 27.13 40.70 -6.90
N LEU A 662 27.41 41.75 -6.13
CA LEU A 662 28.71 41.88 -5.46
C LEU A 662 28.97 40.70 -4.54
N ILE A 663 28.09 40.48 -3.56
CA ILE A 663 28.19 39.31 -2.69
C ILE A 663 28.49 38.06 -3.49
N HIS A 664 27.75 37.83 -4.58
CA HIS A 664 27.99 36.63 -5.40
C HIS A 664 29.34 36.69 -6.08
N ASP A 665 29.55 37.77 -6.86
CA ASP A 665 30.82 37.98 -7.54
C ASP A 665 32.00 37.76 -6.60
N VAL A 666 31.90 38.26 -5.36
CA VAL A 666 33.04 38.27 -4.44
C VAL A 666 33.49 36.86 -4.11
N PHE A 667 32.54 36.03 -3.64
CA PHE A 667 32.85 34.70 -3.18
C PHE A 667 33.26 33.81 -4.34
N GLN A 668 32.56 33.93 -5.47
CA GLN A 668 32.96 33.21 -6.69
C GLN A 668 34.40 33.52 -7.08
N LEU A 669 34.90 34.69 -6.70
CA LEU A 669 36.26 35.01 -7.10
C LEU A 669 37.29 34.42 -6.13
N VAL A 670 36.94 34.14 -4.87
CA VAL A 670 37.89 33.36 -4.08
C VAL A 670 37.90 31.90 -4.55
N GLY A 671 36.81 31.43 -5.16
CA GLY A 671 36.88 30.15 -5.85
C GLY A 671 37.86 30.16 -7.01
N ALA A 672 38.21 31.34 -7.52
CA ALA A 672 39.09 31.52 -8.66
C ALA A 672 40.52 31.83 -8.27
N GLY A 673 40.80 31.90 -6.97
CA GLY A 673 42.10 32.34 -6.48
C GLY A 673 42.36 33.83 -6.59
N ARG A 674 41.50 34.57 -7.30
CA ARG A 674 41.73 35.98 -7.57
C ARG A 674 41.44 36.88 -6.37
N LEU A 675 40.99 36.32 -5.25
CA LEU A 675 40.78 37.11 -4.03
C LEU A 675 40.94 36.22 -2.79
N THR A 676 41.70 36.71 -1.80
CA THR A 676 41.88 35.93 -0.57
C THR A 676 40.60 35.93 0.25
N LEU A 677 40.39 34.84 1.01
CA LEU A 677 39.08 34.63 1.62
C LEU A 677 38.72 35.74 2.60
N ASP A 678 39.72 36.40 3.18
CA ASP A 678 39.42 37.39 4.20
C ASP A 678 38.78 38.65 3.62
N LYS A 679 38.79 38.83 2.30
CA LYS A 679 38.06 39.96 1.74
C LYS A 679 36.61 39.60 1.43
N ALA A 680 36.30 38.32 1.29
CA ALA A 680 34.90 37.93 1.12
C ALA A 680 34.18 37.90 2.46
N LEU A 681 34.82 37.39 3.50
CA LEU A 681 34.18 37.38 4.80
C LEU A 681 33.99 38.81 5.33
N ASP A 682 35.04 39.64 5.19
CA ASP A 682 34.99 41.04 5.60
C ASP A 682 33.75 41.73 5.06
N MET A 683 33.18 41.23 3.98
CA MET A 683 31.97 41.86 3.47
C MET A 683 30.75 41.56 4.33
N THR A 684 30.64 40.34 4.87
CA THR A 684 29.42 40.04 5.61
C THR A 684 29.25 40.92 6.84
N TYR A 685 30.31 41.60 7.30
CA TYR A 685 30.17 42.49 8.44
C TYR A 685 29.08 43.54 8.21
N TYR A 686 28.83 43.91 6.97
CA TYR A 686 27.80 44.91 6.75
C TYR A 686 26.40 44.30 6.77
N LEU A 687 26.30 42.96 6.63
CA LEU A 687 25.00 42.32 6.74
C LEU A 687 24.30 42.63 8.04
N GLN A 688 25.06 42.97 9.08
CA GLN A 688 24.44 43.40 10.34
C GLN A 688 23.45 44.51 10.09
N HIS A 689 23.70 45.35 9.10
CA HIS A 689 22.85 46.50 8.82
C HIS A 689 21.96 46.24 7.62
N GLU A 690 22.28 45.23 6.82
CA GLU A 690 21.56 44.94 5.58
C GLU A 690 20.06 44.79 5.83
N THR A 691 19.29 45.40 4.96
CA THR A 691 17.86 45.34 5.12
C THR A 691 17.13 44.66 3.96
N SER A 692 17.71 44.63 2.76
CA SER A 692 17.15 43.87 1.64
C SER A 692 17.33 42.37 1.89
N SER A 693 16.22 41.64 2.09
CA SER A 693 16.33 40.20 2.37
C SER A 693 17.15 39.42 1.35
N PRO A 694 16.98 39.59 0.03
CA PRO A 694 17.88 38.91 -0.92
C PRO A 694 19.36 39.02 -0.59
N ALA A 695 19.89 40.24 -0.39
CA ALA A 695 21.30 40.30 -0.04
C ALA A 695 21.57 39.57 1.27
N LEU A 696 20.68 39.73 2.25
CA LEU A 696 20.89 39.09 3.53
C LEU A 696 21.03 37.59 3.36
N LEU A 697 20.13 37.00 2.58
CA LEU A 697 20.10 35.56 2.46
C LEU A 697 21.23 35.03 1.60
N GLU A 698 21.74 35.83 0.66
CA GLU A 698 22.88 35.36 -0.09
C GLU A 698 24.14 35.34 0.79
N GLY A 699 24.42 36.48 1.43
CA GLY A 699 25.43 36.53 2.46
C GLY A 699 25.36 35.28 3.31
N LEU A 700 24.24 35.08 4.01
CA LEU A 700 24.15 33.99 4.97
C LEU A 700 24.50 32.66 4.33
N SER A 701 23.80 32.29 3.25
CA SER A 701 23.99 30.95 2.69
C SER A 701 25.47 30.63 2.50
N TYR A 702 26.21 31.58 1.91
CA TYR A 702 27.65 31.43 1.79
C TYR A 702 28.25 31.04 3.13
N LEU A 703 27.94 31.79 4.20
CA LEU A 703 28.39 31.39 5.53
C LEU A 703 27.86 30.01 5.89
N GLU A 704 26.61 29.74 5.53
CA GLU A 704 26.06 28.46 5.95
C GLU A 704 26.64 27.33 5.12
N SER A 705 27.04 27.60 3.88
CA SER A 705 27.74 26.59 3.11
C SER A 705 28.98 26.13 3.85
N PHE A 706 29.73 27.08 4.42
CA PHE A 706 31.00 26.75 5.05
C PHE A 706 30.79 25.85 6.26
N TYR A 707 29.88 26.25 7.15
CA TYR A 707 29.51 25.42 8.29
C TYR A 707 29.28 23.97 7.87
N HIS A 708 28.51 23.76 6.81
CA HIS A 708 28.27 22.40 6.40
C HIS A 708 29.48 21.79 5.75
N MET A 709 30.31 22.60 5.13
CA MET A 709 31.54 22.02 4.63
C MET A 709 32.44 21.61 5.78
N MET A 710 32.35 22.29 6.91
CA MET A 710 33.20 21.96 8.03
C MET A 710 32.76 20.67 8.71
N ASP A 711 31.45 20.51 8.90
CA ASP A 711 30.95 19.17 9.21
C ASP A 711 31.15 18.34 7.96
N ARG A 712 30.66 17.11 7.95
CA ARG A 712 30.90 16.18 6.84
C ARG A 712 32.36 15.77 6.86
N ARG A 713 33.25 16.72 7.12
CA ARG A 713 34.55 16.48 7.74
C ARG A 713 34.40 16.74 9.23
N ASN A 714 35.41 16.38 10.00
CA ASN A 714 35.28 16.51 11.45
C ASN A 714 35.79 17.87 11.93
N ILE A 715 35.84 18.88 11.07
CA ILE A 715 36.52 20.13 11.41
C ILE A 715 35.78 20.87 12.52
N SER A 716 35.87 20.35 13.73
CA SER A 716 34.95 20.73 14.79
C SER A 716 35.17 22.17 15.21
N ASP A 717 36.42 22.51 15.52
CA ASP A 717 36.78 23.84 16.00
C ASP A 717 36.31 24.95 15.06
N ILE A 718 36.45 24.77 13.75
CA ILE A 718 35.96 25.79 12.82
C ILE A 718 34.44 25.77 12.78
N SER A 719 33.86 24.59 12.52
CA SER A 719 32.41 24.48 12.52
C SER A 719 31.82 25.07 13.80
N GLU A 720 32.45 24.78 14.94
CA GLU A 720 31.97 25.33 16.21
C GLU A 720 32.13 26.83 16.30
N ASN A 721 32.98 27.45 15.47
CA ASN A 721 33.11 28.91 15.48
C ASN A 721 32.17 29.59 14.49
N LEU A 722 32.00 29.00 13.30
CA LEU A 722 30.95 29.46 12.41
C LEU A 722 29.60 29.46 13.10
N LYS A 723 29.28 28.35 13.80
CA LYS A 723 28.08 28.34 14.62
C LYS A 723 28.04 29.57 15.52
N ARG A 724 29.17 29.95 16.09
CA ARG A 724 29.12 31.08 17.00
C ARG A 724 29.03 32.41 16.26
N TYR A 725 29.80 32.58 15.18
CA TYR A 725 29.73 33.86 14.49
C TYR A 725 28.37 34.09 13.85
N LEU A 726 27.58 33.03 13.65
CA LEU A 726 26.22 33.19 13.14
C LEU A 726 25.24 33.53 14.27
N LEU A 727 25.16 32.64 15.26
CA LEU A 727 24.19 32.78 16.34
C LEU A 727 24.32 34.11 17.07
N GLN A 728 25.54 34.62 17.22
CA GLN A 728 25.76 36.00 17.58
C GLN A 728 26.14 36.77 16.32
N TYR A 729 25.79 38.05 16.27
CA TYR A 729 26.04 38.95 15.14
C TYR A 729 24.94 38.84 14.11
N PHE A 730 24.18 37.74 14.12
CA PHE A 730 22.87 37.72 13.48
C PHE A 730 21.78 37.43 14.51
N LYS A 731 22.14 37.36 15.79
CA LYS A 731 21.17 37.30 16.87
C LYS A 731 20.07 38.33 16.74
N PRO A 732 20.37 39.64 16.49
CA PRO A 732 19.30 40.64 16.47
C PRO A 732 18.14 40.28 15.54
N VAL A 733 18.48 40.07 14.27
CA VAL A 733 17.45 39.81 13.28
C VAL A 733 16.73 38.49 13.56
N ILE A 734 17.47 37.45 13.98
CA ILE A 734 16.83 36.17 14.28
C ILE A 734 15.80 36.33 15.38
N ASP A 735 16.08 37.19 16.34
CA ASP A 735 15.21 37.30 17.50
C ASP A 735 13.92 38.05 17.21
N ARG A 736 13.80 38.70 16.06
CA ARG A 736 12.59 39.39 15.68
C ARG A 736 11.57 38.49 15.00
N GLN A 737 11.88 37.21 14.81
CA GLN A 737 11.09 36.37 13.92
C GLN A 737 9.91 35.75 14.64
N SER A 738 8.71 35.97 14.08
CA SER A 738 7.49 35.37 14.63
C SER A 738 7.49 33.87 14.40
N TRP A 739 6.71 33.14 15.17
CA TRP A 739 6.58 31.72 14.86
C TRP A 739 5.22 31.50 14.23
N SER A 740 5.01 32.15 13.08
CA SER A 740 3.67 32.40 12.55
C SER A 740 3.74 32.56 11.05
N ASP A 741 2.59 32.49 10.39
CA ASP A 741 2.53 32.76 8.97
C ASP A 741 2.27 34.22 8.66
N LYS A 742 2.44 35.12 9.62
CA LYS A 742 2.09 36.54 9.43
C LYS A 742 3.22 37.24 8.69
N GLY A 743 2.86 38.18 7.80
CA GLY A 743 3.82 39.02 7.11
C GLY A 743 3.78 38.87 5.60
N SER A 744 4.74 39.51 4.94
CA SER A 744 4.83 39.51 3.49
C SER A 744 5.41 38.19 2.99
N VAL A 745 5.57 38.05 1.67
CA VAL A 745 6.15 36.82 1.15
C VAL A 745 7.64 36.75 1.47
N TRP A 746 8.38 37.85 1.27
CA TRP A 746 9.78 37.81 1.67
C TRP A 746 9.92 37.82 3.18
N ASP A 747 9.03 38.49 3.90
CA ASP A 747 9.00 38.30 5.34
C ASP A 747 8.88 36.83 5.69
N ARG A 748 7.86 36.15 5.16
CA ARG A 748 7.68 34.73 5.41
C ARG A 748 8.92 33.93 5.02
N MET A 749 9.50 34.20 3.84
CA MET A 749 10.64 33.42 3.38
C MET A 749 11.81 33.56 4.34
N LEU A 750 12.00 34.76 4.86
CA LEU A 750 13.14 35.01 5.74
C LEU A 750 12.91 34.37 7.12
N ARG A 751 11.69 34.43 7.65
CA ARG A 751 11.40 33.66 8.86
C ARG A 751 11.80 32.19 8.68
N SER A 752 11.28 31.56 7.64
CA SER A 752 11.65 30.17 7.39
C SER A 752 13.16 30.02 7.38
N ALA A 753 13.84 30.74 6.48
CA ALA A 753 15.29 30.68 6.37
C ALA A 753 15.96 30.80 7.73
N LEU A 754 15.59 31.81 8.51
CA LEU A 754 16.29 32.10 9.75
C LEU A 754 16.00 31.06 10.83
N LEU A 755 14.71 30.87 11.19
CA LEU A 755 14.37 29.87 12.19
C LEU A 755 14.93 28.50 11.85
N LYS A 756 15.04 28.17 10.56
CA LYS A 756 15.70 26.92 10.21
C LYS A 756 17.17 26.99 10.58
N LEU A 757 17.80 28.14 10.33
CA LEU A 757 19.21 28.26 10.61
C LEU A 757 19.48 28.02 12.08
N ALA A 758 18.72 28.68 12.96
CA ALA A 758 19.03 28.57 14.38
C ALA A 758 18.70 27.18 14.93
N CYS A 759 17.76 26.47 14.31
CA CYS A 759 17.44 25.14 14.83
C CYS A 759 18.39 24.09 14.28
N ASP A 760 19.07 24.36 13.18
CA ASP A 760 20.13 23.45 12.75
C ASP A 760 21.36 23.63 13.63
N LEU A 761 21.63 24.85 14.07
CA LEU A 761 22.76 25.19 14.94
C LEU A 761 22.48 24.92 16.44
N ASN A 762 21.47 24.11 16.75
CA ASN A 762 21.16 23.71 18.12
C ASN A 762 20.94 24.89 19.05
N HIS A 763 20.55 26.04 18.51
CA HIS A 763 20.27 27.19 19.38
C HIS A 763 19.20 26.85 20.40
N ALA A 764 19.55 26.94 21.67
CA ALA A 764 18.73 26.31 22.70
C ALA A 764 17.27 26.78 22.70
N PRO A 765 16.96 28.10 22.67
CA PRO A 765 15.56 28.52 22.56
C PRO A 765 14.82 27.92 21.38
N CYS A 766 15.31 28.14 20.17
CA CYS A 766 14.68 27.61 18.95
CA CYS A 766 14.60 27.65 18.99
C CYS A 766 14.23 26.17 19.16
N ILE A 767 15.21 25.32 19.42
CA ILE A 767 14.90 23.91 19.57
C ILE A 767 13.93 23.69 20.73
N GLN A 768 13.88 24.61 21.67
CA GLN A 768 12.88 24.47 22.73
C GLN A 768 11.47 24.71 22.17
N LYS A 769 11.28 25.80 21.40
CA LYS A 769 9.94 26.19 20.93
C LYS A 769 9.42 25.26 19.84
N ALA A 770 10.31 24.79 18.95
CA ALA A 770 9.92 23.84 17.93
C ALA A 770 9.51 22.50 18.53
N ALA A 771 10.22 22.07 19.58
CA ALA A 771 9.79 20.90 20.32
C ALA A 771 8.40 21.11 20.89
N GLU A 772 8.17 22.25 21.55
CA GLU A 772 6.89 22.55 22.18
C GLU A 772 5.75 22.43 21.18
N LEU A 773 5.90 23.03 20.00
CA LEU A 773 4.89 22.92 18.95
C LEU A 773 4.71 21.49 18.50
N PHE A 774 5.79 20.70 18.48
CA PHE A 774 5.69 19.35 17.96
C PHE A 774 4.91 18.46 18.91
N SER A 775 5.28 18.44 20.20
CA SER A 775 4.55 17.59 21.13
C SER A 775 3.11 18.09 21.29
N GLN A 776 2.89 19.40 21.19
CA GLN A 776 1.53 19.93 21.18
C GLN A 776 0.75 19.36 19.98
N TRP A 777 1.41 19.22 18.84
CA TRP A 777 0.74 18.68 17.67
C TRP A 777 0.41 17.20 17.86
N MET A 778 1.40 16.43 18.34
CA MET A 778 1.19 15.00 18.49
C MET A 778 0.21 14.70 19.62
N GLU A 779 0.25 15.48 20.71
CA GLU A 779 -0.74 15.30 21.76
C GLU A 779 -2.12 15.81 21.38
N SER A 780 -2.26 16.42 20.20
CA SER A 780 -3.54 16.82 19.65
C SER A 780 -4.04 15.82 18.62
N SER A 781 -3.28 14.76 18.35
CA SER A 781 -3.58 13.80 17.28
C SER A 781 -3.76 14.51 15.94
N GLY A 782 -2.98 15.58 15.73
CA GLY A 782 -3.14 16.41 14.54
C GLY A 782 -4.28 17.40 14.61
N LYS A 783 -4.76 17.74 15.80
CA LYS A 783 -5.90 18.64 15.90
C LYS A 783 -5.48 20.10 15.90
N LEU A 784 -4.38 20.43 16.59
CA LEU A 784 -3.82 21.77 16.52
C LEU A 784 -2.97 21.89 15.25
N ASN A 785 -3.01 23.05 14.61
CA ASN A 785 -2.26 23.30 13.39
C ASN A 785 -0.97 24.04 13.71
N ILE A 786 0.12 23.65 13.04
CA ILE A 786 1.44 24.28 13.10
C ILE A 786 1.55 25.26 11.95
N PRO A 787 2.03 26.48 12.14
CA PRO A 787 2.14 27.41 11.00
C PRO A 787 3.01 26.82 9.90
N THR A 788 2.56 26.98 8.66
CA THR A 788 3.25 26.32 7.56
C THR A 788 4.72 26.71 7.54
N ASP A 789 5.03 27.98 7.77
CA ASP A 789 6.42 28.41 7.59
C ASP A 789 7.39 27.81 8.59
N VAL A 790 6.92 27.31 9.74
CA VAL A 790 7.79 26.54 10.63
C VAL A 790 7.41 25.06 10.63
N LEU A 791 6.52 24.66 9.74
CA LEU A 791 6.07 23.28 9.68
C LEU A 791 7.25 22.34 9.41
N LYS A 792 8.10 22.65 8.44
CA LYS A 792 9.22 21.75 8.19
C LYS A 792 10.17 21.72 9.38
N ILE A 793 10.44 22.87 9.98
CA ILE A 793 11.36 22.91 11.10
C ILE A 793 10.82 22.09 12.26
N VAL A 794 9.51 22.19 12.53
CA VAL A 794 8.98 21.45 13.66
C VAL A 794 9.10 19.94 13.42
N TYR A 795 8.80 19.48 12.20
CA TYR A 795 8.89 18.06 11.96
C TYR A 795 10.31 17.56 12.10
N SER A 796 11.29 18.32 11.62
CA SER A 796 12.65 17.83 11.73
C SER A 796 13.21 17.99 13.13
N VAL A 797 12.61 18.84 13.96
CA VAL A 797 12.99 18.78 15.37
C VAL A 797 12.38 17.56 16.02
N GLY A 798 11.11 17.26 15.71
CA GLY A 798 10.46 16.11 16.31
C GLY A 798 11.05 14.80 15.84
N ALA A 799 11.61 14.81 14.61
CA ALA A 799 12.13 13.56 14.04
C ALA A 799 13.32 13.00 14.82
N GLN A 800 14.04 13.86 15.55
CA GLN A 800 15.24 13.53 16.32
C GLN A 800 14.94 12.64 17.47
N THR A 801 13.76 12.02 17.55
CA THR A 801 13.44 11.05 18.58
C THR A 801 12.58 9.98 17.96
N THR A 802 12.70 8.76 18.49
CA THR A 802 12.09 7.63 17.81
C THR A 802 10.58 7.75 17.82
N ALA A 803 10.00 8.16 18.96
CA ALA A 803 8.59 8.54 19.03
C ALA A 803 8.21 9.45 17.89
N GLY A 804 8.59 10.72 18.00
CA GLY A 804 8.37 11.69 16.96
C GLY A 804 8.60 11.12 15.59
N TRP A 805 9.74 10.46 15.40
CA TRP A 805 10.06 9.90 14.09
C TRP A 805 9.01 8.87 13.67
N ASN A 806 8.68 7.94 14.55
CA ASN A 806 7.76 6.87 14.16
C ASN A 806 6.35 7.40 13.93
N TYR A 807 5.93 8.35 14.76
CA TYR A 807 4.69 9.05 14.48
C TYR A 807 4.76 9.76 13.13
N LEU A 808 5.89 10.41 12.84
CA LEU A 808 6.00 11.09 11.56
C LEU A 808 5.88 10.11 10.40
N LEU A 809 6.57 8.97 10.49
CA LEU A 809 6.48 8.02 9.39
C LEU A 809 5.06 7.50 9.23
N GLU A 810 4.38 7.27 10.35
CA GLU A 810 2.99 6.82 10.31
C GLU A 810 2.09 7.86 9.67
N GLN A 811 2.32 9.14 9.96
CA GLN A 811 1.47 10.13 9.32
C GLN A 811 1.90 10.46 7.90
N TYR A 812 3.08 10.07 7.46
CA TYR A 812 3.36 10.21 6.03
C TYR A 812 2.36 9.40 5.21
N GLU A 813 2.02 8.20 5.68
CA GLU A 813 1.17 7.31 4.91
C GLU A 813 -0.30 7.71 4.94
N LEU A 814 -0.69 8.61 5.83
CA LEU A 814 -2.08 8.98 5.98
C LEU A 814 -2.39 10.36 5.43
N SER A 815 -1.37 11.18 5.15
CA SER A 815 -1.62 12.57 4.79
C SER A 815 -2.25 12.69 3.40
N MET A 816 -3.18 13.62 3.26
CA MET A 816 -3.74 13.88 1.96
C MET A 816 -3.07 15.04 1.23
N SER A 817 -2.04 15.65 1.82
CA SER A 817 -1.41 16.85 1.26
C SER A 817 -0.01 16.46 0.83
N SER A 818 0.22 16.33 -0.46
CA SER A 818 1.58 15.96 -0.84
C SER A 818 2.60 17.06 -0.48
N ALA A 819 2.16 18.29 -0.21
CA ALA A 819 3.11 19.27 0.36
C ALA A 819 3.55 18.83 1.75
N GLU A 820 2.62 18.40 2.59
CA GLU A 820 2.98 17.88 3.90
C GLU A 820 3.91 16.69 3.79
N GLN A 821 3.51 15.69 2.98
CA GLN A 821 4.32 14.50 2.87
C GLN A 821 5.76 14.87 2.53
N ASN A 822 5.94 15.81 1.62
CA ASN A 822 7.29 16.18 1.25
C ASN A 822 8.07 16.73 2.44
N LYS A 823 7.43 17.59 3.25
CA LYS A 823 8.11 18.12 4.42
C LYS A 823 8.37 17.02 5.45
N ILE A 824 7.44 16.07 5.56
CA ILE A 824 7.62 14.95 6.49
C ILE A 824 8.82 14.11 6.09
N LEU A 825 8.96 13.88 4.79
CA LEU A 825 10.11 13.11 4.31
C LEU A 825 11.42 13.80 4.70
N TYR A 826 11.55 15.09 4.44
CA TYR A 826 12.76 15.77 4.84
C TYR A 826 13.05 15.49 6.31
N ALA A 827 12.10 15.81 7.19
CA ALA A 827 12.24 15.54 8.62
C ALA A 827 12.67 14.09 8.86
N LEU A 828 11.97 13.14 8.25
CA LEU A 828 12.37 11.74 8.38
C LEU A 828 13.82 11.55 7.95
N SER A 829 14.26 12.30 6.95
CA SER A 829 15.62 12.10 6.48
C SER A 829 16.65 12.70 7.43
N THR A 830 16.25 13.56 8.36
CA THR A 830 17.23 14.20 9.21
C THR A 830 17.54 13.41 10.48
N SER A 831 17.15 12.13 10.51
CA SER A 831 17.37 11.34 11.70
C SER A 831 18.85 11.01 11.85
N LYS A 832 19.29 10.94 13.10
CA LYS A 832 20.69 10.65 13.36
C LYS A 832 21.01 9.17 13.17
N HIS A 833 20.17 8.27 13.70
CA HIS A 833 20.33 6.83 13.50
C HIS A 833 20.44 6.47 12.03
N GLN A 834 21.43 5.66 11.69
CA GLN A 834 21.48 5.14 10.33
C GLN A 834 20.49 4.00 10.10
N GLU A 835 19.92 3.44 11.17
CA GLU A 835 18.88 2.44 11.00
C GLU A 835 17.69 3.04 10.26
N LYS A 836 17.22 4.21 10.72
CA LYS A 836 16.06 4.86 10.10
C LYS A 836 16.39 5.33 8.69
N LEU A 837 17.43 6.16 8.55
CA LEU A 837 17.85 6.64 7.24
C LEU A 837 17.80 5.53 6.20
N LEU A 838 18.39 4.36 6.51
CA LEU A 838 18.36 3.25 5.54
C LEU A 838 16.95 2.74 5.31
N LYS A 839 16.13 2.66 6.37
CA LYS A 839 14.77 2.20 6.19
C LYS A 839 14.02 3.10 5.24
N LEU A 840 14.20 4.42 5.37
CA LEU A 840 13.68 5.34 4.37
C LEU A 840 14.13 4.96 2.98
N ILE A 841 15.45 4.70 2.82
CA ILE A 841 16.02 4.39 1.52
C ILE A 841 15.33 3.17 0.91
N GLU A 842 15.21 2.10 1.70
CA GLU A 842 14.63 0.87 1.17
C GLU A 842 13.15 1.05 0.88
N LEU A 843 12.45 1.74 1.77
CA LEU A 843 11.05 2.06 1.53
C LEU A 843 10.88 2.72 0.18
N GLY A 844 11.81 3.60 -0.18
CA GLY A 844 11.71 4.28 -1.44
C GLY A 844 11.96 3.39 -2.64
N MET A 845 12.94 2.47 -2.55
CA MET A 845 13.12 1.49 -3.61
C MET A 845 11.86 0.69 -3.86
N GLU A 846 11.29 0.10 -2.79
CA GLU A 846 10.05 -0.66 -2.88
C GLU A 846 9.00 0.10 -3.67
N GLY A 847 8.75 1.35 -3.30
CA GLY A 847 7.80 2.14 -4.05
C GLY A 847 6.36 1.93 -3.67
N LYS A 848 6.10 1.19 -2.60
CA LYS A 848 4.73 1.03 -2.09
C LYS A 848 4.41 2.10 -1.06
N VAL A 849 5.32 2.39 -0.13
CA VAL A 849 5.02 3.38 0.90
C VAL A 849 5.48 4.78 0.52
N ILE A 850 6.77 4.93 0.24
CA ILE A 850 7.29 6.16 -0.34
C ILE A 850 7.42 5.93 -1.85
N LYS A 851 6.59 6.63 -2.63
CA LYS A 851 6.57 6.39 -4.07
C LYS A 851 7.95 6.65 -4.65
N THR A 852 8.38 5.80 -5.60
CA THR A 852 9.77 5.85 -6.05
C THR A 852 10.12 7.14 -6.77
N GLN A 853 9.14 7.92 -7.21
CA GLN A 853 9.52 9.16 -7.85
C GLN A 853 10.31 10.09 -6.92
N ASN A 854 10.31 9.80 -5.61
CA ASN A 854 10.96 10.59 -4.58
C ASN A 854 12.30 10.04 -4.16
N LEU A 855 12.62 8.81 -4.57
CA LEU A 855 13.86 8.15 -4.17
C LEU A 855 15.07 9.04 -4.41
N ALA A 856 15.30 9.38 -5.69
CA ALA A 856 16.24 10.39 -6.12
C ALA A 856 16.40 11.54 -5.12
N ALA A 857 15.34 12.33 -4.92
CA ALA A 857 15.44 13.45 -3.99
C ALA A 857 15.70 13.00 -2.55
N LEU A 858 15.16 11.84 -2.15
CA LEU A 858 15.37 11.36 -0.81
C LEU A 858 16.83 11.07 -0.56
N LEU A 859 17.44 10.32 -1.48
CA LEU A 859 18.87 10.00 -1.39
C LEU A 859 19.70 11.25 -1.18
N HIS A 860 19.28 12.35 -1.80
CA HIS A 860 20.07 13.56 -1.77
C HIS A 860 19.98 14.24 -0.40
N ALA A 861 18.77 14.38 0.14
CA ALA A 861 18.62 14.90 1.49
C ALA A 861 19.49 14.15 2.48
N ILE A 862 19.45 12.81 2.43
CA ILE A 862 20.28 12.00 3.30
C ILE A 862 21.76 12.30 3.09
N ALA A 863 22.23 12.28 1.83
CA ALA A 863 23.66 12.39 1.60
C ALA A 863 24.22 13.77 1.95
N ARG A 864 23.39 14.81 1.98
CA ARG A 864 23.99 16.09 2.27
C ARG A 864 24.37 16.19 3.74
N ARG A 865 23.70 15.44 4.60
CA ARG A 865 23.85 15.48 6.05
C ARG A 865 24.92 14.48 6.49
N PRO A 866 25.78 14.84 7.46
CA PRO A 866 27.01 14.05 7.67
C PRO A 866 26.73 12.62 8.09
N LYS A 867 25.89 12.39 9.10
CA LYS A 867 25.53 11.04 9.48
C LYS A 867 24.92 10.24 8.32
N GLY A 868 24.84 10.83 7.14
CA GLY A 868 24.26 10.10 6.04
C GLY A 868 25.08 10.01 4.76
N GLN A 869 26.03 10.93 4.51
CA GLN A 869 26.70 11.00 3.21
C GLN A 869 27.29 9.66 2.81
N GLN A 870 27.82 8.90 3.79
CA GLN A 870 28.44 7.63 3.44
C GLN A 870 27.38 6.58 3.11
N LEU A 871 26.39 6.43 3.99
CA LEU A 871 25.32 5.45 3.75
C LEU A 871 24.79 5.57 2.33
N ALA A 872 24.51 6.79 1.89
CA ALA A 872 23.96 7.00 0.57
C ALA A 872 24.93 6.55 -0.49
N TRP A 873 26.18 7.03 -0.41
CA TRP A 873 27.20 6.70 -1.40
C TRP A 873 27.44 5.18 -1.49
N ASP A 874 27.49 4.51 -0.33
CA ASP A 874 27.61 3.06 -0.30
C ASP A 874 26.41 2.41 -1.01
N PHE A 875 25.21 2.89 -0.71
CA PHE A 875 24.00 2.30 -1.28
C PHE A 875 23.99 2.36 -2.80
N VAL A 876 24.34 3.52 -3.37
CA VAL A 876 24.39 3.68 -4.83
C VAL A 876 25.35 2.67 -5.45
N ARG A 877 26.60 2.62 -4.97
CA ARG A 877 27.57 1.72 -5.56
C ARG A 877 27.17 0.27 -5.39
N GLU A 878 26.62 -0.07 -4.22
CA GLU A 878 26.19 -1.43 -3.99
C GLU A 878 24.91 -1.79 -4.72
N ASN A 879 24.31 -0.86 -5.47
CA ASN A 879 23.05 -1.16 -6.12
C ASN A 879 22.92 -0.63 -7.53
N TRP A 880 24.01 -0.15 -8.14
CA TRP A 880 23.92 0.58 -9.39
C TRP A 880 23.13 -0.20 -10.43
N THR A 881 23.46 -1.48 -10.60
CA THR A 881 22.70 -2.34 -11.50
C THR A 881 21.22 -2.27 -11.16
N HIS A 882 20.88 -2.55 -9.90
CA HIS A 882 19.50 -2.55 -9.45
C HIS A 882 18.81 -1.21 -9.73
N LEU A 883 19.49 -0.09 -9.44
CA LEU A 883 18.93 1.24 -9.68
C LEU A 883 18.66 1.47 -11.15
N LEU A 884 19.44 0.83 -12.02
CA LEU A 884 19.31 1.04 -13.46
C LEU A 884 18.04 0.42 -14.01
N LYS A 885 17.57 -0.69 -13.41
CA LYS A 885 16.33 -1.30 -13.89
C LYS A 885 15.15 -0.37 -13.66
N LYS A 886 15.29 0.62 -12.79
CA LYS A 886 14.16 1.49 -12.48
C LYS A 886 14.17 2.79 -13.25
N PHE A 887 15.33 3.32 -13.61
CA PHE A 887 15.42 4.63 -14.23
C PHE A 887 16.26 4.54 -15.50
N ASP A 888 16.00 5.44 -16.44
CA ASP A 888 16.84 5.54 -17.64
C ASP A 888 18.12 6.28 -17.28
N LEU A 889 19.27 5.63 -17.44
CA LEU A 889 20.53 6.37 -17.27
C LEU A 889 20.50 7.56 -18.21
N GLY A 890 20.65 8.74 -17.67
CA GLY A 890 20.38 9.94 -18.43
C GLY A 890 19.04 10.59 -18.15
N SER A 891 18.09 9.83 -17.57
CA SER A 891 16.95 10.46 -16.90
C SER A 891 17.43 11.43 -15.84
N TYR A 892 16.61 12.44 -15.57
CA TYR A 892 16.98 13.39 -14.53
C TYR A 892 17.12 12.70 -13.18
N ASP A 893 16.41 11.61 -12.97
CA ASP A 893 16.48 10.93 -11.69
C ASP A 893 17.85 10.33 -11.46
N ILE A 894 18.46 9.75 -12.49
CA ILE A 894 19.78 9.17 -12.32
C ILE A 894 20.82 10.26 -12.08
N ARG A 895 20.72 11.34 -12.85
CA ARG A 895 21.73 12.39 -12.74
C ARG A 895 21.68 13.04 -11.36
N MET A 896 20.52 13.07 -10.70
CA MET A 896 20.51 13.62 -9.35
C MET A 896 20.87 12.59 -8.30
N ILE A 897 20.78 11.29 -8.58
CA ILE A 897 21.32 10.32 -7.63
C ILE A 897 22.83 10.30 -7.69
N ILE A 898 23.39 10.43 -8.90
CA ILE A 898 24.85 10.42 -9.07
C ILE A 898 25.50 11.65 -8.44
N SER A 899 25.09 12.85 -8.87
CA SER A 899 25.70 14.04 -8.28
C SER A 899 25.17 14.31 -6.88
N GLY A 900 24.01 13.76 -6.53
CA GLY A 900 23.45 14.07 -5.24
C GLY A 900 24.17 13.41 -4.10
N THR A 901 24.97 12.39 -4.39
CA THR A 901 25.73 11.72 -3.36
C THR A 901 27.23 11.87 -3.53
N THR A 902 27.68 12.45 -4.64
CA THR A 902 29.10 12.66 -4.84
C THR A 902 29.51 14.13 -4.80
N ALA A 903 28.66 15.05 -5.29
CA ALA A 903 29.08 16.44 -5.48
C ALA A 903 29.66 17.05 -4.21
N HIS A 904 29.09 16.74 -3.05
CA HIS A 904 29.54 17.42 -1.86
C HIS A 904 30.93 16.98 -1.43
N PHE A 905 31.42 15.82 -1.91
CA PHE A 905 32.73 15.32 -1.48
C PHE A 905 33.84 16.32 -1.75
N SER A 906 34.83 16.34 -0.83
CA SER A 906 35.88 17.36 -0.89
C SER A 906 37.22 16.86 -0.36
N SER A 907 37.51 15.57 -0.42
CA SER A 907 38.80 15.04 0.01
C SER A 907 39.43 14.19 -1.08
N LYS A 908 40.77 14.14 -1.07
CA LYS A 908 41.48 13.43 -2.12
C LYS A 908 41.12 11.95 -2.13
N ASP A 909 40.72 11.40 -0.99
CA ASP A 909 40.36 9.99 -0.92
C ASP A 909 39.05 9.73 -1.65
N LYS A 910 37.99 10.43 -1.22
CA LYS A 910 36.67 10.23 -1.82
C LYS A 910 36.71 10.43 -3.32
N LEU A 911 37.47 11.42 -3.78
CA LEU A 911 37.60 11.63 -5.23
C LEU A 911 37.94 10.33 -5.94
N GLN A 912 38.89 9.55 -5.38
CA GLN A 912 39.37 8.39 -6.10
C GLN A 912 38.39 7.23 -6.03
N GLU A 913 37.65 7.10 -4.92
CA GLU A 913 36.52 6.18 -4.93
C GLU A 913 35.64 6.45 -6.16
N VAL A 914 35.39 7.72 -6.43
CA VAL A 914 34.43 8.07 -7.47
C VAL A 914 35.03 7.85 -8.85
N LYS A 915 36.21 8.43 -9.10
CA LYS A 915 36.85 8.23 -10.40
C LYS A 915 36.92 6.74 -10.73
N LEU A 916 37.14 5.93 -9.71
CA LEU A 916 37.12 4.49 -9.89
C LEU A 916 35.69 3.99 -10.14
N PHE A 917 34.73 4.46 -9.34
CA PHE A 917 33.35 4.02 -9.58
C PHE A 917 32.87 4.45 -10.97
N PHE A 918 33.21 5.67 -11.38
CA PHE A 918 32.80 6.12 -12.70
C PHE A 918 33.47 5.28 -13.77
N GLU A 919 34.78 5.06 -13.62
CA GLU A 919 35.49 4.22 -14.57
C GLU A 919 34.81 2.88 -14.74
N SER A 920 34.39 2.27 -13.61
CA SER A 920 33.73 0.98 -13.69
C SER A 920 32.43 1.09 -14.47
N LEU A 921 31.73 2.22 -14.34
CA LEU A 921 30.48 2.37 -15.05
C LEU A 921 30.72 2.46 -16.55
N GLU A 922 31.63 3.35 -16.96
CA GLU A 922 32.00 3.46 -18.36
C GLU A 922 32.32 2.11 -18.99
N ALA A 923 32.87 1.18 -18.20
CA ALA A 923 33.27 -0.11 -18.73
C ALA A 923 32.11 -0.79 -19.43
N GLN A 924 30.94 -0.74 -18.85
CA GLN A 924 29.78 -1.37 -19.45
C GLN A 924 29.05 -0.37 -20.33
N GLY A 925 27.89 -0.71 -20.84
CA GLY A 925 27.15 0.26 -21.61
C GLY A 925 26.72 1.48 -20.80
N SER A 926 27.65 2.38 -20.46
CA SER A 926 27.34 3.53 -19.60
C SER A 926 28.26 4.70 -19.90
N HIS A 927 27.70 5.90 -20.01
CA HIS A 927 28.45 7.15 -20.17
C HIS A 927 27.52 8.36 -20.12
N LEU A 928 27.80 9.31 -19.23
CA LEU A 928 27.03 10.54 -19.07
C LEU A 928 27.97 11.71 -18.80
N ASP A 929 27.57 12.90 -19.30
CA ASP A 929 28.39 14.09 -19.07
C ASP A 929 28.52 14.41 -17.58
N ILE A 930 27.49 14.06 -16.79
CA ILE A 930 27.54 14.29 -15.36
C ILE A 930 28.79 13.70 -14.72
N PHE A 931 29.44 12.73 -15.37
CA PHE A 931 30.63 12.12 -14.79
C PHE A 931 31.75 13.15 -14.65
N GLN A 932 32.04 13.87 -15.74
CA GLN A 932 33.10 14.88 -15.72
C GLN A 932 32.80 16.01 -14.76
N THR A 933 31.56 16.51 -14.79
CA THR A 933 31.16 17.66 -13.99
C THR A 933 31.23 17.36 -12.51
N VAL A 934 30.91 16.12 -12.14
CA VAL A 934 31.08 15.71 -10.75
C VAL A 934 32.54 15.80 -10.36
N LEU A 935 33.39 15.18 -11.18
CA LEU A 935 34.81 15.17 -10.89
C LEU A 935 35.35 16.59 -10.74
N GLU A 936 35.19 17.43 -11.77
CA GLU A 936 35.71 18.79 -11.67
C GLU A 936 35.24 19.47 -10.40
N THR A 937 34.00 19.18 -9.98
CA THR A 937 33.43 19.83 -8.81
C THR A 937 34.09 19.39 -7.52
N ILE A 938 34.18 18.07 -7.29
CA ILE A 938 34.96 17.57 -6.17
C ILE A 938 36.36 18.17 -6.20
N THR A 939 36.97 18.17 -7.39
CA THR A 939 38.28 18.82 -7.52
C THR A 939 38.24 20.27 -7.08
N LYS A 940 37.30 21.05 -7.63
CA LYS A 940 37.14 22.44 -7.20
C LYS A 940 37.07 22.56 -5.70
N ASN A 941 36.46 21.58 -5.02
CA ASN A 941 36.34 21.63 -3.58
C ASN A 941 37.65 21.33 -2.88
N ILE A 942 38.36 20.31 -3.34
CA ILE A 942 39.68 20.02 -2.78
C ILE A 942 40.57 21.26 -2.90
N LYS A 943 40.64 21.86 -4.09
CA LYS A 943 41.44 23.07 -4.24
C LYS A 943 40.94 24.16 -3.31
N TRP A 944 39.62 24.35 -3.20
CA TRP A 944 39.15 25.46 -2.38
C TRP A 944 39.47 25.25 -0.90
N LEU A 945 39.29 24.02 -0.42
CA LEU A 945 39.71 23.68 0.94
C LEU A 945 41.18 24.00 1.16
N GLU A 946 42.06 23.45 0.33
CA GLU A 946 43.46 23.59 0.68
C GLU A 946 43.98 24.99 0.41
N LYS A 947 43.29 25.78 -0.41
CA LYS A 947 43.81 27.12 -0.64
C LYS A 947 43.33 28.11 0.40
N ASN A 948 42.11 27.96 0.92
CA ASN A 948 41.51 28.99 1.77
C ASN A 948 41.01 28.51 3.14
N LEU A 949 41.20 27.23 3.51
CA LEU A 949 40.75 26.80 4.83
C LEU A 949 41.49 27.50 5.96
N PRO A 950 42.84 27.55 5.98
CA PRO A 950 43.51 28.26 7.08
C PRO A 950 43.05 29.70 7.20
N THR A 951 42.63 30.33 6.10
CA THR A 951 42.16 31.70 6.19
C THR A 951 40.80 31.78 6.87
N LEU A 952 39.88 30.86 6.53
CA LEU A 952 38.63 30.76 7.27
C LEU A 952 38.90 30.58 8.77
N ARG A 953 39.64 29.53 9.12
CA ARG A 953 40.07 29.26 10.50
C ARG A 953 40.53 30.54 11.17
N THR A 954 41.45 31.25 10.52
CA THR A 954 42.06 32.43 11.10
C THR A 954 41.14 33.65 11.09
N TRP A 955 40.27 33.78 10.09
CA TRP A 955 39.33 34.90 10.08
C TRP A 955 38.40 34.82 11.29
N LEU A 956 37.84 33.64 11.55
CA LEU A 956 36.86 33.49 12.63
C LEU A 956 37.52 33.69 13.98
N MET A 957 38.76 33.24 14.11
CA MET A 957 39.51 33.49 15.34
C MET A 957 39.70 34.97 15.58
N VAL A 958 40.02 35.71 14.52
CA VAL A 958 40.24 37.15 14.65
C VAL A 958 38.97 37.84 15.10
N ASN A 959 37.85 37.45 14.50
CA ASN A 959 36.59 38.13 14.79
C ASN A 959 36.23 38.00 16.26
N THR A 960 36.46 36.83 16.87
CA THR A 960 36.14 36.68 18.29
C THR A 960 36.97 37.60 19.16
N ARG A 961 38.09 38.09 18.64
CA ARG A 961 38.92 38.99 19.43
C ARG A 961 38.35 40.39 19.40
N HIS A 962 37.99 40.89 18.21
CA HIS A 962 37.61 42.30 18.08
C HIS A 962 36.27 42.59 18.76
N HIS A 963 35.40 41.60 18.89
CA HIS A 963 34.14 41.81 19.57
C HIS A 963 33.93 40.83 20.73
N PRO B 54 -21.70 2.30 41.66
CA PRO B 54 -22.47 2.64 40.46
C PRO B 54 -22.29 4.09 40.03
N VAL B 55 -21.05 4.58 39.98
CA VAL B 55 -20.79 5.98 39.65
C VAL B 55 -20.79 6.14 38.13
N ALA B 56 -21.79 6.84 37.60
CA ALA B 56 -21.89 7.04 36.17
C ALA B 56 -20.76 7.96 35.70
N THR B 57 -20.79 8.27 34.39
CA THR B 57 -19.70 9.06 33.85
C THR B 57 -19.83 10.53 34.22
N ASN B 58 -21.04 11.04 34.39
CA ASN B 58 -21.17 12.41 34.87
C ASN B 58 -21.23 12.49 36.40
N GLY B 59 -20.74 11.47 37.08
CA GLY B 59 -20.68 11.48 38.53
C GLY B 59 -22.01 11.41 39.23
N GLU B 60 -22.97 10.66 38.69
CA GLU B 60 -24.25 10.43 39.32
C GLU B 60 -24.47 8.94 39.54
N ARG B 61 -25.40 8.61 40.44
CA ARG B 61 -25.64 7.21 40.77
C ARG B 61 -26.47 6.55 39.69
N PHE B 62 -25.92 5.52 39.07
CA PHE B 62 -26.59 4.79 38.01
C PHE B 62 -27.66 3.90 38.62
N PRO B 63 -28.90 3.90 38.08
CA PRO B 63 -29.98 3.08 38.66
C PRO B 63 -29.71 1.57 38.77
N TRP B 64 -29.62 0.84 37.65
CA TRP B 64 -29.41 -0.60 37.74
C TRP B 64 -27.94 -0.90 38.06
N GLN B 65 -27.70 -2.10 38.61
CA GLN B 65 -26.38 -2.40 39.14
C GLN B 65 -25.83 -3.78 38.79
N GLU B 66 -26.57 -4.63 38.08
CA GLU B 66 -26.05 -5.93 37.68
C GLU B 66 -25.87 -6.00 36.18
N LEU B 67 -24.93 -6.84 35.75
CA LEU B 67 -24.62 -6.99 34.34
C LEU B 67 -25.84 -7.41 33.52
N ARG B 68 -26.84 -8.00 34.17
CA ARG B 68 -28.06 -8.35 33.48
C ARG B 68 -28.91 -7.10 33.25
N LEU B 69 -29.70 -7.12 32.18
CA LEU B 69 -30.66 -6.06 31.99
C LEU B 69 -31.89 -6.33 32.85
N PRO B 70 -32.56 -5.27 33.31
CA PRO B 70 -33.86 -5.46 33.94
C PRO B 70 -34.83 -6.14 32.98
N SER B 71 -35.68 -7.01 33.54
CA SER B 71 -36.73 -7.68 32.77
C SER B 71 -37.98 -6.81 32.61
N VAL B 72 -37.99 -5.61 33.20
CA VAL B 72 -39.22 -4.82 33.31
C VAL B 72 -39.63 -4.24 31.96
N VAL B 73 -38.66 -3.78 31.16
CA VAL B 73 -38.88 -3.10 29.88
C VAL B 73 -38.44 -4.07 28.79
N ILE B 74 -39.37 -4.54 27.96
CA ILE B 74 -39.13 -5.66 27.05
C ILE B 74 -39.55 -5.33 25.63
N PRO B 75 -38.65 -5.39 24.64
CA PRO B 75 -38.91 -4.77 23.34
C PRO B 75 -39.62 -5.67 22.35
N LEU B 76 -40.19 -5.01 21.35
CA LEU B 76 -40.93 -5.65 20.29
C LEU B 76 -40.43 -5.30 18.91
N HIS B 77 -39.95 -4.07 18.68
CA HIS B 77 -39.68 -3.67 17.30
C HIS B 77 -38.68 -2.52 17.19
N TYR B 78 -37.48 -2.85 16.73
CA TYR B 78 -36.48 -1.86 16.37
C TYR B 78 -36.76 -1.35 14.96
N ASP B 79 -36.93 -0.04 14.81
CA ASP B 79 -36.75 0.65 13.55
C ASP B 79 -35.30 1.09 13.50
N LEU B 80 -34.63 0.85 12.38
CA LEU B 80 -33.17 1.04 12.39
C LEU B 80 -32.67 1.53 11.04
N PHE B 81 -31.99 2.67 11.04
CA PHE B 81 -31.49 3.31 9.83
C PHE B 81 -30.01 3.60 9.99
N VAL B 82 -29.21 3.08 9.08
CA VAL B 82 -27.76 3.23 9.13
C VAL B 82 -27.33 3.98 7.88
N HIS B 83 -26.52 5.03 8.07
CA HIS B 83 -25.96 5.86 7.02
C HIS B 83 -24.44 5.80 7.15
N PRO B 84 -23.82 4.73 6.67
CA PRO B 84 -22.36 4.64 6.68
C PRO B 84 -21.75 5.34 5.47
N ASN B 85 -20.59 5.96 5.69
CA ASN B 85 -19.81 6.58 4.64
C ASN B 85 -18.46 5.89 4.56
N LEU B 86 -18.17 5.26 3.43
CA LEU B 86 -16.90 4.54 3.34
C LEU B 86 -15.70 5.45 2.98
N THR B 87 -15.90 6.73 2.66
CA THR B 87 -14.71 7.57 2.48
C THR B 87 -14.25 8.20 3.81
N SER B 88 -15.19 8.63 4.66
CA SER B 88 -14.85 9.09 6.00
C SER B 88 -14.61 7.93 6.95
N LEU B 89 -15.06 6.72 6.61
CA LEU B 89 -14.94 5.54 7.46
C LEU B 89 -15.76 5.65 8.74
N ASP B 90 -16.85 6.39 8.74
CA ASP B 90 -17.70 6.60 9.91
C ASP B 90 -19.15 6.39 9.51
N PHE B 91 -20.07 6.45 10.46
CA PHE B 91 -21.48 6.27 10.09
C PHE B 91 -22.36 7.06 11.04
N VAL B 92 -23.50 7.55 10.51
CA VAL B 92 -24.57 8.17 11.30
C VAL B 92 -25.76 7.23 11.31
N ALA B 93 -26.43 7.11 12.46
CA ALA B 93 -27.54 6.18 12.57
C ALA B 93 -28.57 6.70 13.57
N SER B 94 -29.82 6.29 13.36
CA SER B 94 -30.90 6.54 14.31
C SER B 94 -31.76 5.28 14.41
N GLU B 95 -32.50 5.18 15.51
CA GLU B 95 -33.34 4.03 15.77
C GLU B 95 -34.51 4.46 16.62
N LYS B 96 -35.57 3.63 16.61
CA LYS B 96 -36.64 3.76 17.58
C LYS B 96 -37.16 2.38 17.97
N ILE B 97 -37.16 2.13 19.27
CA ILE B 97 -37.51 0.83 19.85
C ILE B 97 -38.96 0.89 20.29
N GLU B 98 -39.80 0.00 19.75
CA GLU B 98 -41.17 -0.19 20.21
C GLU B 98 -41.14 -1.16 21.38
N VAL B 99 -41.32 -0.63 22.59
CA VAL B 99 -41.18 -1.39 23.83
C VAL B 99 -42.43 -1.19 24.68
N LEU B 100 -43.03 -2.30 25.14
CA LEU B 100 -44.15 -2.23 26.07
C LEU B 100 -43.67 -2.70 27.44
N VAL B 101 -43.83 -1.83 28.44
CA VAL B 101 -43.51 -2.18 29.81
C VAL B 101 -44.68 -2.95 30.41
N SER B 102 -44.36 -3.91 31.28
CA SER B 102 -45.39 -4.67 31.99
C SER B 102 -45.44 -4.35 33.48
N ASN B 103 -44.31 -4.07 34.12
CA ASN B 103 -44.33 -3.30 35.36
C ASN B 103 -44.09 -1.83 35.03
N ALA B 104 -44.31 -0.97 36.00
CA ALA B 104 -43.95 0.45 35.88
C ALA B 104 -42.74 0.72 36.76
N THR B 105 -41.80 1.51 36.23
CA THR B 105 -40.55 1.82 36.91
C THR B 105 -39.85 2.96 36.18
N GLN B 106 -39.29 3.89 36.95
CA GLN B 106 -38.97 5.23 36.45
C GLN B 106 -37.83 5.28 35.45
N PHE B 107 -37.08 4.20 35.24
CA PHE B 107 -35.93 4.24 34.34
C PHE B 107 -35.92 3.03 33.41
N ILE B 108 -35.43 3.26 32.19
CA ILE B 108 -35.22 2.21 31.18
C ILE B 108 -33.72 1.95 31.08
N ILE B 109 -33.33 0.67 31.01
CA ILE B 109 -31.92 0.28 30.94
C ILE B 109 -31.70 -0.66 29.78
N LEU B 110 -30.71 -0.33 28.94
CA LEU B 110 -30.26 -1.17 27.83
C LEU B 110 -28.78 -0.92 27.59
N HIS B 111 -28.23 -1.67 26.63
CA HIS B 111 -26.81 -1.65 26.32
C HIS B 111 -26.48 -0.64 25.23
N SER B 112 -25.26 -0.10 25.31
CA SER B 112 -24.59 0.57 24.20
C SER B 112 -23.12 0.72 24.53
N LYS B 113 -22.25 0.37 23.59
CA LYS B 113 -20.82 0.50 23.79
C LYS B 113 -20.19 1.27 22.64
N ASP B 114 -19.26 2.17 22.98
CA ASP B 114 -18.48 2.92 22.01
C ASP B 114 -19.37 3.60 20.99
N LEU B 115 -20.42 4.26 21.46
CA LEU B 115 -21.43 4.80 20.57
C LEU B 115 -21.92 6.12 21.13
N GLU B 116 -21.72 7.21 20.39
CA GLU B 116 -22.10 8.52 20.87
C GLU B 116 -23.60 8.71 20.71
N ILE B 117 -24.31 8.92 21.83
CA ILE B 117 -25.75 9.15 21.83
C ILE B 117 -25.99 10.65 21.88
N THR B 118 -26.63 11.19 20.82
CA THR B 118 -26.84 12.64 20.68
C THR B 118 -28.25 13.12 21.01
N ASN B 119 -29.30 12.33 20.73
CA ASN B 119 -30.68 12.68 21.07
C ASN B 119 -31.35 11.47 21.69
N ALA B 120 -32.52 11.69 22.33
CA ALA B 120 -33.28 10.58 22.93
C ALA B 120 -34.66 11.11 23.31
N THR B 121 -35.68 10.75 22.51
CA THR B 121 -37.05 11.19 22.72
C THR B 121 -37.94 10.00 22.97
N LEU B 122 -38.94 10.17 23.84
CA LEU B 122 -39.88 9.09 24.18
C LEU B 122 -41.27 9.51 23.71
N GLN B 123 -41.73 8.93 22.61
CA GLN B 123 -43.09 9.06 22.14
C GLN B 123 -43.90 7.86 22.64
N SER B 124 -45.22 8.05 22.72
CA SER B 124 -46.12 6.95 23.06
C SER B 124 -47.46 7.17 22.38
N GLU B 125 -48.08 6.07 21.95
CA GLU B 125 -49.40 6.08 21.33
C GLU B 125 -50.51 5.72 22.29
N GLU B 126 -50.26 4.80 23.23
CA GLU B 126 -51.28 4.41 24.20
C GLU B 126 -51.31 5.38 25.39
N ASP B 127 -50.15 5.91 25.80
CA ASP B 127 -50.05 6.93 26.83
C ASP B 127 -49.95 8.28 26.14
N SER B 128 -51.06 9.01 26.10
CA SER B 128 -51.11 10.30 25.42
C SER B 128 -50.29 11.37 26.14
N ARG B 129 -49.69 11.06 27.29
CA ARG B 129 -48.79 12.00 27.94
C ARG B 129 -47.48 12.13 27.18
N TYR B 130 -46.91 10.99 26.73
CA TYR B 130 -45.78 11.01 25.82
C TYR B 130 -46.21 10.99 24.36
N MET B 131 -47.37 11.57 24.05
CA MET B 131 -47.76 11.80 22.68
C MET B 131 -46.75 12.73 22.01
N LYS B 132 -46.70 12.69 20.67
CA LYS B 132 -45.72 13.47 19.95
C LYS B 132 -45.84 14.95 20.33
N PRO B 133 -44.72 15.69 20.42
CA PRO B 133 -43.35 15.29 20.09
C PRO B 133 -42.64 14.40 21.14
N GLY B 134 -43.23 14.31 22.33
CA GLY B 134 -42.62 13.57 23.41
C GLY B 134 -41.59 14.39 24.16
N LYS B 135 -41.19 13.86 25.30
CA LYS B 135 -40.18 14.49 26.14
C LYS B 135 -38.80 13.93 25.80
N GLU B 136 -37.79 14.79 25.92
CA GLU B 136 -36.40 14.37 25.85
C GLU B 136 -36.02 13.61 27.12
N LEU B 137 -35.11 12.62 26.98
CA LEU B 137 -34.65 11.78 28.09
C LEU B 137 -33.16 11.95 28.27
N LYS B 138 -32.74 12.39 29.46
CA LYS B 138 -31.31 12.44 29.73
C LYS B 138 -30.77 11.02 29.87
N VAL B 139 -29.70 10.74 29.13
CA VAL B 139 -29.07 9.44 29.16
C VAL B 139 -27.91 9.48 30.14
N LEU B 140 -27.78 8.42 30.90
CA LEU B 140 -26.62 8.21 31.74
C LEU B 140 -25.91 6.98 31.20
N SER B 141 -24.59 7.00 31.20
CA SER B 141 -23.84 5.89 30.66
C SER B 141 -22.96 5.29 31.75
N TYR B 142 -22.82 3.97 31.69
CA TYR B 142 -22.03 3.19 32.64
C TYR B 142 -21.22 2.19 31.83
N PRO B 143 -19.93 2.43 31.63
CA PRO B 143 -19.17 1.58 30.69
C PRO B 143 -18.86 0.18 31.21
N ALA B 144 -18.68 0.01 32.52
CA ALA B 144 -18.25 -1.30 33.01
C ALA B 144 -19.29 -2.36 32.73
N HIS B 145 -20.56 -2.02 32.87
CA HIS B 145 -21.65 -2.92 32.53
C HIS B 145 -22.15 -2.70 31.11
N GLU B 146 -21.50 -1.81 30.36
CA GLU B 146 -21.84 -1.51 28.96
C GLU B 146 -23.33 -1.22 28.83
N GLN B 147 -23.86 -0.52 29.81
CA GLN B 147 -25.26 -0.11 29.88
C GLN B 147 -25.37 1.40 29.82
N ILE B 148 -26.56 1.87 29.48
CA ILE B 148 -26.90 3.27 29.66
C ILE B 148 -28.29 3.35 30.27
N ALA B 149 -28.51 4.40 31.04
CA ALA B 149 -29.80 4.64 31.67
C ALA B 149 -30.55 5.69 30.88
N LEU B 150 -31.78 5.36 30.49
CA LEU B 150 -32.75 6.32 29.95
C LEU B 150 -33.69 6.67 31.09
N LEU B 151 -33.51 7.86 31.66
CA LEU B 151 -34.21 8.27 32.88
C LEU B 151 -35.51 8.95 32.50
N VAL B 152 -36.63 8.29 32.79
CA VAL B 152 -37.96 8.78 32.45
C VAL B 152 -38.35 9.84 33.48
N PRO B 153 -39.07 10.90 33.07
CA PRO B 153 -39.54 11.91 34.05
C PRO B 153 -40.50 11.36 35.11
N GLU B 154 -41.54 10.63 34.71
CA GLU B 154 -42.41 9.95 35.65
C GLU B 154 -42.53 8.48 35.25
N LYS B 155 -42.86 7.64 36.22
CA LYS B 155 -43.02 6.21 35.96
C LYS B 155 -43.98 5.97 34.80
N LEU B 156 -43.81 4.86 34.13
CA LEU B 156 -44.49 4.64 32.87
C LEU B 156 -45.86 3.97 33.10
N THR B 157 -46.66 3.91 32.03
CA THR B 157 -47.95 3.22 32.10
C THR B 157 -47.77 1.78 31.66
N PRO B 158 -47.87 0.82 32.56
CA PRO B 158 -47.70 -0.59 32.17
C PRO B 158 -48.66 -1.01 31.06
N HIS B 159 -48.39 -2.21 30.52
CA HIS B 159 -49.30 -3.06 29.74
C HIS B 159 -49.65 -2.57 28.33
N LEU B 160 -48.97 -1.56 27.79
CA LEU B 160 -49.03 -1.29 26.35
C LEU B 160 -47.84 -0.40 25.94
N LYS B 161 -47.86 0.05 24.70
CA LYS B 161 -46.63 0.38 23.97
C LYS B 161 -46.01 1.71 24.36
N TYR B 162 -44.70 1.80 24.15
CA TYR B 162 -43.89 3.01 24.24
C TYR B 162 -42.90 3.01 23.07
N TYR B 163 -42.34 4.17 22.76
CA TYR B 163 -41.48 4.30 21.58
C TYR B 163 -40.24 5.09 21.95
N VAL B 164 -39.12 4.39 22.20
CA VAL B 164 -37.85 5.02 22.51
C VAL B 164 -37.04 5.16 21.23
N ALA B 165 -36.56 6.36 20.95
CA ALA B 165 -35.92 6.68 19.67
C ALA B 165 -34.63 7.42 19.94
N MET B 166 -33.54 7.00 19.31
CA MET B 166 -32.23 7.56 19.62
C MET B 166 -31.44 7.91 18.35
N ASP B 167 -30.56 8.90 18.50
CA ASP B 167 -29.64 9.38 17.47
C ASP B 167 -28.22 9.11 17.94
N PHE B 168 -27.48 8.30 17.19
CA PHE B 168 -26.16 7.85 17.62
C PHE B 168 -25.21 7.85 16.43
N GLN B 169 -23.91 7.83 16.72
CA GLN B 169 -22.91 7.87 15.66
C GLN B 169 -21.58 7.34 16.19
N ALA B 170 -20.72 6.89 15.26
CA ALA B 170 -19.39 6.37 15.58
C ALA B 170 -18.56 6.24 14.31
N LYS B 171 -17.24 6.12 14.50
CA LYS B 171 -16.38 5.68 13.41
C LYS B 171 -16.58 4.19 13.21
N LEU B 172 -16.32 3.72 12.00
CA LEU B 172 -16.46 2.29 11.74
C LEU B 172 -15.53 1.50 12.65
N GLY B 173 -15.91 0.27 12.97
CA GLY B 173 -14.96 -0.58 13.66
C GLY B 173 -13.64 -0.74 12.90
N ASP B 174 -12.59 -1.12 13.59
CA ASP B 174 -11.32 -1.38 12.93
C ASP B 174 -10.76 -2.65 13.48
N GLY B 175 -11.64 -3.58 13.78
CA GLY B 175 -11.16 -4.75 14.48
C GLY B 175 -12.04 -5.97 14.54
N PHE B 176 -12.57 -6.41 13.40
CA PHE B 176 -13.33 -7.66 13.30
C PHE B 176 -14.60 -7.67 14.15
N GLU B 177 -15.10 -6.54 14.62
CA GLU B 177 -16.20 -6.62 15.56
C GLU B 177 -17.11 -5.40 15.45
N GLY B 178 -18.38 -5.65 15.75
CA GLY B 178 -19.38 -4.63 15.58
C GLY B 178 -19.56 -4.35 14.10
N PHE B 179 -19.65 -3.07 13.76
CA PHE B 179 -19.78 -2.61 12.39
C PHE B 179 -18.36 -2.21 11.98
N TYR B 180 -17.67 -3.06 11.23
CA TYR B 180 -16.26 -2.77 10.98
C TYR B 180 -15.94 -2.68 9.49
N LYS B 181 -14.78 -2.11 9.17
CA LYS B 181 -14.33 -2.02 7.79
C LYS B 181 -13.40 -3.19 7.44
N SER B 182 -13.51 -3.64 6.17
CA SER B 182 -12.66 -4.66 5.54
C SER B 182 -12.26 -4.18 4.14
N THR B 183 -11.18 -4.77 3.61
CA THR B 183 -10.71 -4.44 2.25
C THR B 183 -10.36 -5.72 1.48
N TYR B 184 -10.53 -5.66 0.14
CA TYR B 184 -10.04 -6.72 -0.77
C TYR B 184 -9.14 -6.11 -1.82
N ARG B 185 -8.63 -6.97 -2.71
CA ARG B 185 -7.79 -6.60 -3.83
C ARG B 185 -8.47 -7.01 -5.13
N THR B 186 -8.36 -6.15 -6.14
CA THR B 186 -8.78 -6.52 -7.48
C THR B 186 -7.59 -7.16 -8.19
N LEU B 187 -7.89 -7.93 -9.23
CA LEU B 187 -6.81 -8.56 -10.00
C LEU B 187 -5.78 -7.52 -10.43
N GLY B 188 -6.26 -6.34 -10.82
CA GLY B 188 -5.38 -5.30 -11.29
C GLY B 188 -4.41 -4.76 -10.25
N GLY B 189 -4.81 -4.76 -8.98
CA GLY B 189 -3.95 -4.22 -7.93
C GLY B 189 -4.59 -3.13 -7.10
N GLU B 190 -5.85 -2.79 -7.37
CA GLU B 190 -6.57 -1.83 -6.56
C GLU B 190 -6.89 -2.40 -5.16
N THR B 191 -7.27 -1.49 -4.27
CA THR B 191 -7.79 -1.80 -2.95
C THR B 191 -9.17 -1.20 -2.85
N ARG B 192 -10.15 -1.98 -2.41
CA ARG B 192 -11.49 -1.46 -2.20
C ARG B 192 -12.01 -1.85 -0.82
N ILE B 193 -12.80 -0.93 -0.24
CA ILE B 193 -13.31 -1.05 1.11
C ILE B 193 -14.75 -1.56 1.06
N LEU B 194 -15.10 -2.37 2.05
CA LEU B 194 -16.47 -2.73 2.36
C LEU B 194 -16.71 -2.56 3.87
N ALA B 195 -17.97 -2.36 4.25
CA ALA B 195 -18.37 -2.25 5.64
C ALA B 195 -19.25 -3.44 5.99
N VAL B 196 -18.88 -4.19 7.05
CA VAL B 196 -19.59 -5.42 7.40
C VAL B 196 -19.87 -5.47 8.90
N THR B 197 -20.99 -6.10 9.28
CA THR B 197 -21.32 -6.32 10.69
C THR B 197 -20.88 -7.73 11.12
N ASP B 198 -20.57 -7.87 12.41
CA ASP B 198 -20.36 -9.16 13.03
C ASP B 198 -20.58 -8.97 14.52
N PHE B 199 -21.58 -9.68 15.08
CA PHE B 199 -22.15 -9.35 16.37
C PHE B 199 -22.03 -10.42 17.44
N GLU B 200 -22.04 -11.69 17.07
CA GLU B 200 -22.09 -12.73 18.10
C GLU B 200 -20.86 -12.64 19.00
N PRO B 201 -21.03 -12.63 20.32
CA PRO B 201 -22.32 -12.60 21.01
C PRO B 201 -22.72 -11.22 21.53
N THR B 202 -21.74 -10.54 22.13
CA THR B 202 -21.97 -9.35 22.91
C THR B 202 -21.64 -8.07 22.15
N GLN B 203 -21.85 -8.05 20.83
CA GLN B 203 -21.35 -6.92 20.05
C GLN B 203 -22.41 -6.20 19.21
N ALA B 204 -23.68 -6.62 19.27
CA ALA B 204 -24.75 -5.84 18.65
C ALA B 204 -24.92 -4.47 19.30
N ARG B 205 -24.44 -4.29 20.51
CA ARG B 205 -24.45 -3.04 21.27
C ARG B 205 -23.36 -2.07 20.85
N MET B 206 -22.45 -2.49 19.97
CA MET B 206 -21.39 -1.64 19.42
C MET B 206 -21.79 -0.99 18.11
N ALA B 207 -23.01 -1.21 17.67
CA ALA B 207 -23.49 -0.71 16.39
C ALA B 207 -24.83 -0.01 16.46
N PHE B 208 -25.65 -0.26 17.50
CA PHE B 208 -26.84 0.50 17.84
C PHE B 208 -27.19 0.08 19.26
N PRO B 209 -27.65 0.99 20.11
CA PRO B 209 -27.99 0.59 21.48
C PRO B 209 -29.21 -0.30 21.44
N CYS B 210 -29.28 -1.22 22.37
CA CYS B 210 -30.36 -2.18 22.29
C CYS B 210 -30.34 -3.03 23.55
N PHE B 211 -31.47 -3.68 23.79
CA PHE B 211 -31.45 -4.79 24.74
C PHE B 211 -30.75 -5.95 24.04
N ASP B 212 -29.46 -6.12 24.34
CA ASP B 212 -28.60 -7.03 23.60
C ASP B 212 -28.45 -8.33 24.38
N GLU B 213 -29.54 -9.08 24.47
CA GLU B 213 -29.59 -10.36 25.19
C GLU B 213 -30.51 -11.29 24.43
N PRO B 214 -30.17 -12.58 24.33
CA PRO B 214 -30.84 -13.45 23.34
C PRO B 214 -32.32 -13.61 23.60
N LEU B 215 -32.73 -13.45 24.85
CA LEU B 215 -34.13 -13.59 25.19
C LEU B 215 -34.95 -12.42 24.67
N PHE B 216 -34.36 -11.23 24.63
CA PHE B 216 -35.09 -10.06 24.17
C PHE B 216 -35.29 -10.04 22.66
N LYS B 217 -35.92 -11.09 22.10
CA LYS B 217 -36.12 -11.19 20.65
C LYS B 217 -37.16 -10.17 20.18
N ALA B 218 -37.16 -9.90 18.89
CA ALA B 218 -38.00 -8.83 18.36
C ALA B 218 -37.83 -8.67 16.85
N ASN B 219 -38.59 -7.77 16.26
CA ASN B 219 -38.53 -7.53 14.83
C ASN B 219 -37.56 -6.39 14.51
N PHE B 220 -37.11 -6.35 13.27
CA PHE B 220 -36.13 -5.36 12.87
C PHE B 220 -36.51 -4.81 11.49
N SER B 221 -36.59 -3.48 11.40
CA SER B 221 -36.86 -2.76 10.17
C SER B 221 -35.63 -1.93 9.83
N ILE B 222 -34.89 -2.33 8.79
CA ILE B 222 -33.60 -1.73 8.44
C ILE B 222 -33.71 -0.96 7.13
N LYS B 223 -33.09 0.23 7.10
CA LYS B 223 -32.86 1.00 5.88
C LYS B 223 -31.40 1.43 5.85
N ILE B 224 -30.78 1.38 4.68
CA ILE B 224 -29.35 1.56 4.55
C ILE B 224 -29.08 2.53 3.40
N ARG B 225 -28.54 3.71 3.74
CA ARG B 225 -28.21 4.73 2.75
C ARG B 225 -26.84 4.46 2.16
N ARG B 226 -26.72 4.58 0.83
CA ARG B 226 -25.50 4.17 0.13
C ARG B 226 -25.22 5.11 -1.04
N GLU B 227 -24.04 4.97 -1.60
CA GLU B 227 -23.72 5.63 -2.84
C GLU B 227 -24.16 4.75 -4.01
N SER B 228 -24.22 5.35 -5.21
CA SER B 228 -24.59 4.60 -6.40
C SER B 228 -23.60 3.47 -6.67
N ARG B 229 -22.32 3.73 -6.47
CA ARG B 229 -21.30 2.74 -6.78
C ARG B 229 -21.31 1.54 -5.86
N HIS B 230 -22.17 1.51 -4.85
CA HIS B 230 -22.19 0.44 -3.86
C HIS B 230 -23.55 -0.26 -3.87
N ILE B 231 -23.58 -1.46 -3.29
CA ILE B 231 -24.84 -2.14 -3.02
C ILE B 231 -24.89 -2.45 -1.52
N ALA B 232 -26.11 -2.73 -1.04
CA ALA B 232 -26.36 -2.96 0.36
C ALA B 232 -27.21 -4.20 0.55
N LEU B 233 -26.81 -5.03 1.51
CA LEU B 233 -27.48 -6.29 1.82
C LEU B 233 -27.72 -6.33 3.32
N SER B 234 -28.85 -6.89 3.73
CA SER B 234 -29.12 -7.12 5.15
C SER B 234 -29.73 -8.50 5.27
N ASN B 235 -30.53 -8.71 6.32
CA ASN B 235 -31.00 -10.05 6.64
C ASN B 235 -31.95 -10.57 5.58
N MET B 236 -32.83 -9.73 5.07
CA MET B 236 -33.87 -10.17 4.18
C MET B 236 -33.92 -9.29 2.94
N PRO B 237 -34.59 -9.76 1.88
CA PRO B 237 -34.58 -9.04 0.60
C PRO B 237 -34.95 -7.57 0.61
N LYS B 238 -34.54 -6.87 -0.43
CA LYS B 238 -34.67 -5.43 -0.52
C LYS B 238 -35.91 -5.09 -1.36
N VAL B 239 -36.84 -4.35 -0.75
CA VAL B 239 -38.09 -4.01 -1.43
C VAL B 239 -37.90 -2.74 -2.28
N LYS B 240 -37.97 -1.55 -1.65
CA LYS B 240 -37.78 -0.27 -2.31
C LYS B 240 -36.29 0.09 -2.42
N THR B 241 -36.03 1.12 -3.21
CA THR B 241 -34.70 1.71 -3.30
C THR B 241 -34.88 3.15 -3.79
N ILE B 242 -34.73 4.09 -2.87
CA ILE B 242 -35.08 5.48 -3.10
C ILE B 242 -33.89 6.24 -3.66
N GLU B 243 -34.10 6.98 -4.76
CA GLU B 243 -33.12 7.92 -5.27
C GLU B 243 -33.28 9.24 -4.53
N LEU B 244 -32.25 9.65 -3.81
CA LEU B 244 -32.36 10.79 -2.92
C LEU B 244 -31.81 12.04 -3.58
N GLU B 245 -31.88 13.15 -2.84
CA GLU B 245 -31.57 14.45 -3.44
C GLU B 245 -30.11 14.53 -3.84
N GLY B 246 -29.21 14.21 -2.92
CA GLY B 246 -27.79 14.38 -3.18
C GLY B 246 -27.19 13.49 -4.26
N GLY B 247 -27.93 12.49 -4.72
CA GLY B 247 -27.36 11.43 -5.54
C GLY B 247 -27.12 10.15 -4.77
N LEU B 248 -27.37 10.16 -3.47
CA LEU B 248 -27.28 8.95 -2.68
C LEU B 248 -28.53 8.12 -2.90
N LEU B 249 -28.42 6.86 -2.53
CA LEU B 249 -29.56 5.98 -2.61
C LEU B 249 -29.89 5.51 -1.20
N GLU B 250 -31.10 5.01 -1.04
CA GLU B 250 -31.57 4.57 0.27
C GLU B 250 -32.37 3.31 0.03
N ASP B 251 -31.85 2.18 0.54
CA ASP B 251 -32.42 0.86 0.34
C ASP B 251 -33.23 0.47 1.59
N HIS B 252 -34.53 0.25 1.42
CA HIS B 252 -35.39 -0.18 2.52
C HIS B 252 -35.51 -1.69 2.47
N PHE B 253 -35.46 -2.34 3.63
CA PHE B 253 -35.40 -3.79 3.69
C PHE B 253 -36.64 -4.37 4.35
N GLU B 254 -36.99 -5.60 3.94
CA GLU B 254 -38.13 -6.29 4.52
C GLU B 254 -37.90 -6.57 6.00
N THR B 255 -38.95 -6.38 6.81
CA THR B 255 -38.85 -6.58 8.27
C THR B 255 -38.54 -8.04 8.60
N THR B 256 -37.79 -8.25 9.68
CA THR B 256 -37.41 -9.60 10.09
C THR B 256 -38.52 -10.27 10.89
N VAL B 257 -38.41 -11.58 11.02
CA VAL B 257 -39.16 -12.33 12.02
C VAL B 257 -38.58 -11.99 13.40
N LYS B 258 -39.17 -12.51 14.49
CA LYS B 258 -38.63 -12.24 15.82
C LYS B 258 -37.37 -13.06 16.02
N MET B 259 -36.24 -12.36 16.23
CA MET B 259 -34.92 -12.98 16.40
C MET B 259 -34.10 -12.18 17.43
N SER B 260 -33.00 -12.77 17.85
CA SER B 260 -32.19 -12.13 18.87
C SER B 260 -31.28 -11.10 18.22
N THR B 261 -30.82 -10.13 19.03
CA THR B 261 -30.11 -8.98 18.46
C THR B 261 -28.77 -9.36 17.85
N TYR B 262 -28.14 -10.46 18.29
CA TYR B 262 -26.81 -10.71 17.72
C TYR B 262 -26.84 -11.18 16.28
N LEU B 263 -28.02 -11.37 15.66
CA LEU B 263 -28.12 -11.90 14.30
C LEU B 263 -28.46 -10.87 13.25
N VAL B 264 -28.79 -9.63 13.66
CA VAL B 264 -28.92 -8.55 12.70
C VAL B 264 -27.65 -8.46 11.89
N ALA B 265 -27.78 -8.24 10.59
CA ALA B 265 -26.63 -7.89 9.80
C ALA B 265 -27.02 -6.82 8.81
N TYR B 266 -26.02 -6.01 8.41
CA TYR B 266 -26.09 -5.24 7.17
C TYR B 266 -24.68 -5.13 6.62
N ILE B 267 -24.57 -4.80 5.34
CA ILE B 267 -23.29 -4.73 4.65
C ILE B 267 -23.38 -3.72 3.51
N VAL B 268 -22.28 -3.01 3.26
CA VAL B 268 -22.15 -2.23 2.04
C VAL B 268 -20.84 -2.65 1.35
N CYS B 269 -20.89 -2.86 0.03
CA CYS B 269 -19.73 -3.41 -0.68
C CYS B 269 -19.92 -3.31 -2.20
N ASP B 270 -18.96 -3.90 -2.93
CA ASP B 270 -18.81 -3.76 -4.37
C ASP B 270 -19.02 -5.09 -5.10
N PHE B 271 -19.82 -5.99 -4.55
CA PHE B 271 -19.70 -7.40 -4.92
C PHE B 271 -20.68 -7.83 -6.01
N HIS B 272 -20.23 -8.76 -6.84
CA HIS B 272 -21.06 -9.50 -7.79
C HIS B 272 -21.42 -10.87 -7.24
N SER B 273 -22.48 -11.46 -7.81
CA SER B 273 -23.04 -12.70 -7.28
C SER B 273 -23.46 -13.67 -8.38
N LEU B 274 -23.68 -14.91 -7.96
CA LEU B 274 -24.39 -15.93 -8.72
C LEU B 274 -25.68 -16.28 -7.99
N SER B 275 -26.74 -16.46 -8.75
CA SER B 275 -28.07 -16.62 -8.19
C SER B 275 -28.63 -18.00 -8.54
N GLY B 276 -29.27 -18.62 -7.55
CA GLY B 276 -29.93 -19.89 -7.76
C GLY B 276 -31.12 -20.05 -6.84
N PHE B 277 -32.04 -20.95 -7.23
CA PHE B 277 -33.26 -21.23 -6.48
C PHE B 277 -33.27 -22.67 -5.99
N THR B 278 -33.59 -22.84 -4.71
CA THR B 278 -33.96 -24.13 -4.19
C THR B 278 -35.41 -24.44 -4.54
N SER B 279 -35.74 -25.73 -4.61
CA SER B 279 -37.07 -26.13 -5.05
C SER B 279 -38.15 -25.65 -4.10
N SER B 280 -37.87 -25.64 -2.79
CA SER B 280 -38.80 -25.14 -1.80
C SER B 280 -39.04 -23.64 -1.93
N GLY B 281 -38.31 -22.94 -2.80
CA GLY B 281 -38.67 -21.61 -3.22
C GLY B 281 -37.93 -20.44 -2.59
N VAL B 282 -36.65 -20.60 -2.23
CA VAL B 282 -35.82 -19.52 -1.71
C VAL B 282 -34.64 -19.28 -2.62
N LYS B 283 -34.29 -18.02 -2.83
CA LYS B 283 -33.21 -17.65 -3.73
C LYS B 283 -31.89 -17.63 -2.93
N VAL B 284 -31.01 -18.60 -3.22
CA VAL B 284 -29.65 -18.60 -2.65
C VAL B 284 -28.71 -17.96 -3.64
N SER B 285 -27.89 -17.04 -3.14
CA SER B 285 -27.04 -16.21 -4.00
C SER B 285 -25.76 -15.96 -3.24
N ILE B 286 -24.62 -16.19 -3.89
CA ILE B 286 -23.32 -16.19 -3.20
C ILE B 286 -22.45 -15.05 -3.75
N TYR B 287 -22.13 -14.08 -2.89
CA TYR B 287 -21.42 -12.88 -3.28
C TYR B 287 -19.94 -13.01 -2.99
N ALA B 288 -19.14 -12.25 -3.72
CA ALA B 288 -17.69 -12.22 -3.54
C ALA B 288 -17.13 -11.08 -4.38
N SER B 289 -15.87 -10.73 -4.09
CA SER B 289 -15.08 -9.79 -4.86
C SER B 289 -15.30 -10.05 -6.34
N PRO B 290 -15.38 -9.00 -7.18
CA PRO B 290 -15.73 -9.23 -8.58
C PRO B 290 -14.78 -10.18 -9.27
N ASP B 291 -13.49 -9.95 -9.11
CA ASP B 291 -12.52 -10.79 -9.77
C ASP B 291 -12.57 -12.24 -9.30
N LYS B 292 -13.19 -12.52 -8.15
CA LYS B 292 -13.20 -13.86 -7.57
C LYS B 292 -14.52 -14.60 -7.75
N ARG B 293 -15.44 -14.09 -8.57
CA ARG B 293 -16.72 -14.77 -8.71
C ARG B 293 -16.60 -16.11 -9.44
N ASN B 294 -15.50 -16.34 -10.18
CA ASN B 294 -15.27 -17.66 -10.78
C ASN B 294 -15.24 -18.75 -9.72
N GLN B 295 -14.79 -18.42 -8.50
CA GLN B 295 -14.59 -19.36 -7.40
C GLN B 295 -15.88 -19.70 -6.64
N THR B 296 -17.02 -19.17 -7.07
CA THR B 296 -18.26 -19.35 -6.33
C THR B 296 -19.07 -20.58 -6.73
N HIS B 297 -18.63 -21.32 -7.75
CA HIS B 297 -19.51 -22.33 -8.34
C HIS B 297 -19.74 -23.48 -7.38
N TYR B 298 -18.68 -23.95 -6.73
CA TYR B 298 -18.88 -25.10 -5.85
C TYR B 298 -19.81 -24.76 -4.70
N ALA B 299 -19.63 -23.58 -4.08
CA ALA B 299 -20.47 -23.22 -2.95
C ALA B 299 -21.94 -23.12 -3.32
N LEU B 300 -22.25 -22.69 -4.55
CA LEU B 300 -23.65 -22.64 -4.99
C LEU B 300 -24.21 -24.04 -5.13
N GLN B 301 -23.46 -24.92 -5.77
CA GLN B 301 -23.88 -26.31 -5.87
C GLN B 301 -24.09 -26.89 -4.48
N ALA B 302 -23.09 -26.75 -3.62
CA ALA B 302 -23.15 -27.42 -2.32
C ALA B 302 -24.20 -26.76 -1.43
N SER B 303 -24.33 -25.42 -1.50
CA SER B 303 -25.33 -24.75 -0.66
C SER B 303 -26.74 -25.10 -1.11
N LEU B 304 -26.96 -25.23 -2.42
CA LEU B 304 -28.27 -25.62 -2.91
C LEU B 304 -28.67 -27.00 -2.41
N LYS B 305 -27.87 -28.03 -2.72
CA LYS B 305 -28.18 -29.41 -2.31
C LYS B 305 -28.39 -29.53 -0.80
N LEU B 306 -27.57 -28.81 -0.01
CA LEU B 306 -27.57 -28.94 1.45
C LEU B 306 -28.82 -28.32 2.07
N LEU B 307 -29.20 -27.13 1.61
CA LEU B 307 -30.41 -26.50 2.14
C LEU B 307 -31.61 -27.42 1.95
N ASP B 308 -31.67 -28.12 0.80
CA ASP B 308 -32.79 -29.00 0.52
C ASP B 308 -32.83 -30.16 1.50
N PHE B 309 -31.68 -30.79 1.77
CA PHE B 309 -31.65 -31.83 2.79
C PHE B 309 -32.29 -31.34 4.08
N TYR B 310 -31.79 -30.23 4.62
CA TYR B 310 -32.33 -29.70 5.86
C TYR B 310 -33.84 -29.46 5.77
N GLU B 311 -34.31 -29.01 4.59
CA GLU B 311 -35.73 -28.74 4.40
C GLU B 311 -36.60 -29.97 4.69
N LYS B 312 -36.17 -31.15 4.22
CA LYS B 312 -36.88 -32.36 4.57
C LYS B 312 -36.52 -32.81 5.99
N TYR B 313 -35.22 -32.79 6.34
CA TYR B 313 -34.74 -33.55 7.48
C TYR B 313 -35.44 -33.13 8.79
N PHE B 314 -35.63 -31.84 9.01
CA PHE B 314 -36.67 -31.39 9.92
C PHE B 314 -37.74 -30.74 9.06
N ASP B 315 -39.00 -31.09 9.30
CA ASP B 315 -40.04 -30.65 8.38
C ASP B 315 -40.40 -29.21 8.69
N ILE B 316 -39.50 -28.32 8.26
CA ILE B 316 -39.70 -26.88 8.40
C ILE B 316 -39.05 -26.19 7.21
N TYR B 317 -39.81 -25.30 6.55
CA TYR B 317 -39.30 -24.54 5.41
C TYR B 317 -38.52 -23.32 5.90
N TYR B 318 -37.51 -22.95 5.13
CA TYR B 318 -36.76 -21.73 5.39
C TYR B 318 -37.71 -20.53 5.33
N PRO B 319 -37.91 -19.77 6.43
CA PRO B 319 -38.93 -18.72 6.41
C PRO B 319 -38.67 -17.58 5.43
N LEU B 320 -37.41 -17.20 5.19
CA LEU B 320 -37.08 -16.08 4.31
C LEU B 320 -37.15 -16.46 2.83
N SER B 321 -37.56 -15.48 2.02
CA SER B 321 -37.57 -15.66 0.57
C SER B 321 -36.17 -15.90 0.00
N LYS B 322 -35.14 -15.28 0.57
CA LYS B 322 -33.78 -15.40 0.06
C LYS B 322 -32.78 -15.53 1.18
N LEU B 323 -31.74 -16.34 0.91
CA LEU B 323 -30.58 -16.51 1.78
C LEU B 323 -29.33 -16.22 0.96
N ASP B 324 -28.38 -15.53 1.58
CA ASP B 324 -27.20 -15.01 0.90
C ASP B 324 -25.93 -15.47 1.63
N LEU B 325 -24.99 -16.05 0.88
CA LEU B 325 -23.66 -16.37 1.39
C LEU B 325 -22.65 -15.41 0.77
N ILE B 326 -21.62 -15.02 1.54
CA ILE B 326 -20.69 -13.99 1.03
C ILE B 326 -19.30 -14.20 1.65
N ALA B 327 -18.25 -13.99 0.85
CA ALA B 327 -16.87 -14.21 1.30
C ALA B 327 -16.28 -12.85 1.69
N ILE B 328 -16.23 -12.59 2.98
CA ILE B 328 -15.69 -11.33 3.50
C ILE B 328 -14.17 -11.45 3.56
N PRO B 329 -13.41 -10.48 3.03
CA PRO B 329 -11.93 -10.62 3.07
C PRO B 329 -11.34 -10.65 4.47
N ASP B 330 -11.68 -9.68 5.31
CA ASP B 330 -11.18 -9.65 6.69
C ASP B 330 -12.29 -10.14 7.60
N PHE B 331 -12.16 -11.35 8.10
CA PHE B 331 -13.26 -11.94 8.87
C PHE B 331 -12.67 -12.91 9.88
N ALA B 332 -12.92 -12.66 11.16
CA ALA B 332 -12.23 -13.45 12.20
C ALA B 332 -12.80 -14.84 12.34
N PRO B 333 -14.08 -15.03 12.54
CA PRO B 333 -14.54 -16.38 12.85
C PRO B 333 -14.48 -17.26 11.62
N GLY B 334 -14.87 -18.52 11.76
CA GLY B 334 -15.00 -19.36 10.58
C GLY B 334 -16.07 -18.85 9.63
N ALA B 335 -17.25 -18.57 10.16
CA ALA B 335 -18.37 -17.95 9.45
C ALA B 335 -19.39 -17.52 10.51
N MET B 336 -20.40 -16.76 10.09
CA MET B 336 -21.40 -16.27 11.04
C MET B 336 -22.79 -16.41 10.46
N GLU B 337 -23.69 -17.01 11.24
CA GLU B 337 -24.98 -17.50 10.77
C GLU B 337 -26.06 -16.42 10.75
N ASN B 338 -25.67 -15.17 10.46
CA ASN B 338 -26.63 -14.09 10.39
C ASN B 338 -27.77 -14.47 9.46
N TRP B 339 -29.00 -14.44 9.98
CA TRP B 339 -30.18 -14.96 9.28
C TRP B 339 -30.33 -14.41 7.87
N GLY B 340 -30.18 -15.29 6.88
CA GLY B 340 -30.30 -14.91 5.50
C GLY B 340 -29.07 -14.30 4.89
N LEU B 341 -28.09 -13.89 5.71
CA LEU B 341 -26.87 -13.25 5.22
C LEU B 341 -25.67 -13.87 5.96
N ILE B 342 -25.23 -15.03 5.44
CA ILE B 342 -24.12 -15.79 6.01
C ILE B 342 -22.80 -15.25 5.49
N THR B 343 -21.90 -14.94 6.41
CA THR B 343 -20.63 -14.29 6.12
C THR B 343 -19.49 -15.26 6.39
N TYR B 344 -18.62 -15.49 5.37
CA TYR B 344 -17.53 -16.48 5.42
C TYR B 344 -16.16 -15.85 5.20
N ARG B 345 -15.13 -16.49 5.76
CA ARG B 345 -13.78 -16.30 5.23
C ARG B 345 -13.70 -16.89 3.83
N GLU B 346 -12.96 -16.19 2.96
CA GLU B 346 -12.79 -16.71 1.61
C GLU B 346 -12.27 -18.13 1.65
N THR B 347 -11.40 -18.46 2.60
CA THR B 347 -10.92 -19.83 2.70
C THR B 347 -12.06 -20.82 2.98
N SER B 348 -13.23 -20.36 3.46
CA SER B 348 -14.33 -21.23 3.83
C SER B 348 -15.51 -21.17 2.86
N LEU B 349 -15.37 -20.58 1.70
CA LEU B 349 -16.53 -20.52 0.81
C LEU B 349 -16.12 -20.70 -0.65
N LEU B 350 -15.03 -20.06 -1.06
CA LEU B 350 -14.59 -20.11 -2.44
C LEU B 350 -13.82 -21.38 -2.73
N PHE B 351 -14.08 -21.94 -3.91
CA PHE B 351 -13.43 -23.17 -4.35
C PHE B 351 -12.89 -22.95 -5.75
N ASP B 352 -11.57 -22.94 -5.89
CA ASP B 352 -10.94 -22.86 -7.21
C ASP B 352 -10.28 -24.18 -7.56
N PRO B 353 -10.71 -24.82 -8.64
CA PRO B 353 -10.12 -26.12 -9.03
C PRO B 353 -8.63 -26.09 -9.30
N LYS B 354 -8.10 -25.03 -9.91
CA LYS B 354 -6.66 -24.99 -10.17
C LYS B 354 -5.85 -25.08 -8.88
N THR B 355 -6.40 -24.56 -7.77
CA THR B 355 -5.63 -24.31 -6.56
C THR B 355 -6.25 -24.91 -5.28
N SER B 356 -7.51 -25.33 -5.30
CA SER B 356 -8.14 -25.89 -4.11
C SER B 356 -7.94 -27.41 -4.06
N SER B 357 -7.51 -27.89 -2.90
CA SER B 357 -7.30 -29.31 -2.68
C SER B 357 -8.65 -30.04 -2.60
N ALA B 358 -8.57 -31.37 -2.71
CA ALA B 358 -9.71 -32.20 -2.38
C ALA B 358 -10.12 -31.99 -0.94
N SER B 359 -9.14 -31.88 -0.04
CA SER B 359 -9.42 -31.60 1.37
C SER B 359 -10.13 -30.27 1.54
N ASP B 360 -9.71 -29.25 0.77
CA ASP B 360 -10.37 -27.96 0.84
C ASP B 360 -11.86 -28.09 0.49
N LYS B 361 -12.19 -28.92 -0.52
CA LYS B 361 -13.60 -29.09 -0.86
C LYS B 361 -14.39 -29.68 0.31
N LEU B 362 -13.77 -30.58 1.09
CA LEU B 362 -14.42 -31.09 2.29
C LEU B 362 -14.63 -29.97 3.30
N TRP B 363 -13.59 -29.18 3.54
CA TRP B 363 -13.70 -28.10 4.53
C TRP B 363 -14.82 -27.14 4.15
N VAL B 364 -14.95 -26.82 2.85
CA VAL B 364 -15.95 -25.83 2.43
C VAL B 364 -17.35 -26.41 2.59
N THR B 365 -17.56 -27.61 2.04
CA THR B 365 -18.85 -28.24 2.18
C THR B 365 -19.21 -28.41 3.65
N ARG B 366 -18.20 -28.62 4.51
CA ARG B 366 -18.48 -28.74 5.93
C ARG B 366 -19.11 -27.47 6.45
N VAL B 367 -18.46 -26.32 6.21
CA VAL B 367 -18.85 -25.09 6.88
C VAL B 367 -20.04 -24.42 6.19
N ILE B 368 -20.26 -24.69 4.91
CA ILE B 368 -21.57 -24.37 4.35
C ILE B 368 -22.65 -25.15 5.10
N ALA B 369 -22.39 -26.44 5.39
CA ALA B 369 -23.36 -27.28 6.09
C ALA B 369 -23.59 -26.80 7.51
N HIS B 370 -22.51 -26.54 8.24
CA HIS B 370 -22.62 -26.08 9.62
C HIS B 370 -23.48 -24.82 9.71
N GLU B 371 -23.25 -23.86 8.80
CA GLU B 371 -23.88 -22.56 8.95
C GLU B 371 -25.35 -22.59 8.55
N LEU B 372 -25.73 -23.38 7.54
CA LEU B 372 -27.15 -23.55 7.23
C LEU B 372 -27.89 -24.22 8.39
N ALA B 373 -27.30 -25.27 8.98
CA ALA B 373 -27.86 -25.88 10.18
C ALA B 373 -28.22 -24.85 11.24
N HIS B 374 -27.43 -23.78 11.33
CA HIS B 374 -27.67 -22.75 12.32
C HIS B 374 -28.97 -21.99 12.06
N GLN B 375 -29.45 -21.96 10.81
CA GLN B 375 -30.73 -21.31 10.52
C GLN B 375 -31.85 -21.92 11.33
N TRP B 376 -31.65 -23.09 11.89
CA TRP B 376 -32.61 -23.69 12.80
C TRP B 376 -32.08 -23.78 14.23
N PHE B 377 -30.88 -24.33 14.44
CA PHE B 377 -30.29 -24.44 15.78
C PHE B 377 -29.56 -23.15 16.11
N GLY B 378 -30.33 -22.09 16.31
CA GLY B 378 -29.80 -20.76 16.57
C GLY B 378 -30.77 -19.67 16.18
N ASN B 379 -30.87 -19.41 14.88
CA ASN B 379 -31.69 -18.28 14.43
C ASN B 379 -33.15 -18.48 14.79
N LEU B 380 -33.74 -19.59 14.34
CA LEU B 380 -35.11 -19.93 14.65
C LEU B 380 -35.29 -20.07 16.16
N VAL B 381 -34.71 -21.11 16.74
CA VAL B 381 -34.73 -21.32 18.18
C VAL B 381 -33.32 -21.14 18.72
N THR B 382 -33.18 -20.28 19.70
CA THR B 382 -31.90 -19.96 20.29
C THR B 382 -32.01 -20.11 21.80
N MET B 383 -30.87 -20.30 22.46
CA MET B 383 -30.87 -20.48 23.91
C MET B 383 -31.48 -19.26 24.61
N GLU B 384 -31.75 -19.44 25.89
CA GLU B 384 -32.16 -18.31 26.71
C GLU B 384 -30.95 -17.45 27.13
N TRP B 385 -29.86 -18.09 27.53
CA TRP B 385 -28.67 -17.39 27.98
C TRP B 385 -27.46 -18.20 27.56
N TRP B 386 -26.29 -17.55 27.60
CA TRP B 386 -25.11 -18.13 26.95
C TRP B 386 -24.60 -19.40 27.65
N ASN B 387 -25.18 -19.80 28.79
CA ASN B 387 -24.70 -21.01 29.46
C ASN B 387 -25.03 -22.26 28.66
N ASP B 388 -26.26 -22.37 28.16
CA ASP B 388 -26.62 -23.41 27.21
C ASP B 388 -26.31 -23.01 25.77
N ILE B 389 -25.28 -22.16 25.55
CA ILE B 389 -24.83 -21.82 24.18
C ILE B 389 -24.64 -23.06 23.34
N TRP B 390 -24.25 -24.17 23.97
CA TRP B 390 -23.97 -25.40 23.23
C TRP B 390 -25.16 -25.84 22.40
N LEU B 391 -26.38 -25.44 22.80
CA LEU B 391 -27.56 -25.78 22.03
C LEU B 391 -27.42 -25.36 20.57
N ASN B 392 -26.97 -24.13 20.33
CA ASN B 392 -26.67 -23.71 18.96
C ASN B 392 -25.49 -24.50 18.40
N GLU B 393 -24.31 -24.28 18.97
CA GLU B 393 -23.10 -24.78 18.34
C GLU B 393 -23.06 -26.29 18.35
N GLY B 394 -23.22 -26.90 19.53
CA GLY B 394 -23.27 -28.34 19.65
C GLY B 394 -24.09 -29.04 18.59
N PHE B 395 -25.41 -28.84 18.60
CA PHE B 395 -26.26 -29.38 17.55
C PHE B 395 -25.75 -29.02 16.16
N ALA B 396 -25.28 -27.79 15.98
CA ALA B 396 -24.85 -27.39 14.65
C ALA B 396 -23.70 -28.27 14.17
N LYS B 397 -22.64 -28.38 14.96
CA LYS B 397 -21.50 -29.17 14.52
C LYS B 397 -21.85 -30.65 14.38
N TYR B 398 -22.92 -31.11 15.05
CA TYR B 398 -23.38 -32.48 14.84
C TYR B 398 -24.25 -32.59 13.58
N MET B 399 -25.00 -31.54 13.24
CA MET B 399 -25.73 -31.55 11.98
C MET B 399 -24.80 -31.60 10.79
N GLU B 400 -23.56 -31.12 10.96
CA GLU B 400 -22.52 -31.27 9.95
C GLU B 400 -22.49 -32.69 9.39
N LEU B 401 -22.16 -33.64 10.26
CA LEU B 401 -22.05 -35.05 9.87
C LEU B 401 -23.33 -35.56 9.21
N ILE B 402 -24.49 -35.33 9.85
CA ILE B 402 -25.76 -35.78 9.28
C ILE B 402 -25.92 -35.24 7.86
N ALA B 403 -25.72 -33.93 7.68
CA ALA B 403 -26.09 -33.28 6.42
C ALA B 403 -25.14 -33.64 5.29
N VAL B 404 -23.84 -33.52 5.51
CA VAL B 404 -22.90 -33.74 4.41
C VAL B 404 -22.88 -35.20 4.02
N ASN B 405 -23.17 -36.11 4.96
CA ASN B 405 -23.11 -37.54 4.67
C ASN B 405 -24.30 -37.99 3.84
N ALA B 406 -25.41 -37.26 3.92
CA ALA B 406 -26.58 -37.59 3.11
C ALA B 406 -26.70 -36.71 1.86
N THR B 407 -25.64 -36.01 1.49
CA THR B 407 -25.77 -35.04 0.41
C THR B 407 -24.49 -35.02 -0.40
N TYR B 408 -23.37 -35.13 0.29
CA TYR B 408 -22.07 -35.33 -0.34
C TYR B 408 -21.44 -36.60 0.21
N PRO B 409 -22.03 -37.76 -0.12
CA PRO B 409 -21.48 -39.03 0.37
C PRO B 409 -20.10 -39.33 -0.18
N GLU B 410 -19.80 -38.88 -1.41
CA GLU B 410 -18.48 -39.09 -2.01
C GLU B 410 -17.36 -38.58 -1.12
N LEU B 411 -17.61 -37.51 -0.36
CA LEU B 411 -16.59 -36.89 0.47
C LEU B 411 -16.34 -37.61 1.78
N GLN B 412 -16.98 -38.76 1.99
CA GLN B 412 -16.61 -39.74 3.02
C GLN B 412 -16.24 -39.06 4.34
N PHE B 413 -17.20 -38.30 4.86
CA PHE B 413 -16.97 -37.53 6.08
C PHE B 413 -17.19 -38.35 7.36
N ASP B 414 -18.08 -39.35 7.35
CA ASP B 414 -18.34 -40.14 8.55
C ASP B 414 -17.04 -40.70 9.12
N ASP B 415 -16.14 -41.14 8.23
CA ASP B 415 -14.88 -41.73 8.68
C ASP B 415 -14.05 -40.71 9.46
N TYR B 416 -14.07 -39.46 9.02
CA TYR B 416 -13.33 -38.37 9.65
C TYR B 416 -13.95 -37.91 10.97
N PHE B 417 -15.26 -38.08 11.17
CA PHE B 417 -15.95 -37.46 12.29
C PHE B 417 -15.42 -37.94 13.65
N LEU B 418 -14.86 -39.15 13.72
CA LEU B 418 -14.31 -39.56 15.01
C LEU B 418 -13.16 -38.66 15.44
N ASN B 419 -12.45 -38.06 14.47
CA ASN B 419 -11.35 -37.15 14.79
C ASN B 419 -11.84 -36.00 15.67
N VAL B 420 -13.08 -35.53 15.45
CA VAL B 420 -13.55 -34.35 16.16
C VAL B 420 -13.68 -34.64 17.65
N CYS B 421 -14.13 -35.85 18.00
CA CYS B 421 -14.44 -36.09 19.40
C CYS B 421 -13.25 -36.60 20.19
N PHE B 422 -12.35 -37.33 19.52
CA PHE B 422 -11.03 -37.59 20.08
C PHE B 422 -10.38 -36.30 20.58
N GLU B 423 -10.51 -35.22 19.81
CA GLU B 423 -9.84 -33.96 20.13
C GLU B 423 -10.33 -33.41 21.47
N VAL B 424 -11.64 -33.25 21.62
CA VAL B 424 -12.14 -32.59 22.82
C VAL B 424 -12.04 -33.50 24.04
N ILE B 425 -11.94 -34.82 23.85
CA ILE B 425 -11.73 -35.68 25.01
C ILE B 425 -10.39 -35.36 25.67
N THR B 426 -9.36 -35.07 24.86
CA THR B 426 -8.05 -34.76 25.42
C THR B 426 -8.02 -33.39 26.09
N LYS B 427 -8.98 -32.51 25.78
CA LYS B 427 -9.18 -31.32 26.61
C LYS B 427 -10.02 -31.65 27.85
N ASP B 428 -11.06 -32.50 27.71
CA ASP B 428 -11.96 -32.83 28.81
C ASP B 428 -11.35 -33.86 29.73
N SER B 429 -10.15 -34.32 29.45
CA SER B 429 -9.47 -35.29 30.28
C SER B 429 -8.63 -34.63 31.36
N LEU B 430 -8.56 -33.32 31.39
CA LEU B 430 -7.84 -32.61 32.44
C LEU B 430 -8.84 -32.03 33.44
N ASN B 431 -8.35 -31.62 34.62
CA ASN B 431 -9.26 -30.98 35.57
C ASN B 431 -9.83 -29.68 35.03
N SER B 432 -9.17 -29.05 34.04
CA SER B 432 -9.47 -27.67 33.63
C SER B 432 -10.77 -27.55 32.83
N SER B 433 -11.16 -28.59 32.10
CA SER B 433 -12.34 -28.47 31.25
C SER B 433 -13.60 -28.32 32.11
N ARG B 434 -14.61 -27.70 31.51
CA ARG B 434 -15.80 -27.26 32.22
C ARG B 434 -17.00 -28.13 31.88
N PRO B 435 -18.14 -27.92 32.52
CA PRO B 435 -19.38 -28.55 32.04
C PRO B 435 -19.97 -27.77 30.87
N ILE B 436 -20.63 -28.52 29.98
CA ILE B 436 -21.06 -27.98 28.69
C ILE B 436 -22.15 -26.93 28.83
N SER B 437 -22.95 -26.97 29.90
CA SER B 437 -23.77 -25.83 30.31
C SER B 437 -23.18 -25.31 31.61
N LYS B 438 -22.76 -24.05 31.60
CA LYS B 438 -22.06 -23.48 32.75
C LYS B 438 -22.34 -21.99 32.73
N PRO B 439 -22.61 -21.38 33.88
CA PRO B 439 -22.91 -19.95 33.88
C PRO B 439 -21.72 -19.13 33.41
N ALA B 440 -22.00 -18.09 32.62
CA ALA B 440 -21.01 -17.09 32.29
C ALA B 440 -21.72 -15.75 32.21
N GLU B 441 -21.11 -14.70 32.77
CA GLU B 441 -21.79 -13.41 32.81
C GLU B 441 -20.97 -12.28 32.20
N THR B 442 -19.64 -12.26 32.42
CA THR B 442 -18.82 -11.17 31.88
C THR B 442 -18.74 -11.27 30.35
N PRO B 443 -18.53 -10.15 29.65
CA PRO B 443 -18.44 -10.23 28.18
C PRO B 443 -17.43 -11.25 27.71
N THR B 444 -16.27 -11.24 28.34
CA THR B 444 -15.19 -12.16 27.99
C THR B 444 -15.46 -13.59 28.45
N GLN B 445 -16.23 -13.79 29.53
CA GLN B 445 -16.63 -15.14 29.92
C GLN B 445 -17.47 -15.79 28.81
N ILE B 446 -18.50 -15.08 28.35
CA ILE B 446 -19.34 -15.57 27.25
C ILE B 446 -18.48 -16.00 26.08
N GLN B 447 -17.51 -15.15 25.72
CA GLN B 447 -16.67 -15.47 24.57
C GLN B 447 -15.90 -16.77 24.79
N GLU B 448 -15.51 -17.03 26.03
CA GLU B 448 -14.73 -18.23 26.32
C GLU B 448 -15.51 -19.50 26.03
N MET B 449 -16.84 -19.46 26.16
CA MET B 449 -17.65 -20.65 25.98
C MET B 449 -18.00 -20.93 24.54
N PHE B 450 -17.24 -20.34 23.62
CA PHE B 450 -17.17 -20.81 22.23
C PHE B 450 -15.92 -21.64 22.03
N ASP B 451 -15.67 -22.54 22.98
CA ASP B 451 -14.54 -23.45 22.97
C ASP B 451 -14.98 -24.77 22.34
N GLU B 452 -14.09 -25.76 22.36
CA GLU B 452 -14.38 -27.09 21.83
C GLU B 452 -15.41 -27.86 22.67
N VAL B 453 -15.77 -27.37 23.86
CA VAL B 453 -16.65 -28.16 24.74
C VAL B 453 -18.09 -28.07 24.28
N SER B 454 -18.51 -26.89 23.82
CA SER B 454 -19.86 -26.70 23.32
C SER B 454 -19.98 -27.03 21.83
N TYR B 455 -18.87 -27.07 21.10
CA TYR B 455 -18.94 -27.43 19.68
C TYR B 455 -18.90 -28.93 19.51
N ASN B 456 -17.91 -29.60 20.13
CA ASN B 456 -17.60 -31.00 19.92
C ASN B 456 -18.25 -31.90 20.96
N LYS B 457 -17.91 -31.72 22.25
CA LYS B 457 -18.57 -32.50 23.30
C LYS B 457 -20.08 -32.45 23.16
N GLY B 458 -20.62 -31.26 22.90
CA GLY B 458 -22.03 -31.19 22.58
C GLY B 458 -22.39 -31.94 21.32
N ALA B 459 -21.48 -31.96 20.33
CA ALA B 459 -21.83 -32.60 19.07
C ALA B 459 -21.93 -34.10 19.22
N CYS B 460 -21.13 -34.68 20.13
CA CYS B 460 -21.07 -36.13 20.28
C CYS B 460 -21.92 -36.67 21.41
N ILE B 461 -22.05 -35.95 22.53
CA ILE B 461 -23.05 -36.43 23.47
C ILE B 461 -24.40 -36.42 22.80
N LEU B 462 -24.57 -35.64 21.73
CA LEU B 462 -25.69 -35.89 20.84
C LEU B 462 -25.53 -37.23 20.12
N ASN B 463 -24.36 -37.46 19.50
CA ASN B 463 -24.20 -38.65 18.66
C ASN B 463 -24.29 -39.93 19.47
N MET B 464 -23.96 -39.87 20.77
CA MET B 464 -24.11 -41.05 21.62
C MET B 464 -25.57 -41.37 21.88
N LEU B 465 -26.40 -40.34 21.97
CA LEU B 465 -27.82 -40.56 22.14
C LEU B 465 -28.51 -40.85 20.82
N LYS B 466 -27.91 -40.45 19.69
CA LYS B 466 -28.41 -40.93 18.41
C LYS B 466 -28.36 -42.45 18.38
N ASP B 467 -27.25 -43.03 18.87
CA ASP B 467 -27.15 -44.48 19.03
C ASP B 467 -28.26 -45.00 19.93
N PHE B 468 -28.26 -44.55 21.19
CA PHE B 468 -29.17 -45.08 22.21
C PHE B 468 -30.62 -45.03 21.74
N LEU B 469 -31.10 -43.85 21.36
CA LEU B 469 -32.51 -43.68 21.06
C LEU B 469 -32.86 -43.92 19.60
N GLY B 470 -31.88 -43.98 18.70
CA GLY B 470 -32.16 -44.32 17.31
C GLY B 470 -32.53 -43.16 16.40
N GLU B 471 -32.03 -43.20 15.15
CA GLU B 471 -32.24 -42.11 14.22
C GLU B 471 -33.72 -41.85 13.96
N GLU B 472 -34.56 -42.89 14.05
CA GLU B 472 -36.01 -42.73 13.88
C GLU B 472 -36.57 -41.83 14.98
N LYS B 473 -36.41 -42.25 16.24
CA LYS B 473 -36.98 -41.51 17.35
C LYS B 473 -36.27 -40.19 17.60
N PHE B 474 -35.00 -40.10 17.17
CA PHE B 474 -34.20 -38.88 17.35
C PHE B 474 -34.71 -37.74 16.47
N GLN B 475 -35.14 -38.06 15.24
CA GLN B 475 -35.60 -37.06 14.31
C GLN B 475 -36.98 -36.50 14.70
N LYS B 476 -37.92 -37.36 15.10
CA LYS B 476 -39.23 -36.88 15.54
C LYS B 476 -39.11 -35.93 16.72
N GLY B 477 -38.33 -36.32 17.74
CA GLY B 477 -38.09 -35.42 18.85
C GLY B 477 -37.41 -34.13 18.43
N ILE B 478 -36.51 -34.21 17.44
CA ILE B 478 -35.81 -33.03 16.94
C ILE B 478 -36.78 -32.07 16.28
N ILE B 479 -37.72 -32.61 15.50
CA ILE B 479 -38.73 -31.76 14.87
C ILE B 479 -39.78 -31.32 15.88
N GLN B 480 -40.04 -32.11 16.93
CA GLN B 480 -40.94 -31.61 17.97
C GLN B 480 -40.25 -30.54 18.80
N TYR B 481 -38.93 -30.59 18.88
CA TYR B 481 -38.15 -29.56 19.56
C TYR B 481 -38.33 -28.22 18.87
N LEU B 482 -37.83 -28.14 17.63
CA LEU B 482 -37.82 -26.89 16.87
C LEU B 482 -39.19 -26.21 16.88
N LYS B 483 -40.22 -26.93 16.41
CA LYS B 483 -41.53 -26.33 16.26
C LYS B 483 -42.15 -25.94 17.61
N LYS B 484 -41.69 -26.54 18.72
CA LYS B 484 -42.17 -26.18 20.05
C LYS B 484 -41.58 -24.85 20.52
N PHE B 485 -40.37 -24.51 20.08
CA PHE B 485 -39.71 -23.28 20.49
C PHE B 485 -39.37 -22.39 19.30
N SER B 486 -40.09 -22.53 18.19
CA SER B 486 -39.88 -21.66 17.05
C SER B 486 -40.08 -20.20 17.44
N TYR B 487 -39.17 -19.35 16.97
CA TYR B 487 -39.23 -17.91 17.17
C TYR B 487 -39.28 -17.53 18.65
N ARG B 488 -38.78 -18.39 19.52
CA ARG B 488 -38.61 -18.05 20.93
C ARG B 488 -37.28 -18.66 21.37
N ASN B 489 -37.11 -18.86 22.67
CA ASN B 489 -35.88 -19.37 23.25
C ASN B 489 -36.14 -20.66 24.00
N ALA B 490 -35.05 -21.30 24.44
CA ALA B 490 -35.11 -22.65 25.00
C ALA B 490 -33.95 -22.88 25.97
N LYS B 491 -34.27 -23.35 27.18
CA LYS B 491 -33.27 -23.66 28.19
C LYS B 491 -32.71 -25.07 27.96
N ASN B 492 -31.62 -25.41 28.66
CA ASN B 492 -30.99 -26.72 28.47
C ASN B 492 -31.95 -27.88 28.75
N ASP B 493 -32.73 -27.80 29.84
CA ASP B 493 -33.72 -28.83 30.12
C ASP B 493 -34.68 -29.00 28.94
N ASP B 494 -35.05 -27.90 28.28
CA ASP B 494 -36.10 -27.97 27.27
C ASP B 494 -35.72 -28.89 26.12
N LEU B 495 -34.42 -29.12 25.90
CA LEU B 495 -34.02 -29.92 24.74
C LEU B 495 -34.13 -31.39 25.03
N TRP B 496 -33.58 -31.82 26.17
CA TRP B 496 -33.73 -33.21 26.57
C TRP B 496 -35.19 -33.54 26.80
N SER B 497 -35.96 -32.57 27.32
CA SER B 497 -37.37 -32.79 27.61
C SER B 497 -38.13 -33.18 26.34
N SER B 498 -38.10 -32.32 25.32
CA SER B 498 -38.74 -32.65 24.05
C SER B 498 -38.10 -33.86 23.39
N LEU B 499 -36.87 -34.19 23.77
CA LEU B 499 -36.16 -35.31 23.17
C LEU B 499 -36.71 -36.66 23.66
N SER B 500 -37.25 -36.68 24.87
CA SER B 500 -37.74 -37.91 25.49
C SER B 500 -39.13 -38.28 24.98
N ASN B 501 -39.95 -37.29 24.64
CA ASN B 501 -41.31 -37.52 24.14
C ASN B 501 -41.24 -37.72 22.62
N SER B 502 -40.83 -38.93 22.24
CA SER B 502 -40.85 -39.34 20.84
C SER B 502 -41.76 -40.55 20.62
N CYS B 503 -42.55 -40.95 21.61
CA CYS B 503 -43.55 -42.01 21.47
C CYS B 503 -42.93 -43.34 21.01
N ASN B 531 -39.00 -44.18 31.37
CA ASN B 531 -39.43 -43.34 30.26
C ASN B 531 -38.74 -41.96 30.27
N ALA B 532 -38.91 -41.22 31.37
CA ALA B 532 -38.17 -39.98 31.60
C ALA B 532 -36.86 -40.22 32.34
N GLU B 533 -36.28 -41.41 32.15
CA GLU B 533 -34.95 -41.73 32.67
C GLU B 533 -33.84 -41.12 31.83
N VAL B 534 -34.13 -40.69 30.60
CA VAL B 534 -33.10 -40.10 29.76
C VAL B 534 -32.76 -38.66 30.18
N LYS B 535 -33.67 -38.00 30.89
CA LYS B 535 -33.32 -36.71 31.49
C LYS B 535 -32.24 -36.91 32.55
N GLU B 536 -32.51 -37.77 33.53
CA GLU B 536 -31.51 -38.08 34.56
C GLU B 536 -30.16 -38.47 33.94
N MET B 537 -30.19 -39.26 32.86
CA MET B 537 -28.94 -39.75 32.26
C MET B 537 -28.18 -38.63 31.59
N MET B 538 -28.87 -37.79 30.83
CA MET B 538 -28.18 -36.68 30.20
C MET B 538 -27.82 -35.57 31.19
N THR B 539 -28.45 -35.55 32.37
CA THR B 539 -28.08 -34.57 33.39
C THR B 539 -26.62 -34.73 33.81
N THR B 540 -26.24 -35.95 34.19
CA THR B 540 -24.85 -36.22 34.53
C THR B 540 -23.88 -35.74 33.46
N TRP B 541 -24.29 -35.80 32.18
CA TRP B 541 -23.39 -35.50 31.08
C TRP B 541 -23.19 -34.02 30.87
N THR B 542 -24.28 -33.25 30.80
CA THR B 542 -24.19 -31.83 30.49
C THR B 542 -23.81 -31.01 31.71
N LEU B 543 -24.38 -31.32 32.88
CA LEU B 543 -24.28 -30.45 34.04
C LEU B 543 -23.01 -30.63 34.90
N GLN B 544 -22.09 -31.52 34.52
CA GLN B 544 -20.81 -31.52 35.23
C GLN B 544 -19.73 -32.14 34.36
N LYS B 545 -18.50 -31.69 34.61
CA LYS B 545 -17.40 -31.74 33.66
C LYS B 545 -16.92 -33.17 33.45
N GLY B 546 -15.97 -33.30 32.52
CA GLY B 546 -15.16 -34.49 32.44
C GLY B 546 -15.69 -35.53 31.47
N ILE B 547 -15.10 -36.71 31.61
CA ILE B 547 -15.29 -37.88 30.75
C ILE B 547 -15.04 -39.13 31.59
N PRO B 548 -15.99 -40.03 31.73
CA PRO B 548 -15.73 -41.27 32.50
C PRO B 548 -14.88 -42.28 31.75
N LEU B 549 -14.17 -43.09 32.55
CA LEU B 549 -13.44 -44.27 32.09
C LEU B 549 -14.09 -45.51 32.67
N LEU B 550 -14.24 -46.54 31.83
CA LEU B 550 -14.95 -47.75 32.19
C LEU B 550 -13.94 -48.86 32.42
N VAL B 551 -13.78 -49.28 33.66
CA VAL B 551 -12.92 -50.42 33.96
C VAL B 551 -13.77 -51.69 33.89
N VAL B 552 -13.21 -52.73 33.26
CA VAL B 552 -13.89 -53.99 33.01
C VAL B 552 -12.99 -55.11 33.54
N LYS B 553 -13.51 -55.90 34.46
CA LYS B 553 -12.80 -57.02 35.06
C LYS B 553 -13.39 -58.32 34.54
N GLN B 554 -12.53 -59.22 33.99
CA GLN B 554 -12.97 -60.54 33.51
C GLN B 554 -11.96 -61.61 33.95
N ASP B 555 -11.95 -61.88 35.26
CA ASP B 555 -11.16 -62.97 35.84
C ASP B 555 -12.00 -64.24 35.81
N GLY B 556 -11.59 -65.20 34.97
CA GLY B 556 -12.46 -66.27 34.56
C GLY B 556 -13.32 -65.78 33.40
N CYS B 557 -14.62 -65.63 33.63
CA CYS B 557 -15.52 -65.06 32.62
C CYS B 557 -16.49 -64.05 33.22
N SER B 558 -16.37 -63.74 34.52
CA SER B 558 -17.30 -62.85 35.20
C SER B 558 -16.93 -61.37 34.95
N LEU B 559 -17.83 -60.61 34.30
CA LEU B 559 -17.54 -59.23 33.87
C LEU B 559 -18.10 -58.19 34.85
N ARG B 560 -17.22 -57.34 35.39
CA ARG B 560 -17.56 -56.40 36.45
C ARG B 560 -17.15 -55.00 36.03
N LEU B 561 -18.03 -54.03 36.30
CA LEU B 561 -17.87 -52.68 35.75
C LEU B 561 -17.82 -51.66 36.88
N GLN B 562 -16.75 -50.87 36.90
CA GLN B 562 -16.57 -49.77 37.85
C GLN B 562 -16.20 -48.52 37.04
N GLN B 563 -16.91 -47.42 37.29
CA GLN B 563 -16.74 -46.20 36.51
C GLN B 563 -16.10 -45.12 37.37
N GLU B 564 -14.94 -44.65 36.96
CA GLU B 564 -14.23 -43.58 37.62
C GLU B 564 -13.98 -42.46 36.61
N ARG B 565 -13.72 -41.27 37.12
CA ARG B 565 -13.48 -40.14 36.23
C ARG B 565 -12.08 -40.25 35.59
N PHE B 566 -12.04 -40.25 34.25
CA PHE B 566 -10.78 -40.25 33.52
C PHE B 566 -9.96 -39.01 33.88
N LEU B 567 -8.65 -39.13 33.69
CA LEU B 567 -7.75 -37.99 33.81
C LEU B 567 -6.45 -38.33 33.08
N GLN B 568 -5.55 -37.35 33.01
CA GLN B 568 -4.21 -37.54 32.45
C GLN B 568 -3.20 -36.73 33.27
N GLY B 569 -2.44 -37.43 34.12
CA GLY B 569 -1.45 -36.80 34.98
C GLY B 569 -1.40 -37.36 36.39
N VAL B 570 -2.44 -38.08 36.81
CA VAL B 570 -2.56 -38.60 38.17
C VAL B 570 -2.99 -40.06 38.09
N PHE B 571 -2.20 -40.95 38.71
CA PHE B 571 -2.33 -42.39 38.51
C PHE B 571 -2.79 -43.14 39.77
N GLN B 572 -3.48 -42.45 40.68
CA GLN B 572 -4.03 -43.03 41.90
C GLN B 572 -2.97 -43.36 42.93
N GLU B 573 -1.71 -43.58 42.49
CA GLU B 573 -0.59 -43.56 43.42
C GLU B 573 -0.45 -42.19 44.07
N ASP B 574 -0.54 -41.13 43.29
CA ASP B 574 -0.59 -39.78 43.85
C ASP B 574 -1.91 -39.59 44.58
N PRO B 575 -1.90 -39.17 45.85
CA PRO B 575 -3.15 -39.01 46.60
C PRO B 575 -4.15 -38.03 45.97
N GLU B 576 -3.72 -37.25 44.95
CA GLU B 576 -4.60 -36.37 44.20
C GLU B 576 -5.88 -37.07 43.76
N TRP B 577 -5.71 -38.17 43.03
CA TRP B 577 -6.78 -39.02 42.52
C TRP B 577 -7.93 -39.22 43.51
N ARG B 578 -7.59 -39.44 44.79
CA ARG B 578 -8.61 -39.73 45.79
C ARG B 578 -9.67 -38.65 45.86
N ALA B 579 -9.27 -37.39 46.04
CA ALA B 579 -10.20 -36.29 46.27
C ALA B 579 -10.60 -35.54 45.00
N LEU B 580 -10.05 -35.90 43.84
CA LEU B 580 -10.37 -35.27 42.57
C LEU B 580 -11.64 -35.87 41.92
N GLN B 581 -12.48 -36.53 42.72
CA GLN B 581 -13.76 -37.03 42.22
C GLN B 581 -14.70 -37.33 43.37
N GLU B 582 -15.29 -36.31 43.99
CA GLU B 582 -16.06 -36.55 45.20
C GLU B 582 -17.56 -36.71 44.93
N ARG B 583 -18.07 -36.25 43.79
CA ARG B 583 -19.47 -36.43 43.46
C ARG B 583 -19.65 -36.91 42.03
N TYR B 584 -18.72 -37.72 41.53
CA TYR B 584 -18.55 -37.88 40.10
C TYR B 584 -18.94 -39.29 39.65
N LEU B 585 -20.21 -39.45 39.26
CA LEU B 585 -20.70 -40.67 38.61
C LEU B 585 -21.52 -40.28 37.39
N TRP B 586 -21.59 -41.21 36.44
CA TRP B 586 -22.28 -40.99 35.17
C TRP B 586 -23.25 -42.13 34.88
N HIS B 587 -24.29 -41.81 34.13
CA HIS B 587 -25.19 -42.80 33.56
C HIS B 587 -24.70 -43.04 32.13
N ILE B 588 -23.74 -43.95 31.98
CA ILE B 588 -23.20 -44.25 30.66
C ILE B 588 -24.06 -45.30 29.97
N PRO B 589 -24.40 -45.10 28.68
CA PRO B 589 -24.94 -46.19 27.87
C PRO B 589 -23.80 -47.00 27.29
N LEU B 590 -23.77 -48.30 27.60
CA LEU B 590 -22.67 -49.15 27.18
C LEU B 590 -23.11 -50.03 26.02
N THR B 591 -22.13 -50.40 25.18
CA THR B 591 -22.36 -51.29 24.05
C THR B 591 -21.16 -52.23 23.94
N TYR B 592 -21.42 -53.53 24.00
CA TYR B 592 -20.36 -54.53 23.95
C TYR B 592 -20.59 -55.52 22.83
N SER B 593 -19.47 -56.06 22.33
CA SER B 593 -19.43 -56.86 21.11
C SER B 593 -18.52 -58.06 21.36
N THR B 594 -19.09 -59.28 21.37
CA THR B 594 -18.30 -60.49 21.52
C THR B 594 -17.64 -60.86 20.20
N SER B 595 -16.82 -61.92 20.24
CA SER B 595 -15.89 -62.17 19.14
C SER B 595 -16.62 -62.55 17.86
N SER B 596 -17.61 -63.45 17.94
CA SER B 596 -18.22 -64.02 16.74
C SER B 596 -19.64 -63.56 16.44
N SER B 597 -20.39 -63.10 17.44
CA SER B 597 -21.75 -62.63 17.19
C SER B 597 -21.71 -61.24 16.55
N ASN B 598 -22.25 -61.14 15.34
CA ASN B 598 -22.34 -59.85 14.67
C ASN B 598 -23.17 -58.87 15.50
N VAL B 599 -24.30 -59.33 16.05
CA VAL B 599 -25.14 -58.42 16.83
C VAL B 599 -24.49 -58.15 18.18
N ILE B 600 -24.68 -56.93 18.68
CA ILE B 600 -24.04 -56.45 19.90
C ILE B 600 -25.12 -55.95 20.85
N HIS B 601 -24.84 -56.02 22.16
CA HIS B 601 -25.86 -55.85 23.17
C HIS B 601 -25.68 -54.56 23.96
N ARG B 602 -26.80 -54.00 24.43
CA ARG B 602 -26.85 -52.71 25.12
C ARG B 602 -27.16 -52.89 26.60
N HIS B 603 -26.69 -51.94 27.42
CA HIS B 603 -27.14 -51.76 28.80
C HIS B 603 -26.74 -50.37 29.25
N ILE B 604 -27.35 -49.94 30.35
CA ILE B 604 -27.22 -48.59 30.88
C ILE B 604 -26.64 -48.69 32.29
N LEU B 605 -25.45 -48.09 32.51
CA LEU B 605 -24.73 -48.19 33.78
C LEU B 605 -24.97 -46.93 34.62
N LYS B 606 -25.72 -47.09 35.71
CA LYS B 606 -26.21 -45.97 36.53
C LYS B 606 -25.58 -45.93 37.92
N SER B 607 -24.74 -46.89 38.28
CA SER B 607 -24.14 -46.93 39.60
C SER B 607 -22.63 -47.09 39.47
N LYS B 608 -21.92 -46.68 40.52
CA LYS B 608 -20.47 -46.81 40.55
C LYS B 608 -20.03 -48.23 40.18
N THR B 609 -20.65 -49.25 40.77
CA THR B 609 -20.28 -50.64 40.57
C THR B 609 -21.45 -51.46 40.04
N ASP B 610 -21.16 -52.38 39.12
CA ASP B 610 -22.17 -53.26 38.53
C ASP B 610 -21.46 -54.36 37.77
N THR B 611 -22.25 -55.31 37.24
CA THR B 611 -21.76 -56.58 36.71
C THR B 611 -22.77 -57.13 35.71
N LEU B 612 -22.28 -58.01 34.82
CA LEU B 612 -23.09 -58.84 33.92
C LEU B 612 -22.16 -59.90 33.32
N ASP B 613 -22.74 -60.85 32.58
CA ASP B 613 -21.96 -61.86 31.89
C ASP B 613 -22.70 -62.30 30.62
N LEU B 614 -21.99 -63.08 29.78
CA LEU B 614 -22.31 -63.49 28.42
C LEU B 614 -22.89 -64.90 28.36
N PRO B 615 -23.62 -65.23 27.28
CA PRO B 615 -24.10 -66.61 27.10
C PRO B 615 -22.99 -67.55 26.64
N GLU B 616 -22.18 -67.12 25.67
CA GLU B 616 -21.11 -67.92 25.11
C GLU B 616 -19.75 -67.37 25.53
N LYS B 617 -18.83 -68.28 25.86
CA LYS B 617 -17.45 -67.90 26.17
C LYS B 617 -16.66 -67.81 24.88
N THR B 618 -16.15 -66.62 24.58
CA THR B 618 -15.45 -66.35 23.33
C THR B 618 -14.13 -65.64 23.62
N SER B 619 -13.30 -65.55 22.58
CA SER B 619 -11.92 -65.09 22.73
C SER B 619 -11.85 -63.70 23.37
N TRP B 620 -12.44 -62.71 22.70
CA TRP B 620 -12.46 -61.33 23.18
C TRP B 620 -13.87 -60.76 23.07
N VAL B 621 -14.10 -59.67 23.80
CA VAL B 621 -15.33 -58.90 23.72
C VAL B 621 -15.00 -57.42 23.82
N LYS B 622 -15.38 -56.64 22.82
CA LYS B 622 -15.03 -55.23 22.73
C LYS B 622 -16.20 -54.37 23.21
N PHE B 623 -15.93 -53.51 24.19
CA PHE B 623 -16.84 -52.44 24.62
C PHE B 623 -16.63 -51.20 23.76
N ASN B 624 -17.68 -50.37 23.68
CA ASN B 624 -17.68 -49.15 22.88
C ASN B 624 -17.52 -49.50 21.40
N VAL B 625 -18.52 -50.20 20.88
CA VAL B 625 -18.51 -50.54 19.47
C VAL B 625 -18.73 -49.28 18.64
N ASP B 626 -17.91 -49.13 17.59
CA ASP B 626 -17.81 -47.97 16.71
C ASP B 626 -17.30 -46.71 17.42
N SER B 627 -17.03 -46.79 18.73
CA SER B 627 -16.59 -45.69 19.60
C SER B 627 -17.65 -44.60 19.76
N ASN B 628 -18.92 -44.95 19.55
CA ASN B 628 -20.09 -44.10 19.60
C ASN B 628 -20.45 -43.63 21.02
N GLY B 629 -19.64 -43.87 22.05
CA GLY B 629 -19.99 -43.39 23.37
C GLY B 629 -18.88 -42.58 23.99
N TYR B 630 -19.22 -41.44 24.57
CA TYR B 630 -18.22 -40.53 25.14
C TYR B 630 -17.67 -41.19 26.38
N TYR B 631 -16.84 -42.20 26.17
CA TYR B 631 -16.13 -42.87 27.25
C TYR B 631 -14.96 -43.63 26.63
N ILE B 632 -14.02 -43.99 27.48
CA ILE B 632 -12.87 -44.80 27.11
C ILE B 632 -12.98 -46.12 27.86
N VAL B 633 -12.59 -47.21 27.21
CA VAL B 633 -12.78 -48.53 27.79
C VAL B 633 -11.42 -49.08 28.23
N HIS B 634 -11.40 -49.72 29.41
CA HIS B 634 -10.18 -50.24 30.04
C HIS B 634 -10.45 -51.63 30.58
N TYR B 635 -9.92 -52.65 29.92
CA TYR B 635 -10.10 -54.02 30.38
C TYR B 635 -8.90 -54.44 31.23
N GLU B 636 -9.16 -55.01 32.39
CA GLU B 636 -8.07 -55.40 33.26
C GLU B 636 -7.55 -56.78 32.89
N GLY B 637 -6.31 -57.04 33.26
CA GLY B 637 -5.75 -58.36 33.04
C GLY B 637 -5.46 -58.60 31.57
N HIS B 638 -5.66 -59.85 31.14
CA HIS B 638 -5.34 -60.33 29.80
C HIS B 638 -6.36 -59.93 28.75
N GLY B 639 -7.30 -59.04 29.06
CA GLY B 639 -8.27 -58.62 28.07
C GLY B 639 -7.64 -57.76 26.97
N TRP B 640 -6.70 -56.89 27.35
CA TRP B 640 -6.07 -56.01 26.37
C TRP B 640 -5.20 -56.80 25.39
N ASP B 641 -4.28 -57.62 25.91
CA ASP B 641 -3.33 -58.33 25.06
C ASP B 641 -3.99 -59.40 24.20
N GLN B 642 -5.18 -59.87 24.58
CA GLN B 642 -5.96 -60.71 23.68
C GLN B 642 -6.41 -59.90 22.47
N LEU B 643 -6.87 -58.67 22.70
CA LEU B 643 -7.22 -57.79 21.58
C LEU B 643 -6.00 -57.44 20.72
N ILE B 644 -4.87 -57.12 21.37
CA ILE B 644 -3.69 -56.67 20.64
C ILE B 644 -3.27 -57.70 19.61
N THR B 645 -3.26 -58.99 20.00
CA THR B 645 -2.85 -60.03 19.07
C THR B 645 -3.86 -60.24 17.95
N GLN B 646 -5.15 -60.08 18.24
CA GLN B 646 -6.16 -60.38 17.23
C GLN B 646 -6.12 -59.39 16.07
N LEU B 647 -5.61 -58.17 16.29
CA LEU B 647 -5.48 -57.24 15.18
C LEU B 647 -4.29 -57.57 14.29
N ASN B 648 -3.21 -58.10 14.86
CA ASN B 648 -2.10 -58.59 14.03
C ASN B 648 -2.54 -59.82 13.23
N GLN B 649 -3.23 -60.75 13.87
CA GLN B 649 -3.75 -61.95 13.23
C GLN B 649 -4.72 -61.61 12.10
N ASN B 650 -5.95 -61.24 12.46
CA ASN B 650 -6.96 -60.87 11.48
C ASN B 650 -7.58 -59.56 11.93
N HIS B 651 -7.18 -58.46 11.31
CA HIS B 651 -7.80 -57.20 11.67
C HIS B 651 -9.22 -57.10 11.13
N THR B 652 -9.50 -57.80 10.02
CA THR B 652 -10.84 -57.79 9.40
C THR B 652 -11.92 -58.21 10.39
N LEU B 653 -11.56 -59.02 11.39
CA LEU B 653 -12.55 -59.51 12.34
C LEU B 653 -13.12 -58.40 13.22
N LEU B 654 -12.53 -57.21 13.20
CA LEU B 654 -13.01 -56.11 14.03
C LEU B 654 -13.48 -54.96 13.14
N ARG B 655 -14.69 -54.47 13.39
CA ARG B 655 -15.29 -53.44 12.56
C ARG B 655 -14.29 -52.30 12.38
N PRO B 656 -14.22 -51.69 11.18
CA PRO B 656 -13.17 -50.68 10.96
C PRO B 656 -13.24 -49.49 11.90
N LYS B 657 -14.44 -49.07 12.32
CA LYS B 657 -14.53 -48.01 13.32
C LYS B 657 -14.06 -48.47 14.70
N ASP B 658 -14.00 -49.78 14.93
CA ASP B 658 -13.43 -50.30 16.19
C ASP B 658 -11.92 -50.16 16.22
N ARG B 659 -11.25 -50.49 15.10
CA ARG B 659 -9.79 -50.46 15.07
C ARG B 659 -9.27 -49.04 15.33
N VAL B 660 -9.83 -48.05 14.65
CA VAL B 660 -9.46 -46.68 14.96
C VAL B 660 -9.87 -46.36 16.40
N GLY B 661 -11.04 -46.87 16.82
CA GLY B 661 -11.45 -46.67 18.21
C GLY B 661 -10.44 -47.26 19.17
N LEU B 662 -10.04 -48.50 18.91
CA LEU B 662 -9.04 -49.18 19.74
C LEU B 662 -7.70 -48.44 19.71
N ILE B 663 -7.25 -48.07 18.51
CA ILE B 663 -5.90 -47.52 18.39
C ILE B 663 -5.76 -46.23 19.20
N HIS B 664 -6.83 -45.45 19.30
CA HIS B 664 -6.77 -44.21 20.08
C HIS B 664 -6.85 -44.48 21.57
N ASP B 665 -7.65 -45.48 21.96
CA ASP B 665 -7.90 -45.67 23.38
C ASP B 665 -6.71 -46.28 24.10
N VAL B 666 -5.92 -47.10 23.41
CA VAL B 666 -4.76 -47.69 24.06
C VAL B 666 -3.74 -46.61 24.38
N PHE B 667 -3.60 -45.62 23.49
CA PHE B 667 -2.61 -44.58 23.67
C PHE B 667 -3.00 -43.59 24.77
N GLN B 668 -4.26 -43.19 24.79
CA GLN B 668 -4.71 -42.26 25.82
C GLN B 668 -4.62 -42.90 27.20
N LEU B 669 -4.71 -44.22 27.28
CA LEU B 669 -4.52 -44.91 28.54
C LEU B 669 -3.06 -44.97 28.95
N VAL B 670 -2.14 -44.78 28.01
CA VAL B 670 -0.72 -44.64 28.36
C VAL B 670 -0.45 -43.24 28.94
N GLY B 671 -1.07 -42.21 28.37
CA GLY B 671 -1.08 -40.93 29.03
C GLY B 671 -1.76 -41.01 30.39
N ALA B 672 -2.80 -41.83 30.49
CA ALA B 672 -3.45 -42.08 31.78
C ALA B 672 -2.51 -42.74 32.77
N GLY B 673 -1.47 -43.42 32.30
CA GLY B 673 -0.59 -44.09 33.23
C GLY B 673 -1.15 -45.34 33.86
N ARG B 674 -2.23 -45.90 33.32
CA ARG B 674 -2.69 -47.23 33.70
C ARG B 674 -2.11 -48.32 32.81
N LEU B 675 -1.44 -47.95 31.72
CA LEU B 675 -0.72 -48.87 30.84
C LEU B 675 0.62 -48.21 30.46
N THR B 676 1.51 -49.00 29.86
CA THR B 676 2.88 -48.58 29.57
C THR B 676 3.11 -48.49 28.06
N LEU B 677 4.00 -47.54 27.68
CA LEU B 677 4.23 -47.18 26.29
C LEU B 677 5.12 -48.16 25.53
N ASP B 678 5.68 -49.17 26.20
CA ASP B 678 6.39 -50.22 25.46
C ASP B 678 5.39 -51.08 24.67
N LYS B 679 4.43 -51.69 25.38
CA LYS B 679 3.36 -52.48 24.79
C LYS B 679 2.29 -51.63 24.10
N ALA B 680 2.39 -50.30 24.19
CA ALA B 680 1.55 -49.43 23.37
C ALA B 680 2.07 -49.34 21.94
N LEU B 681 3.39 -49.24 21.77
CA LEU B 681 3.98 -49.31 20.44
C LEU B 681 3.67 -50.63 19.77
N ASP B 682 3.63 -51.73 20.51
CA ASP B 682 3.02 -52.96 20.01
C ASP B 682 1.68 -52.63 19.36
N MET B 683 1.51 -53.11 18.13
CA MET B 683 0.47 -52.73 17.16
C MET B 683 1.00 -51.79 16.09
N THR B 684 2.17 -51.19 16.29
CA THR B 684 2.76 -50.41 15.19
C THR B 684 2.97 -51.28 13.96
N TYR B 685 3.43 -52.50 14.16
CA TYR B 685 3.42 -53.50 13.10
C TYR B 685 1.98 -53.77 12.71
N TYR B 686 1.78 -54.15 11.44
CA TYR B 686 0.54 -54.62 10.82
C TYR B 686 -0.19 -53.50 10.11
N LEU B 687 0.11 -52.25 10.45
CA LEU B 687 -0.52 -51.16 9.74
C LEU B 687 -0.27 -51.26 8.24
N GLN B 688 0.87 -51.86 7.86
CA GLN B 688 1.08 -52.29 6.48
C GLN B 688 -0.10 -53.12 6.00
N HIS B 689 -0.61 -54.01 6.84
CA HIS B 689 -1.76 -54.82 6.50
C HIS B 689 -3.08 -54.15 6.88
N GLU B 690 -3.03 -52.94 7.46
CA GLU B 690 -4.24 -52.16 7.75
C GLU B 690 -4.72 -51.47 6.47
N THR B 691 -5.96 -51.74 6.08
CA THR B 691 -6.48 -51.37 4.78
C THR B 691 -7.39 -50.14 4.83
N SER B 692 -8.26 -50.03 5.83
CA SER B 692 -9.14 -48.87 5.95
C SER B 692 -8.31 -47.70 6.45
N SER B 693 -8.14 -46.68 5.60
CA SER B 693 -7.24 -45.57 5.92
C SER B 693 -7.62 -44.77 7.17
N PRO B 694 -8.91 -44.55 7.53
CA PRO B 694 -9.21 -43.88 8.82
C PRO B 694 -8.43 -44.43 10.01
N ALA B 695 -8.43 -45.75 10.20
CA ALA B 695 -7.56 -46.33 11.22
C ALA B 695 -6.09 -46.33 10.81
N LEU B 696 -5.75 -46.22 9.52
CA LEU B 696 -4.36 -46.24 9.09
C LEU B 696 -3.65 -44.94 9.44
N LEU B 697 -4.24 -43.81 9.02
CA LEU B 697 -3.60 -42.54 9.29
C LEU B 697 -3.63 -42.24 10.79
N GLU B 698 -4.73 -42.57 11.46
CA GLU B 698 -4.81 -42.34 12.90
C GLU B 698 -3.65 -43.02 13.61
N GLY B 699 -3.31 -44.23 13.19
CA GLY B 699 -2.13 -44.89 13.74
C GLY B 699 -0.85 -44.12 13.46
N LEU B 700 -0.64 -43.76 12.20
CA LEU B 700 0.55 -43.00 11.86
C LEU B 700 0.44 -41.56 12.37
N SER B 701 -0.78 -41.04 12.53
CA SER B 701 -0.93 -39.73 13.14
C SER B 701 -0.30 -39.67 14.52
N TYR B 702 -0.44 -40.74 15.31
CA TYR B 702 0.27 -40.79 16.57
C TYR B 702 1.76 -40.95 16.38
N LEU B 703 2.19 -41.67 15.34
CA LEU B 703 3.61 -41.90 15.10
C LEU B 703 4.34 -40.59 14.87
N GLU B 704 3.82 -39.73 13.99
CA GLU B 704 4.50 -38.47 13.71
C GLU B 704 4.49 -37.55 14.92
N SER B 705 3.48 -37.67 15.79
CA SER B 705 3.48 -36.91 17.05
C SER B 705 4.82 -37.05 17.73
N PHE B 706 5.28 -38.31 17.86
CA PHE B 706 6.46 -38.59 18.65
C PHE B 706 7.74 -38.02 18.02
N TYR B 707 7.90 -38.17 16.69
CA TYR B 707 9.05 -37.57 16.02
C TYR B 707 9.12 -36.08 16.27
N HIS B 708 7.98 -35.40 16.21
CA HIS B 708 7.98 -33.95 16.29
C HIS B 708 8.23 -33.46 17.72
N MET B 709 7.83 -34.22 18.74
CA MET B 709 8.17 -33.78 20.08
C MET B 709 9.63 -34.04 20.41
N MET B 710 10.24 -35.07 19.82
CA MET B 710 11.64 -35.35 20.12
C MET B 710 12.62 -34.65 19.19
N ASP B 711 12.19 -34.28 17.97
CA ASP B 711 13.04 -33.47 17.10
C ASP B 711 12.96 -31.99 17.45
N ARG B 712 11.83 -31.52 18.01
CA ARG B 712 11.77 -30.14 18.50
C ARG B 712 12.68 -29.96 19.71
N ARG B 713 12.91 -31.02 20.46
CA ARG B 713 13.98 -31.05 21.44
C ARG B 713 15.29 -31.43 20.75
N ASN B 714 16.39 -30.84 21.24
CA ASN B 714 17.68 -31.01 20.57
C ASN B 714 18.05 -32.48 20.44
N ILE B 715 17.68 -33.30 21.42
CA ILE B 715 18.12 -34.70 21.44
C ILE B 715 17.47 -35.47 20.29
N SER B 716 18.26 -36.32 19.63
CA SER B 716 17.78 -37.05 18.46
C SER B 716 18.21 -38.52 18.45
N ASP B 717 18.53 -39.12 19.61
CA ASP B 717 18.60 -40.58 19.69
C ASP B 717 17.23 -41.20 19.49
N ILE B 718 16.28 -40.87 20.37
CA ILE B 718 14.92 -41.37 20.25
C ILE B 718 14.29 -40.93 18.94
N SER B 719 14.70 -39.76 18.44
CA SER B 719 14.27 -39.34 17.10
C SER B 719 14.97 -40.16 16.02
N GLU B 720 16.27 -40.42 16.17
CA GLU B 720 17.01 -41.16 15.12
C GLU B 720 16.38 -42.53 14.86
N ASN B 721 16.13 -43.30 15.92
CA ASN B 721 15.49 -44.61 15.75
C ASN B 721 14.12 -44.47 15.11
N LEU B 722 13.47 -43.32 15.31
CA LEU B 722 12.14 -43.09 14.77
C LEU B 722 12.18 -42.73 13.29
N LYS B 723 13.18 -41.94 12.88
CA LYS B 723 13.27 -41.50 11.49
C LYS B 723 13.15 -42.65 10.51
N ARG B 724 13.78 -43.79 10.81
CA ARG B 724 14.00 -44.82 9.81
C ARG B 724 13.01 -45.97 9.87
N TYR B 725 12.37 -46.21 11.01
CA TYR B 725 11.41 -47.31 11.05
C TYR B 725 10.34 -47.13 9.99
N LEU B 726 9.84 -45.90 9.83
CA LEU B 726 8.65 -45.69 9.02
C LEU B 726 8.92 -45.42 7.54
N LEU B 727 10.13 -45.02 7.14
CA LEU B 727 10.43 -44.99 5.71
C LEU B 727 10.80 -46.38 5.19
N GLN B 728 11.61 -47.14 5.93
CA GLN B 728 11.89 -48.52 5.56
C GLN B 728 10.60 -49.33 5.53
N TYR B 729 9.78 -49.20 6.57
CA TYR B 729 8.42 -49.70 6.57
C TYR B 729 7.56 -48.85 5.64
N PHE B 730 6.42 -49.40 5.23
CA PHE B 730 5.48 -48.70 4.34
C PHE B 730 6.14 -48.17 3.09
N LYS B 731 7.32 -48.65 2.70
CA LYS B 731 7.86 -48.24 1.41
C LYS B 731 7.00 -48.72 0.25
N PRO B 732 6.25 -49.84 0.33
CA PRO B 732 5.20 -50.10 -0.67
C PRO B 732 4.19 -48.97 -0.81
N VAL B 733 3.43 -48.67 0.27
CA VAL B 733 2.41 -47.63 0.17
C VAL B 733 3.02 -46.26 -0.10
N ILE B 734 4.23 -46.01 0.41
CA ILE B 734 4.84 -44.71 0.15
C ILE B 734 5.20 -44.57 -1.32
N ASP B 735 5.76 -45.62 -1.93
CA ASP B 735 6.04 -45.56 -3.35
C ASP B 735 4.82 -45.86 -4.23
N ARG B 736 3.70 -46.30 -3.63
CA ARG B 736 2.47 -46.57 -4.37
C ARG B 736 1.65 -45.30 -4.66
N GLN B 737 2.19 -44.08 -4.57
CA GLN B 737 1.39 -42.86 -4.59
C GLN B 737 1.80 -41.94 -5.74
N SER B 738 0.87 -41.72 -6.68
CA SER B 738 1.10 -40.99 -7.93
C SER B 738 0.75 -39.52 -7.75
N TRP B 739 1.69 -38.64 -8.10
CA TRP B 739 1.56 -37.21 -7.84
C TRP B 739 0.60 -36.56 -8.84
N SER B 740 -0.69 -36.80 -8.62
CA SER B 740 -1.76 -36.08 -9.32
C SER B 740 -3.06 -36.38 -8.61
N ASP B 741 -4.06 -35.51 -8.85
CA ASP B 741 -5.31 -35.49 -8.11
C ASP B 741 -6.21 -36.69 -8.36
N LYS B 742 -5.94 -37.48 -9.40
CA LYS B 742 -6.80 -38.60 -9.73
C LYS B 742 -6.84 -39.58 -8.58
N GLY B 743 -8.04 -40.02 -8.24
CA GLY B 743 -8.22 -41.00 -7.18
C GLY B 743 -9.43 -40.59 -6.37
N SER B 744 -9.99 -41.57 -5.67
CA SER B 744 -11.17 -41.31 -4.87
C SER B 744 -10.81 -40.46 -3.65
N VAL B 745 -11.84 -39.99 -2.94
CA VAL B 745 -11.66 -38.88 -2.02
C VAL B 745 -10.70 -39.23 -0.90
N TRP B 746 -10.90 -40.38 -0.26
CA TRP B 746 -9.93 -40.80 0.76
C TRP B 746 -8.63 -41.26 0.12
N ASP B 747 -8.69 -41.74 -1.13
CA ASP B 747 -7.46 -42.06 -1.84
C ASP B 747 -6.64 -40.80 -2.11
N ARG B 748 -7.30 -39.64 -2.23
CA ARG B 748 -6.62 -38.38 -2.53
C ARG B 748 -5.98 -37.76 -1.30
N MET B 749 -6.67 -37.80 -0.15
CA MET B 749 -6.09 -37.28 1.09
C MET B 749 -4.86 -38.09 1.50
N LEU B 750 -4.97 -39.42 1.49
CA LEU B 750 -3.82 -40.26 1.82
C LEU B 750 -2.60 -39.88 1.02
N ARG B 751 -2.79 -39.59 -0.27
CA ARG B 751 -1.69 -39.32 -1.20
C ARG B 751 -0.90 -38.06 -0.82
N SER B 752 -1.56 -37.04 -0.25
CA SER B 752 -0.84 -35.86 0.22
C SER B 752 -0.46 -35.97 1.69
N ALA B 753 -1.21 -36.72 2.49
CA ALA B 753 -0.76 -37.03 3.84
C ALA B 753 0.58 -37.74 3.79
N LEU B 754 0.68 -38.79 2.97
CA LEU B 754 1.90 -39.57 2.87
C LEU B 754 3.06 -38.72 2.36
N LEU B 755 2.89 -38.11 1.19
CA LEU B 755 4.01 -37.44 0.53
C LEU B 755 4.52 -36.26 1.34
N LYS B 756 3.63 -35.60 2.09
CA LYS B 756 4.08 -34.65 3.10
C LYS B 756 5.00 -35.32 4.09
N LEU B 757 4.56 -36.45 4.66
CA LEU B 757 5.32 -37.16 5.68
C LEU B 757 6.51 -37.93 5.11
N ALA B 758 6.97 -37.57 3.91
CA ALA B 758 8.20 -38.10 3.36
C ALA B 758 9.26 -37.03 3.15
N CYS B 759 8.87 -35.82 2.78
CA CYS B 759 9.81 -34.71 2.61
C CYS B 759 10.12 -34.02 3.93
N ASP B 760 9.29 -34.22 4.96
CA ASP B 760 9.62 -33.69 6.29
C ASP B 760 10.89 -34.36 6.81
N LEU B 761 11.12 -35.59 6.40
CA LEU B 761 12.37 -36.29 6.64
C LEU B 761 13.31 -36.00 5.47
N ASN B 762 14.48 -35.42 5.78
CA ASN B 762 15.41 -34.90 4.78
C ASN B 762 16.00 -35.99 3.89
N HIS B 763 15.15 -36.63 3.07
CA HIS B 763 15.55 -37.75 2.23
C HIS B 763 14.40 -38.09 1.29
N ALA B 764 14.56 -39.23 0.59
CA ALA B 764 13.66 -39.79 -0.41
C ALA B 764 13.76 -38.99 -1.70
N PRO B 765 13.39 -39.60 -2.85
CA PRO B 765 13.34 -38.84 -4.11
C PRO B 765 12.30 -37.73 -4.10
N CYS B 766 11.41 -37.70 -3.11
CA CYS B 766 10.38 -36.65 -3.05
C CYS B 766 11.01 -35.26 -3.10
N ILE B 767 12.06 -35.02 -2.31
CA ILE B 767 12.71 -33.71 -2.28
C ILE B 767 13.25 -33.34 -3.65
N GLN B 768 13.77 -34.32 -4.39
CA GLN B 768 14.31 -34.03 -5.73
C GLN B 768 13.19 -33.87 -6.77
N LYS B 769 12.14 -34.68 -6.69
CA LYS B 769 11.01 -34.54 -7.62
C LYS B 769 10.34 -33.18 -7.47
N ALA B 770 9.86 -32.87 -6.27
CA ALA B 770 9.29 -31.56 -5.99
C ALA B 770 10.23 -30.46 -6.46
N ALA B 771 11.54 -30.66 -6.28
CA ALA B 771 12.50 -29.60 -6.57
C ALA B 771 12.44 -29.19 -8.03
N GLU B 772 12.29 -30.16 -8.94
CA GLU B 772 12.31 -29.83 -10.37
C GLU B 772 10.94 -29.37 -10.89
N LEU B 773 9.86 -29.74 -10.21
CA LEU B 773 8.56 -29.17 -10.59
C LEU B 773 8.34 -27.80 -9.97
N PHE B 774 8.90 -27.54 -8.79
CA PHE B 774 8.99 -26.15 -8.31
C PHE B 774 9.91 -25.34 -9.21
N SER B 775 11.09 -25.90 -9.55
CA SER B 775 12.08 -25.18 -10.36
C SER B 775 11.65 -25.05 -11.82
N GLN B 776 10.75 -25.90 -12.30
CA GLN B 776 10.12 -25.66 -13.60
C GLN B 776 9.00 -24.63 -13.49
N TRP B 777 8.08 -24.82 -12.53
CA TRP B 777 6.96 -23.89 -12.34
C TRP B 777 7.45 -22.48 -12.00
N MET B 778 8.55 -22.37 -11.24
CA MET B 778 9.08 -21.06 -10.85
C MET B 778 9.46 -20.25 -12.09
N GLU B 779 10.02 -20.92 -13.09
CA GLU B 779 10.34 -20.31 -14.37
C GLU B 779 9.31 -20.62 -15.44
N SER B 780 8.26 -21.38 -15.11
CA SER B 780 7.24 -21.70 -16.09
C SER B 780 6.41 -20.45 -16.43
N SER B 781 6.48 -20.02 -17.68
CA SER B 781 5.63 -18.94 -18.15
C SER B 781 4.19 -19.39 -18.38
N GLY B 782 3.95 -20.69 -18.53
CA GLY B 782 2.61 -21.17 -18.77
C GLY B 782 1.98 -21.65 -17.50
N LYS B 783 2.49 -21.16 -16.37
CA LYS B 783 2.02 -21.52 -15.03
C LYS B 783 1.72 -23.02 -14.97
N LEU B 784 2.75 -23.80 -15.26
CA LEU B 784 2.67 -25.26 -15.27
C LEU B 784 1.89 -25.78 -14.08
N ASN B 785 0.74 -26.39 -14.36
CA ASN B 785 -0.17 -26.84 -13.31
C ASN B 785 0.52 -27.85 -12.40
N ILE B 786 0.52 -27.54 -11.10
CA ILE B 786 0.93 -28.46 -10.05
C ILE B 786 -0.35 -29.02 -9.42
N PRO B 787 -0.46 -30.34 -9.22
CA PRO B 787 -1.72 -30.91 -8.72
C PRO B 787 -2.10 -30.34 -7.36
N THR B 788 -3.41 -30.13 -7.20
CA THR B 788 -3.93 -29.49 -5.98
C THR B 788 -3.49 -30.26 -4.74
N ASP B 789 -3.82 -31.55 -4.69
CA ASP B 789 -3.49 -32.35 -3.51
C ASP B 789 -2.00 -32.27 -3.16
N VAL B 790 -1.11 -32.18 -4.15
CA VAL B 790 0.32 -32.13 -3.86
C VAL B 790 0.83 -30.71 -3.65
N LEU B 791 -0.03 -29.70 -3.75
CA LEU B 791 0.45 -28.34 -3.98
C LEU B 791 1.22 -27.77 -2.78
N LYS B 792 0.86 -28.18 -1.55
CA LYS B 792 1.48 -27.59 -0.37
C LYS B 792 2.96 -27.93 -0.27
N ILE B 793 3.34 -29.18 -0.61
CA ILE B 793 4.72 -29.63 -0.39
C ILE B 793 5.69 -28.94 -1.37
N VAL B 794 5.27 -28.73 -2.62
CA VAL B 794 6.16 -28.13 -3.60
C VAL B 794 6.50 -26.70 -3.20
N TYR B 795 5.52 -25.95 -2.71
CA TYR B 795 5.80 -24.61 -2.18
C TYR B 795 6.61 -24.69 -0.88
N SER B 796 6.45 -25.78 -0.13
CA SER B 796 7.02 -25.85 1.22
C SER B 796 8.53 -26.11 1.19
N VAL B 797 8.97 -27.14 0.45
CA VAL B 797 10.40 -27.41 0.37
C VAL B 797 11.08 -26.37 -0.52
N GLY B 798 10.40 -25.90 -1.57
CA GLY B 798 10.96 -24.88 -2.42
C GLY B 798 11.26 -23.58 -1.72
N ALA B 799 10.67 -23.35 -0.54
CA ALA B 799 10.93 -22.16 0.27
C ALA B 799 12.24 -22.23 1.05
N GLN B 800 12.92 -23.38 1.06
CA GLN B 800 14.17 -23.47 1.79
C GLN B 800 15.38 -22.95 1.00
N THR B 801 15.28 -22.84 -0.33
CA THR B 801 16.19 -21.94 -1.03
C THR B 801 15.81 -20.49 -0.73
N THR B 802 16.81 -19.68 -0.38
CA THR B 802 16.59 -18.29 0.00
C THR B 802 15.97 -17.47 -1.12
N ALA B 803 15.95 -18.00 -2.34
CA ALA B 803 15.40 -17.29 -3.49
C ALA B 803 14.06 -17.82 -3.95
N GLY B 804 13.77 -19.11 -3.76
CA GLY B 804 12.43 -19.60 -4.03
C GLY B 804 11.43 -19.02 -3.06
N TRP B 805 11.82 -18.92 -1.79
CA TRP B 805 10.98 -18.28 -0.76
C TRP B 805 10.54 -16.88 -1.21
N ASN B 806 11.49 -16.05 -1.67
CA ASN B 806 11.15 -14.69 -2.09
C ASN B 806 10.31 -14.68 -3.36
N TYR B 807 10.37 -15.75 -4.17
CA TYR B 807 9.45 -15.82 -5.30
C TYR B 807 8.04 -16.19 -4.83
N LEU B 808 7.94 -17.01 -3.78
CA LEU B 808 6.63 -17.41 -3.27
C LEU B 808 5.94 -16.27 -2.52
N LEU B 809 6.70 -15.53 -1.69
CA LEU B 809 6.18 -14.32 -1.05
C LEU B 809 5.68 -13.32 -2.09
N GLU B 810 6.46 -13.08 -3.15
CA GLU B 810 5.99 -12.20 -4.22
C GLU B 810 4.77 -12.78 -4.93
N GLN B 811 4.70 -14.10 -5.05
CA GLN B 811 3.56 -14.70 -5.71
C GLN B 811 2.32 -14.64 -4.83
N TYR B 812 2.49 -14.82 -3.50
CA TYR B 812 1.39 -14.65 -2.56
C TYR B 812 0.58 -13.39 -2.85
N GLU B 813 1.26 -12.26 -3.03
CA GLU B 813 0.55 -11.00 -3.17
C GLU B 813 -0.43 -11.05 -4.33
N LEU B 814 0.04 -11.44 -5.51
CA LEU B 814 -0.84 -11.36 -6.66
C LEU B 814 -1.93 -12.43 -6.65
N SER B 815 -1.63 -13.63 -6.14
CA SER B 815 -2.51 -14.78 -6.29
C SER B 815 -3.94 -14.46 -5.90
N MET B 816 -4.87 -14.77 -6.80
CA MET B 816 -6.27 -14.42 -6.59
C MET B 816 -7.02 -15.43 -5.75
N SER B 817 -6.37 -16.50 -5.31
CA SER B 817 -7.04 -17.48 -4.47
C SER B 817 -6.49 -17.37 -3.06
N SER B 818 -7.35 -17.01 -2.11
CA SER B 818 -6.97 -17.08 -0.71
C SER B 818 -6.63 -18.51 -0.32
N ALA B 819 -7.18 -19.50 -1.04
CA ALA B 819 -6.83 -20.90 -0.82
C ALA B 819 -5.34 -21.15 -1.05
N GLU B 820 -4.80 -20.59 -2.13
CA GLU B 820 -3.37 -20.74 -2.41
C GLU B 820 -2.52 -19.92 -1.43
N GLN B 821 -2.95 -18.69 -1.12
CA GLN B 821 -2.29 -17.87 -0.11
C GLN B 821 -2.07 -18.66 1.18
N ASN B 822 -3.11 -19.38 1.61
CA ASN B 822 -3.06 -20.12 2.87
C ASN B 822 -1.93 -21.13 2.85
N LYS B 823 -1.68 -21.75 1.70
CA LYS B 823 -0.62 -22.74 1.63
C LYS B 823 0.76 -22.10 1.51
N ILE B 824 0.88 -21.11 0.62
CA ILE B 824 2.13 -20.34 0.52
C ILE B 824 2.55 -19.80 1.88
N LEU B 825 1.61 -19.18 2.58
CA LEU B 825 1.85 -18.79 3.96
C LEU B 825 2.46 -19.93 4.76
N TYR B 826 1.78 -21.09 4.77
CA TYR B 826 2.40 -22.26 5.40
C TYR B 826 3.78 -22.52 4.82
N ALA B 827 3.89 -22.48 3.49
CA ALA B 827 5.18 -22.75 2.86
C ALA B 827 6.27 -21.86 3.43
N LEU B 828 5.99 -20.55 3.53
CA LEU B 828 7.00 -19.62 4.03
C LEU B 828 7.38 -19.95 5.48
N SER B 829 6.41 -20.34 6.29
CA SER B 829 6.72 -20.55 7.70
C SER B 829 7.67 -21.71 7.92
N THR B 830 7.85 -22.60 6.93
CA THR B 830 8.75 -23.74 7.05
C THR B 830 10.20 -23.39 6.76
N SER B 831 10.51 -22.12 6.50
CA SER B 831 11.87 -21.74 6.14
C SER B 831 12.80 -21.84 7.35
N LYS B 832 14.10 -22.00 7.02
CA LYS B 832 15.16 -22.22 8.00
C LYS B 832 15.91 -20.95 8.38
N HIS B 833 15.75 -19.87 7.62
CA HIS B 833 16.21 -18.56 8.07
C HIS B 833 15.28 -18.04 9.17
N GLN B 834 15.82 -17.79 10.38
CA GLN B 834 14.99 -17.22 11.43
C GLN B 834 14.59 -15.80 11.08
N GLU B 835 15.40 -15.11 10.30
CA GLU B 835 15.11 -13.74 9.92
C GLU B 835 13.92 -13.66 8.99
N LYS B 836 13.67 -14.71 8.20
CA LYS B 836 12.55 -14.73 7.25
C LYS B 836 11.26 -15.24 7.88
N LEU B 837 11.36 -15.96 9.00
CA LEU B 837 10.19 -16.24 9.81
C LEU B 837 9.69 -14.97 10.48
N LEU B 838 10.61 -14.14 10.99
CA LEU B 838 10.20 -12.95 11.76
C LEU B 838 9.52 -11.90 10.88
N LYS B 839 10.07 -11.65 9.69
CA LYS B 839 9.42 -10.69 8.79
C LYS B 839 8.12 -11.24 8.25
N LEU B 840 8.01 -12.56 8.15
CA LEU B 840 6.70 -13.17 7.97
C LEU B 840 5.76 -12.72 9.07
N ILE B 841 6.27 -12.62 10.30
CA ILE B 841 5.45 -12.23 11.45
C ILE B 841 5.16 -10.75 11.40
N GLU B 842 6.20 -9.91 11.38
CA GLU B 842 5.95 -8.48 11.50
C GLU B 842 5.19 -7.95 10.29
N LEU B 843 5.18 -8.70 9.18
CA LEU B 843 4.33 -8.33 8.05
C LEU B 843 2.87 -8.61 8.36
N GLY B 844 2.60 -9.75 9.01
CA GLY B 844 1.25 -10.02 9.48
C GLY B 844 0.81 -9.08 10.59
N MET B 845 1.77 -8.54 11.37
CA MET B 845 1.43 -7.59 12.43
C MET B 845 0.99 -6.25 11.87
N GLU B 846 1.39 -5.91 10.64
CA GLU B 846 0.93 -4.70 9.96
C GLU B 846 -0.33 -4.93 9.17
N GLY B 847 -0.73 -6.18 8.97
CA GLY B 847 -2.01 -6.51 8.36
C GLY B 847 -2.17 -6.10 6.91
N LYS B 848 -1.18 -5.42 6.29
CA LYS B 848 -1.36 -5.01 4.90
C LYS B 848 -1.24 -6.19 3.94
N VAL B 849 -0.03 -6.75 3.80
CA VAL B 849 0.15 -7.80 2.81
C VAL B 849 -0.44 -9.13 3.27
N ILE B 850 -0.02 -9.61 4.46
CA ILE B 850 -0.63 -10.79 5.08
C ILE B 850 -1.70 -10.30 6.05
N LYS B 851 -2.97 -10.56 5.75
CA LYS B 851 -4.03 -9.99 6.57
C LYS B 851 -3.91 -10.45 8.02
N THR B 852 -4.16 -9.52 8.95
CA THR B 852 -4.03 -9.84 10.37
C THR B 852 -4.95 -10.94 10.84
N GLN B 853 -5.99 -11.29 10.08
CA GLN B 853 -6.75 -12.49 10.46
C GLN B 853 -5.83 -13.71 10.49
N ASN B 854 -4.90 -13.79 9.55
CA ASN B 854 -4.01 -14.92 9.44
C ASN B 854 -2.90 -14.92 10.48
N LEU B 855 -2.96 -14.06 11.50
CA LEU B 855 -1.81 -13.95 12.41
C LEU B 855 -1.76 -15.14 13.36
N ALA B 856 -2.89 -15.48 13.95
CA ALA B 856 -2.92 -16.53 14.94
C ALA B 856 -2.50 -17.85 14.34
N ALA B 857 -2.98 -18.16 13.14
CA ALA B 857 -2.53 -19.38 12.49
C ALA B 857 -1.06 -19.27 12.11
N LEU B 858 -0.57 -18.06 11.81
CA LEU B 858 0.81 -17.94 11.38
C LEU B 858 1.78 -18.22 12.53
N LEU B 859 1.60 -17.52 13.67
CA LEU B 859 2.33 -17.88 14.88
C LEU B 859 2.33 -19.39 15.10
N HIS B 860 1.16 -20.02 15.01
CA HIS B 860 1.02 -21.44 15.35
C HIS B 860 1.77 -22.32 14.36
N ALA B 861 1.81 -21.91 13.10
CA ALA B 861 2.56 -22.70 12.13
C ALA B 861 4.06 -22.61 12.39
N ILE B 862 4.52 -21.42 12.77
CA ILE B 862 5.95 -21.27 12.98
C ILE B 862 6.35 -21.76 14.35
N ALA B 863 5.50 -21.55 15.37
CA ALA B 863 5.85 -22.02 16.70
C ALA B 863 5.92 -23.54 16.77
N ARG B 864 5.16 -24.23 15.90
CA ARG B 864 5.17 -25.69 15.93
C ARG B 864 6.47 -26.24 15.39
N ARG B 865 6.96 -25.69 14.29
CA ARG B 865 8.23 -26.14 13.75
C ARG B 865 9.37 -25.73 14.69
N PRO B 866 10.44 -26.52 14.73
CA PRO B 866 11.62 -26.12 15.52
C PRO B 866 12.39 -24.99 14.85
N LYS B 867 13.20 -24.33 15.67
CA LYS B 867 14.00 -23.16 15.36
C LYS B 867 13.14 -21.90 15.28
N GLY B 868 11.83 -22.01 15.39
CA GLY B 868 10.99 -20.85 15.54
C GLY B 868 10.11 -21.02 16.76
N GLN B 869 10.20 -22.20 17.38
CA GLN B 869 9.33 -22.50 18.50
C GLN B 869 9.51 -21.49 19.63
N GLN B 870 10.75 -21.01 19.79
CA GLN B 870 11.04 -20.02 20.83
C GLN B 870 10.91 -18.61 20.30
N LEU B 871 11.38 -18.40 19.07
CA LEU B 871 11.19 -17.11 18.42
C LEU B 871 9.74 -16.68 18.48
N ALA B 872 8.83 -17.62 18.21
CA ALA B 872 7.40 -17.34 18.34
C ALA B 872 7.02 -17.00 19.77
N TRP B 873 7.53 -17.77 20.72
CA TRP B 873 7.10 -17.61 22.11
C TRP B 873 7.66 -16.35 22.73
N ASP B 874 8.91 -15.99 22.38
CA ASP B 874 9.45 -14.73 22.84
C ASP B 874 8.57 -13.58 22.38
N PHE B 875 8.08 -13.67 21.15
CA PHE B 875 7.31 -12.60 20.53
C PHE B 875 6.06 -12.25 21.31
N VAL B 876 5.38 -13.27 21.82
CA VAL B 876 4.11 -13.03 22.50
C VAL B 876 4.34 -12.27 23.80
N ARG B 877 5.25 -12.74 24.65
CA ARG B 877 5.55 -11.99 25.86
C ARG B 877 6.14 -10.62 25.54
N GLU B 878 6.69 -10.45 24.33
CA GLU B 878 7.41 -9.24 23.92
C GLU B 878 6.48 -8.15 23.41
N ASN B 879 5.38 -8.56 22.74
CA ASN B 879 4.46 -7.67 22.04
C ASN B 879 3.01 -7.92 22.47
N TRP B 880 2.78 -8.31 23.73
CA TRP B 880 1.46 -8.77 24.14
C TRP B 880 0.45 -7.63 24.18
N THR B 881 0.84 -6.46 24.68
CA THR B 881 -0.09 -5.34 24.65
C THR B 881 -0.40 -4.94 23.22
N HIS B 882 0.60 -4.96 22.34
CA HIS B 882 0.33 -4.71 20.92
C HIS B 882 -0.71 -5.68 20.37
N LEU B 883 -0.65 -6.94 20.80
CA LEU B 883 -1.61 -7.94 20.33
C LEU B 883 -2.99 -7.75 20.96
N LEU B 884 -3.06 -7.28 22.20
CA LEU B 884 -4.37 -7.08 22.78
C LEU B 884 -5.05 -5.84 22.23
N LYS B 885 -4.31 -4.90 21.62
CA LYS B 885 -4.95 -3.79 20.93
C LYS B 885 -5.69 -4.26 19.67
N LYS B 886 -5.17 -5.28 18.99
CA LYS B 886 -5.81 -5.75 17.78
C LYS B 886 -6.99 -6.67 18.09
N PHE B 887 -6.82 -7.60 19.04
CA PHE B 887 -7.81 -8.63 19.31
C PHE B 887 -8.40 -8.47 20.72
N ASP B 888 -9.66 -8.88 20.88
CA ASP B 888 -10.26 -8.90 22.21
C ASP B 888 -9.62 -9.99 23.07
N LEU B 889 -9.56 -9.72 24.38
CA LEU B 889 -9.06 -10.72 25.32
C LEU B 889 -9.67 -12.09 25.09
N GLY B 890 -10.97 -12.20 25.28
CA GLY B 890 -11.65 -13.46 25.07
C GLY B 890 -11.80 -13.89 23.63
N SER B 891 -11.16 -13.19 22.68
CA SER B 891 -11.25 -13.63 21.30
C SER B 891 -10.63 -15.01 21.12
N TYR B 892 -11.17 -15.77 20.18
CA TYR B 892 -10.50 -17.02 19.80
C TYR B 892 -9.10 -16.74 19.26
N ASP B 893 -8.95 -15.66 18.48
CA ASP B 893 -7.62 -15.27 17.98
C ASP B 893 -6.59 -15.19 19.09
N ILE B 894 -6.97 -14.60 20.23
CA ILE B 894 -6.05 -14.53 21.37
C ILE B 894 -5.78 -15.92 21.90
N ARG B 895 -6.86 -16.69 22.18
CA ARG B 895 -6.68 -18.01 22.79
C ARG B 895 -5.70 -18.87 22.00
N MET B 896 -5.69 -18.74 20.67
CA MET B 896 -4.83 -19.61 19.88
C MET B 896 -3.41 -19.07 19.77
N ILE B 897 -3.20 -17.77 19.98
CA ILE B 897 -1.84 -17.24 20.01
C ILE B 897 -1.14 -17.58 21.33
N ILE B 898 -1.89 -17.86 22.38
CA ILE B 898 -1.35 -18.38 23.62
C ILE B 898 -1.14 -19.88 23.52
N SER B 899 -2.24 -20.63 23.38
CA SER B 899 -2.16 -22.09 23.33
C SER B 899 -1.28 -22.56 22.18
N GLY B 900 -1.45 -21.95 21.00
CA GLY B 900 -0.68 -22.33 19.82
C GLY B 900 0.79 -21.99 19.89
N THR B 901 1.26 -21.46 21.02
CA THR B 901 2.66 -21.14 21.23
C THR B 901 3.21 -21.67 22.54
N THR B 902 2.38 -22.34 23.36
CA THR B 902 2.82 -22.87 24.65
C THR B 902 2.28 -24.27 24.96
N ALA B 903 1.53 -24.89 24.06
CA ALA B 903 1.19 -26.30 24.21
C ALA B 903 2.29 -27.23 23.68
N HIS B 904 2.96 -26.85 22.58
CA HIS B 904 4.04 -27.68 22.06
C HIS B 904 5.25 -27.69 22.98
N PHE B 905 5.24 -26.87 24.01
CA PHE B 905 6.34 -26.86 24.98
C PHE B 905 6.30 -28.10 25.84
N SER B 906 7.48 -28.53 26.28
CA SER B 906 7.68 -29.77 27.03
C SER B 906 8.63 -29.51 28.18
N SER B 907 8.45 -30.29 29.26
CA SER B 907 9.26 -30.23 30.47
C SER B 907 8.93 -29.02 31.35
N LYS B 908 9.36 -29.06 32.60
CA LYS B 908 9.22 -27.95 33.55
C LYS B 908 10.27 -26.89 33.36
N ASP B 909 11.28 -27.14 32.54
CA ASP B 909 12.24 -26.12 32.16
C ASP B 909 11.57 -24.87 31.59
N LYS B 910 10.32 -24.98 31.14
CA LYS B 910 9.56 -23.83 30.65
C LYS B 910 8.12 -23.81 31.16
N LEU B 911 7.74 -24.73 32.05
CA LEU B 911 6.39 -24.68 32.58
C LEU B 911 6.23 -23.52 33.54
N GLN B 912 7.12 -23.43 34.52
CA GLN B 912 7.06 -22.29 35.42
C GLN B 912 7.33 -20.97 34.68
N GLU B 913 7.85 -21.03 33.44
CA GLU B 913 8.14 -19.81 32.68
C GLU B 913 6.91 -19.30 31.93
N VAL B 914 6.09 -20.20 31.39
CA VAL B 914 4.79 -19.72 30.92
C VAL B 914 3.93 -19.30 32.10
N LYS B 915 4.07 -19.98 33.25
CA LYS B 915 3.31 -19.58 34.43
C LYS B 915 3.75 -18.21 34.92
N LEU B 916 5.04 -17.88 34.79
CA LEU B 916 5.49 -16.50 34.99
C LEU B 916 4.64 -15.55 34.16
N PHE B 917 4.49 -15.89 32.88
CA PHE B 917 3.72 -15.06 31.96
C PHE B 917 2.28 -14.89 32.43
N PHE B 918 1.62 -16.00 32.83
CA PHE B 918 0.19 -15.95 33.19
C PHE B 918 -0.07 -15.29 34.53
N GLU B 919 0.93 -15.21 35.41
CA GLU B 919 0.76 -14.40 36.61
C GLU B 919 1.08 -12.94 36.34
N SER B 920 1.96 -12.68 35.37
CA SER B 920 2.19 -11.32 34.89
C SER B 920 0.93 -10.73 34.30
N LEU B 921 0.09 -11.57 33.71
CA LEU B 921 -1.13 -11.12 33.06
C LEU B 921 -2.32 -11.06 34.01
N GLU B 922 -2.51 -12.09 34.86
CA GLU B 922 -3.60 -12.03 35.82
C GLU B 922 -3.46 -10.79 36.70
N ALA B 923 -2.22 -10.46 37.09
CA ALA B 923 -1.94 -9.17 37.70
C ALA B 923 -2.55 -8.03 36.88
N GLN B 924 -2.22 -7.97 35.59
CA GLN B 924 -2.68 -6.91 34.69
C GLN B 924 -4.19 -7.01 34.44
N GLY B 925 -4.84 -7.99 35.09
CA GLY B 925 -6.29 -8.06 35.11
C GLY B 925 -6.93 -8.83 33.97
N SER B 926 -6.26 -9.85 33.43
CA SER B 926 -6.79 -10.65 32.34
C SER B 926 -6.84 -12.11 32.80
N HIS B 927 -8.00 -12.59 33.25
CA HIS B 927 -8.15 -13.98 33.65
C HIS B 927 -8.89 -14.73 32.55
N LEU B 928 -8.24 -15.74 32.00
CA LEU B 928 -8.85 -16.66 31.06
C LEU B 928 -8.67 -18.08 31.57
N ASP B 929 -9.70 -18.90 31.41
CA ASP B 929 -9.57 -20.29 31.80
C ASP B 929 -8.51 -20.99 30.97
N ILE B 930 -8.23 -20.47 29.78
CA ILE B 930 -7.22 -21.08 28.92
C ILE B 930 -5.83 -20.99 29.54
N PHE B 931 -5.62 -20.09 30.51
CA PHE B 931 -4.37 -20.09 31.26
C PHE B 931 -4.18 -21.43 31.96
N GLN B 932 -5.14 -21.77 32.83
CA GLN B 932 -5.03 -22.97 33.64
C GLN B 932 -4.89 -24.21 32.77
N THR B 933 -5.65 -24.28 31.68
CA THR B 933 -5.64 -25.52 30.90
C THR B 933 -4.35 -25.67 30.09
N VAL B 934 -3.72 -24.57 29.64
CA VAL B 934 -2.44 -24.75 28.97
C VAL B 934 -1.32 -24.96 30.00
N LEU B 935 -1.48 -24.46 31.22
CA LEU B 935 -0.63 -24.94 32.31
C LEU B 935 -0.72 -26.46 32.42
N GLU B 936 -1.94 -26.98 32.67
CA GLU B 936 -2.13 -28.41 32.91
C GLU B 936 -1.74 -29.28 31.73
N THR B 937 -1.78 -28.75 30.49
CA THR B 937 -1.46 -29.59 29.34
C THR B 937 0.02 -29.90 29.27
N ILE B 938 0.88 -28.87 29.36
CA ILE B 938 2.29 -29.16 29.31
C ILE B 938 2.76 -29.87 30.60
N THR B 939 2.00 -29.78 31.70
CA THR B 939 2.23 -30.69 32.83
C THR B 939 2.01 -32.13 32.39
N LYS B 940 0.83 -32.42 31.81
CA LYS B 940 0.55 -33.73 31.21
C LYS B 940 1.55 -34.09 30.11
N ASN B 941 2.21 -33.09 29.52
CA ASN B 941 3.37 -33.35 28.68
C ASN B 941 4.57 -33.77 29.52
N ILE B 942 4.90 -32.98 30.55
CA ILE B 942 6.13 -33.18 31.31
C ILE B 942 6.14 -34.54 32.00
N LYS B 943 4.97 -34.98 32.49
CA LYS B 943 4.90 -36.30 33.10
C LYS B 943 5.04 -37.40 32.04
N TRP B 944 4.43 -37.20 30.87
CA TRP B 944 4.37 -38.27 29.87
C TRP B 944 5.75 -38.56 29.28
N LEU B 945 6.49 -37.52 28.92
CA LEU B 945 7.82 -37.69 28.32
C LEU B 945 8.83 -38.25 29.31
N GLU B 946 8.46 -38.34 30.59
CA GLU B 946 9.28 -39.07 31.55
C GLU B 946 9.32 -40.56 31.21
N LYS B 947 8.18 -41.15 30.86
CA LYS B 947 8.10 -42.59 30.61
C LYS B 947 8.16 -42.82 29.10
N ASN B 948 9.38 -42.80 28.56
CA ASN B 948 9.65 -43.31 27.23
C ASN B 948 10.62 -44.48 27.33
N LEU B 949 10.58 -45.30 26.30
CA LEU B 949 11.48 -46.44 26.15
C LEU B 949 11.94 -46.41 24.71
N PRO B 950 13.25 -46.39 24.45
CA PRO B 950 13.73 -46.56 23.06
C PRO B 950 13.74 -48.03 22.62
N THR B 951 12.53 -48.59 22.48
CA THR B 951 12.38 -49.95 21.97
C THR B 951 12.39 -49.88 20.44
N LEU B 952 13.61 -49.82 19.90
CA LEU B 952 13.85 -49.81 18.46
C LEU B 952 15.21 -50.43 18.16
N ARG B 953 15.17 -51.40 17.26
CA ARG B 953 16.37 -52.00 16.68
C ARG B 953 16.02 -52.30 15.23
N THR B 954 16.80 -51.75 14.31
CA THR B 954 16.53 -51.85 12.89
C THR B 954 17.24 -53.03 12.24
N TRP B 955 17.61 -54.06 13.03
CA TRP B 955 18.29 -55.23 12.47
C TRP B 955 17.27 -56.29 12.07
N LEU B 956 16.58 -56.87 13.06
CA LEU B 956 15.75 -58.04 12.80
C LEU B 956 14.52 -57.68 11.96
N MET B 957 13.80 -56.61 12.31
CA MET B 957 12.67 -56.17 11.50
C MET B 957 12.94 -54.85 10.79
C1 NAG C . -11.34 -5.25 -19.39
C2 NAG C . -12.70 -4.69 -19.83
C3 NAG C . -13.80 -5.10 -18.83
C4 NAG C . -13.74 -6.59 -18.51
C5 NAG C . -12.31 -7.00 -18.15
C6 NAG C . -12.11 -8.48 -17.92
C7 NAG C . -12.32 -2.64 -21.08
C8 NAG C . -12.31 -1.15 -21.05
N2 NAG C . -12.64 -3.25 -19.94
O3 NAG C . -15.08 -4.76 -19.35
O4 NAG C . -14.64 -6.85 -17.43
O5 NAG C . -11.42 -6.64 -19.22
O6 NAG C . -10.72 -8.80 -17.93
O7 NAG C . -12.03 -3.27 -22.09
C1 NAG C . -15.68 -7.79 -17.84
C2 NAG C . -16.54 -8.18 -16.65
C3 NAG C . -17.53 -9.25 -17.10
C4 NAG C . -18.35 -8.78 -18.30
C5 NAG C . -17.48 -8.16 -19.40
C6 NAG C . -18.31 -7.41 -20.43
C7 NAG C . -15.43 -7.88 -14.48
C8 NAG C . -14.64 -8.54 -13.38
N2 NAG C . -15.77 -8.65 -15.51
O3 NAG C . -18.38 -9.57 -16.00
O4 NAG C . -19.01 -9.91 -18.87
O5 NAG C . -16.52 -7.22 -18.88
O6 NAG C . -18.58 -6.07 -20.02
O7 NAG C . -15.73 -6.68 -14.43
C1 BMA C . -20.44 -10.00 -18.61
C2 BMA C . -21.02 -11.00 -19.68
C3 BMA C . -22.46 -11.40 -19.32
C4 BMA C . -22.53 -11.91 -17.86
C5 BMA C . -22.13 -10.77 -16.93
C6 BMA C . -22.17 -11.23 -15.50
O2 BMA C . -20.25 -12.21 -19.75
O3 BMA C . -23.02 -12.35 -20.27
O4 BMA C . -23.84 -12.40 -17.51
O5 BMA C . -20.76 -10.37 -17.23
O6 BMA C . -22.33 -10.12 -14.62
C1 MAN C . -24.36 -12.01 -20.67
C2 MAN C . -24.72 -12.86 -21.97
C3 MAN C . -24.18 -12.17 -23.31
C4 MAN C . -24.35 -10.57 -23.36
C5 MAN C . -23.93 -9.88 -22.00
C6 MAN C . -24.15 -8.33 -21.91
O2 MAN C . -26.18 -13.14 -22.10
O3 MAN C . -24.64 -12.82 -24.55
O4 MAN C . -23.62 -9.97 -24.45
O5 MAN C . -24.60 -10.55 -20.83
O6 MAN C . -24.83 -7.85 -23.09
C1 MAN C . -22.91 -10.57 -13.35
C2 MAN C . -24.14 -11.55 -13.71
C3 MAN C . -25.47 -10.88 -13.39
C4 MAN C . -25.51 -10.47 -11.87
C5 MAN C . -24.35 -9.47 -11.47
C6 MAN C . -23.78 -9.70 -10.03
O2 MAN C . -24.10 -12.85 -13.02
O3 MAN C . -26.57 -11.73 -13.79
O4 MAN C . -26.79 -9.91 -11.50
O5 MAN C . -23.22 -9.43 -12.47
O6 MAN C . -24.22 -8.68 -9.09
C1 NAG D . 14.85 13.56 -54.44
C2 NAG D . 16.39 13.55 -54.60
C3 NAG D . 16.89 14.94 -55.01
C4 NAG D . 16.14 15.43 -56.25
C5 NAG D . 14.63 15.36 -56.01
C6 NAG D . 13.82 15.74 -57.23
C7 NAG D . 17.08 11.84 -52.95
C8 NAG D . 17.84 11.59 -51.68
N2 NAG D . 17.07 13.11 -53.38
O3 NAG D . 18.30 14.93 -55.21
O4 NAG D . 16.45 16.78 -56.57
O5 NAG D . 14.24 14.03 -55.66
O6 NAG D . 13.66 14.65 -58.12
O7 NAG D . 16.50 10.94 -53.55
C1 NAG D . 17.23 16.89 -57.77
C2 NAG D . 17.15 18.34 -58.32
C3 NAG D . 18.13 18.53 -59.49
C4 NAG D . 19.54 18.08 -59.12
C5 NAG D . 19.51 16.64 -58.60
C6 NAG D . 20.85 16.15 -58.10
C7 NAG D . 14.84 19.04 -57.87
C8 NAG D . 13.50 19.35 -58.47
N2 NAG D . 15.80 18.66 -58.73
O3 NAG D . 18.14 19.90 -59.88
O4 NAG D . 20.40 18.19 -60.25
O5 NAG D . 18.60 16.55 -57.49
O6 NAG D . 21.91 17.04 -58.42
O7 NAG D . 15.05 19.12 -56.66
C1 NAG E . -4.45 20.16 -39.60
C2 NAG E . -5.85 20.41 -40.18
C3 NAG E . -5.93 21.78 -40.86
C4 NAG E . -5.43 22.88 -39.92
C5 NAG E . -4.05 22.52 -39.39
C6 NAG E . -3.53 23.50 -38.36
C7 NAG E . -7.17 18.45 -40.82
C8 NAG E . -7.38 17.37 -41.85
N2 NAG E . -6.20 19.33 -41.09
O3 NAG E . -7.27 22.07 -41.22
O4 NAG E . -5.34 24.12 -40.62
O5 NAG E . -4.09 21.24 -38.73
O6 NAG E . -2.12 23.52 -38.33
O7 NAG E . -7.86 18.53 -39.81
C1 NAG E . -6.41 25.03 -40.32
C2 NAG E . -5.98 26.45 -40.71
C3 NAG E . -7.12 27.44 -40.45
C4 NAG E . -8.44 26.96 -41.06
C5 NAG E . -8.70 25.48 -40.78
C6 NAG E . -9.85 24.92 -41.58
C7 NAG E . -3.55 26.66 -40.41
C8 NAG E . -2.44 27.15 -39.51
N2 NAG E . -4.79 26.85 -39.96
O3 NAG E . -6.75 28.72 -40.97
O4 NAG E . -9.52 27.65 -40.44
O5 NAG E . -7.55 24.67 -41.07
O6 NAG E . -9.44 24.31 -42.80
O7 NAG E . -3.32 26.11 -41.47
C1 BMA E . -10.02 28.90 -40.98
C2 BMA E . -9.87 28.97 -42.54
C3 BMA E . -10.65 30.17 -43.10
C4 BMA E . -12.14 30.18 -42.61
C5 BMA E . -12.19 30.28 -41.07
C6 BMA E . -13.65 30.25 -40.45
O2 BMA E . -10.39 27.78 -43.20
O3 BMA E . -10.62 30.18 -44.51
O4 BMA E . -12.87 31.26 -43.20
O5 BMA E . -11.42 29.16 -40.48
O6 BMA E . -14.64 30.85 -41.33
C1 NAG F . 7.74 43.64 -13.12
C2 NAG F . 8.68 44.13 -14.20
C3 NAG F . 8.90 45.63 -14.07
C4 NAG F . 7.57 46.37 -14.06
C5 NAG F . 6.61 45.76 -13.03
C6 NAG F . 5.21 46.31 -13.15
C7 NAG F . 10.39 42.66 -15.19
C8 NAG F . 11.73 42.01 -14.99
N2 NAG F . 9.95 43.42 -14.17
O3 NAG F . 9.70 46.08 -15.16
O4 NAG F . 7.80 47.74 -13.73
O5 NAG F . 6.51 44.34 -13.20
O6 NAG F . 4.94 46.71 -14.49
O7 NAG F . 9.74 42.52 -16.24
C1 NAG F . 7.47 48.65 -14.81
C2 NAG F . 7.33 50.07 -14.26
C3 NAG F . 7.03 51.06 -15.37
C4 NAG F . 8.12 50.96 -16.44
C5 NAG F . 8.17 49.52 -16.96
C6 NAG F . 9.22 49.29 -18.02
C7 NAG F . 6.60 50.19 -11.92
C8 NAG F . 5.42 50.24 -10.98
N2 NAG F . 6.31 50.14 -13.22
O3 NAG F . 6.94 52.40 -14.87
O4 NAG F . 7.92 51.90 -17.49
O5 NAG F . 8.46 48.63 -15.87
O6 NAG F . 10.49 49.00 -17.43
O7 NAG F . 7.76 50.21 -11.51
C1 BMA F . 9.02 52.84 -17.45
C2 BMA F . 8.71 53.99 -18.43
C3 BMA F . 9.87 55.01 -18.36
C4 BMA F . 9.98 55.55 -16.92
C5 BMA F . 10.31 54.35 -15.96
C6 BMA F . 10.38 54.74 -14.49
O2 BMA F . 7.49 54.64 -18.03
O3 BMA F . 9.77 56.05 -19.34
O4 BMA F . 10.96 56.58 -16.81
O5 BMA F . 9.26 53.34 -16.10
O6 BMA F . 10.87 56.07 -14.42
C1 NAG G . 23.83 57.01 3.55
C2 NAG G . 23.37 57.70 4.84
C3 NAG G . 21.88 58.04 4.76
C4 NAG G . 21.65 58.94 3.55
C5 NAG G . 22.08 58.22 2.28
C6 NAG G . 21.98 59.08 1.04
C7 NAG G . 24.14 57.42 7.15
C8 NAG G . 24.40 58.91 7.14
N2 NAG G . 23.65 56.90 6.02
O3 NAG G . 21.42 58.67 5.95
O4 NAG G . 20.28 59.35 3.48
O5 NAG G . 23.47 57.82 2.40
O6 NAG G . 22.59 60.35 1.23
O7 NAG G . 24.38 56.74 8.13
C1 NAG G . 20.15 60.80 3.41
C2 NAG G . 18.74 61.20 2.98
C3 NAG G . 18.63 62.71 2.86
C4 NAG G . 19.02 63.38 4.18
C5 NAG G . 20.41 62.92 4.63
C6 NAG G . 20.76 63.42 6.02
C7 NAG G . 17.12 60.06 1.50
C8 NAG G . 16.89 59.45 0.15
N2 NAG G . 18.35 60.56 1.72
O3 NAG G . 17.29 63.05 2.49
O4 NAG G . 18.98 64.80 4.06
O5 NAG G . 20.48 61.49 4.68
O6 NAG G . 22.12 63.16 6.36
O7 NAG G . 16.24 60.10 2.35
C1 BMA G . 17.69 65.39 4.39
C2 BMA G . 17.88 66.69 5.28
C3 BMA G . 16.54 67.50 5.43
C4 BMA G . 15.82 67.67 4.05
C5 BMA G . 15.59 66.27 3.40
C6 BMA G . 14.75 66.37 2.09
O2 BMA G . 18.89 67.59 4.78
O3 BMA G . 16.73 68.78 6.09
O4 BMA G . 14.59 68.41 4.17
O5 BMA G . 16.90 65.65 3.18
O6 BMA G . 14.85 65.18 1.28
C1 NAG H . -19.54 10.10 1.72
C2 NAG H . -20.69 10.39 0.77
C3 NAG H . -20.16 10.92 -0.56
C4 NAG H . -19.21 12.09 -0.32
C5 NAG H . -18.15 11.71 0.71
C6 NAG H . -17.28 12.86 1.12
C7 NAG H . -22.41 8.79 1.43
C8 NAG H . -23.13 7.52 1.12
N2 NAG H . -21.47 9.18 0.56
O3 NAG H . -21.23 11.38 -1.40
O4 NAG H . -18.58 12.41 -1.54
O5 NAG H . -18.79 11.26 1.91
O6 NAG H . -17.32 12.99 2.53
O7 NAG H . -22.66 9.45 2.44
C1 NAG H . -18.79 13.79 -1.91
C2 NAG H . -18.12 13.90 -3.25
C3 NAG H . -18.17 15.35 -3.71
C4 NAG H . -19.59 15.88 -3.69
C5 NAG H . -20.38 15.48 -2.43
C6 NAG H . -21.87 15.54 -2.64
C7 NAG H . -16.34 12.34 -3.89
C8 NAG H . -14.91 11.96 -3.71
N2 NAG H . -16.75 13.40 -3.20
O3 NAG H . -17.67 15.40 -5.05
O4 NAG H . -19.55 17.30 -3.78
O5 NAG H . -20.13 14.11 -2.04
O6 NAG H . -22.22 14.78 -3.78
O7 NAG H . -17.08 11.71 -4.66
C1 BMA H . -20.49 17.76 -4.81
C2 BMA H . -20.98 19.21 -4.46
C3 BMA H . -21.97 19.68 -5.58
C4 BMA H . -21.62 19.22 -7.01
C5 BMA H . -20.93 17.80 -7.07
C6 BMA H . -20.27 17.48 -8.40
O2 BMA H . -19.89 20.12 -4.36
O3 BMA H . -22.17 21.11 -5.59
O4 BMA H . -22.81 19.20 -7.76
O5 BMA H . -19.91 17.76 -6.09
O6 BMA H . -20.10 18.71 -9.15
C1 MAN H . -23.56 21.46 -5.32
C2 MAN H . -23.78 23.00 -5.64
C3 MAN H . -23.05 23.89 -4.57
C4 MAN H . -23.38 23.43 -3.12
C5 MAN H . -23.16 21.91 -2.96
C6 MAN H . -23.56 21.35 -1.59
O2 MAN H . -25.21 23.38 -5.65
O3 MAN H . -23.24 25.33 -4.77
O4 MAN H . -22.53 24.11 -2.21
O5 MAN H . -23.91 21.17 -3.97
O6 MAN H . -23.07 19.99 -1.51
C1 MAN H . -18.81 19.37 -9.02
C2 MAN H . -19.12 20.85 -9.31
C3 MAN H . -19.65 20.94 -10.75
C4 MAN H . -18.72 20.12 -11.79
C5 MAN H . -18.30 18.69 -11.23
C6 MAN H . -17.19 17.92 -11.99
O2 MAN H . -17.96 21.76 -9.20
O3 MAN H . -19.86 22.29 -11.14
O4 MAN H . -19.41 19.97 -13.02
O5 MAN H . -17.82 18.84 -9.89
O6 MAN H . -16.58 16.97 -11.06
C1 NAG I . -42.37 -9.93 14.10
C2 NAG I . -43.48 -9.59 13.10
C3 NAG I . -44.70 -10.48 13.32
C4 NAG I . -44.29 -11.95 13.37
C5 NAG I . -43.17 -12.13 14.39
C6 NAG I . -42.67 -13.56 14.55
C7 NAG I . -44.05 -7.39 12.17
C8 NAG I . -44.41 -5.97 12.48
N2 NAG I . -43.85 -8.19 13.23
O3 NAG I . -45.63 -10.25 12.27
O4 NAG I . -45.42 -12.77 13.67
O5 NAG I . -42.05 -11.32 14.01
O6 NAG I . -41.65 -13.90 13.62
O7 NAG I . -43.97 -7.80 11.01
C1 NAG I . -45.75 -13.59 12.49
C2 NAG I . -46.35 -14.97 12.91
C3 NAG I . -46.71 -15.75 11.64
C4 NAG I . -47.66 -14.93 10.76
C5 NAG I . -46.98 -13.62 10.39
C6 NAG I . -47.84 -12.71 9.52
C7 NAG I . -45.62 -15.94 15.05
C8 NAG I . -44.56 -16.75 15.76
N2 NAG I . -45.43 -15.73 13.74
O3 NAG I . -47.27 -17.02 11.98
O4 NAG I . -48.05 -15.65 9.59
O5 NAG I . -46.69 -12.89 11.60
O6 NAG I . -49.06 -13.32 9.14
O7 NAG I . -46.61 -15.50 15.65
C1 NAG J . -24.39 -41.84 6.46
C2 NAG J . -24.94 -42.41 7.77
C3 NAG J . -25.19 -43.90 7.60
C4 NAG J . -26.21 -44.11 6.48
C5 NAG J . -25.72 -43.49 5.18
C6 NAG J . -26.77 -43.49 4.09
C7 NAG J . -24.50 -41.64 10.06
C8 NAG J . -23.46 -41.45 11.14
N2 NAG J . -24.06 -42.16 8.91
O3 NAG J . -25.66 -44.45 8.83
O4 NAG J . -26.45 -45.51 6.29
O5 NAG J . -25.35 -42.11 5.38
O6 NAG J . -26.29 -42.92 2.87
O7 NAG J . -25.68 -41.34 10.23
C1 NAG J . -27.83 -45.84 6.63
C2 NAG J . -27.95 -47.39 6.51
C3 NAG J . -29.35 -47.88 6.94
C4 NAG J . -29.83 -47.23 8.22
C5 NAG J . -29.62 -45.71 8.20
C6 NAG J . -29.96 -45.02 9.50
C7 NAG J . -28.05 -47.60 3.98
C8 NAG J . -29.21 -46.63 3.90
N2 NAG J . -27.55 -47.90 5.20
O3 NAG J . -29.31 -49.30 7.14
O4 NAG J . -31.21 -47.52 8.41
O5 NAG J . -28.23 -45.43 7.93
O6 NAG J . -29.51 -43.67 9.54
O7 NAG J . -27.58 -48.11 2.96
C1 NAG K . -10.04 -28.99 40.00
C2 NAG K . -9.26 -28.17 41.04
C3 NAG K . -10.20 -27.67 42.16
C4 NAG K . -11.39 -26.91 41.58
C5 NAG K . -12.11 -27.82 40.59
C6 NAG K . -13.33 -27.19 39.92
C7 NAG K . -6.99 -28.45 41.97
C8 NAG K . -6.01 -29.44 42.54
N2 NAG K . -8.17 -28.97 41.61
O3 NAG K . -9.47 -26.84 43.06
O4 NAG K . -12.28 -26.50 42.63
O5 NAG K . -11.21 -28.22 39.54
O6 NAG K . -13.44 -25.79 40.13
O7 NAG K . -6.72 -27.26 41.83
C1 NAG K . -12.36 -25.09 43.03
C2 NAG K . -13.34 -25.02 44.24
C3 NAG K . -13.45 -23.59 44.82
C4 NAG K . -12.06 -22.97 45.03
C5 NAG K . -11.27 -23.00 43.73
C6 NAG K . -9.91 -22.34 43.83
C7 NAG K . -15.16 -26.70 44.27
C8 NAG K . -16.54 -27.05 43.75
N2 NAG K . -14.65 -25.53 43.87
O3 NAG K . -14.13 -23.62 46.07
O4 NAG K . -12.17 -21.63 45.50
O5 NAG K . -11.09 -24.37 43.35
O6 NAG K . -8.92 -23.23 44.34
O7 NAG K . -14.56 -27.45 45.05
C1 NAG L . -9.74 -63.57 8.42
C2 NAG L . -9.40 -65.04 8.17
C3 NAG L . -9.60 -65.36 6.69
C4 NAG L . -11.01 -64.99 6.24
C5 NAG L . -11.35 -63.54 6.63
C6 NAG L . -12.79 -63.15 6.32
C7 NAG L . -7.77 -66.46 9.34
C8 NAG L . -6.33 -66.64 9.71
N2 NAG L . -8.06 -65.37 8.62
O3 NAG L . -9.33 -66.74 6.46
O4 NAG L . -11.17 -65.12 4.84
O5 NAG L . -11.12 -63.31 8.04
O6 NAG L . -13.74 -64.02 6.92
O7 NAG L . -8.63 -67.26 9.66
C1 NAG L . -11.98 -66.27 4.48
C2 NAG L . -12.52 -66.10 3.04
C3 NAG L . -13.30 -67.35 2.60
C4 NAG L . -12.42 -68.60 2.74
C5 NAG L . -11.99 -68.74 4.19
C6 NAG L . -11.06 -69.92 4.42
C7 NAG L . -13.17 -63.95 2.03
C8 NAG L . -14.13 -62.80 2.07
N2 NAG L . -13.36 -64.91 2.94
O3 NAG L . -13.71 -67.22 1.24
O4 NAG L . -13.12 -69.76 2.32
O5 NAG L . -11.27 -67.56 4.60
O6 NAG L . -10.94 -70.74 3.27
O7 NAG L . -12.27 -64.01 1.19
ZN ZN M . 9.68 23.06 -19.83
C1 NAG N . -5.55 -8.29 -39.59
C2 NAG N . -6.21 -8.98 -38.39
C3 NAG N . -7.07 -10.15 -38.89
C4 NAG N . -8.06 -9.66 -39.93
C5 NAG N . -7.35 -8.89 -41.04
C6 NAG N . -8.29 -8.29 -42.06
C7 NAG N . -5.39 -9.27 -36.07
C8 NAG N . -6.68 -8.66 -35.62
N2 NAG N . -5.23 -9.42 -37.40
O3 NAG N . -7.75 -10.77 -37.79
O4 NAG N . -8.79 -10.75 -40.50
O5 NAG N . -6.56 -7.82 -40.49
O6 NAG N . -9.09 -9.30 -42.67
O7 NAG N . -4.53 -9.64 -35.27
C1 NAG O . 35.33 13.14 15.21
C2 NAG O . 34.91 11.74 14.72
C3 NAG O . 34.43 10.89 15.90
C4 NAG O . 35.51 10.80 16.97
C5 NAG O . 35.93 12.20 17.43
C6 NAG O . 37.08 12.20 18.40
C7 NAG O . 34.10 11.40 12.43
C8 NAG O . 32.94 11.56 11.47
N2 NAG O . 33.89 11.82 13.69
O3 NAG O . 34.07 9.57 15.48
O4 NAG O . 35.07 10.01 18.07
O5 NAG O . 36.33 13.00 16.30
O6 NAG O . 37.43 10.88 18.84
O7 NAG O . 35.17 10.93 12.08
C1 NAG P . -13.13 20.76 0.91
C2 NAG P . -12.97 20.23 2.32
C3 NAG P . -14.32 19.68 2.79
C4 NAG P . -15.35 20.80 2.80
C5 NAG P . -15.42 21.55 1.44
C6 NAG P . -16.18 22.86 1.53
C7 NAG P . -10.66 19.59 2.84
C8 NAG P . -9.68 18.45 2.96
N2 NAG P . -11.90 19.26 2.46
O3 NAG P . -14.24 19.10 4.09
O4 NAG P . -16.62 20.23 3.10
O5 NAG P . -14.12 21.86 0.91
O6 NAG P . -15.79 23.68 2.64
O7 NAG P . -10.33 20.76 3.08
C1 NAG Q . 38.28 20.68 -21.39
C2 NAG Q . 39.04 19.36 -21.32
C3 NAG Q . 39.70 19.06 -22.67
C4 NAG Q . 38.70 19.18 -23.82
C5 NAG Q . 37.86 20.46 -23.72
C6 NAG Q . 36.70 20.48 -24.70
C7 NAG Q . 40.68 18.36 -19.76
C8 NAG Q . 41.66 18.64 -18.67
N2 NAG Q . 40.04 19.42 -20.26
O3 NAG Q . 40.24 17.73 -22.67
O4 NAG Q . 39.41 19.14 -25.06
O5 NAG Q . 37.28 20.60 -22.41
O6 NAG Q . 35.49 19.98 -24.13
O7 NAG Q . 40.48 17.22 -20.20
C8 P4G R . -1.43 29.96 -44.24
C7 P4G R . -2.32 29.60 -43.06
O4 P4G R . -3.01 30.78 -42.58
C6 P4G R . -3.99 30.53 -41.55
C5 P4G R . -4.39 31.83 -40.84
O3 P4G R . -4.50 31.58 -39.44
C4 P4G R . -4.55 32.78 -38.66
C3 P4G R . -4.33 32.54 -37.16
O2 P4G R . -2.96 32.24 -36.84
C2 P4G R . -2.46 32.94 -35.68
C1 P4G R . -1.15 32.32 -35.25
C13 UQE S . 9.97 19.26 -17.78
C13 UQE S . 13.30 15.25 -18.71
C17 UQE S . 11.37 17.49 -19.00
C17 UQE S . 11.58 16.96 -19.19
C24 UQE S . 15.85 21.29 -14.17
C24 UQE S . 10.77 25.30 -12.27
C26 UQE S . 14.11 19.61 -14.11
C26 UQE S . 9.76 24.00 -13.99
C28 UQE S . 14.10 17.73 -15.88
C28 UQE S . 10.47 21.74 -14.60
C02 UQE S . 11.59 21.60 -15.29
C02 UQE S . 15.21 17.16 -16.82
C03 UQE S . 11.30 22.76 -14.58
C03 UQE S . 15.55 18.40 -16.28
C04 UQE S . 9.98 23.13 -14.33
C04 UQE S . 14.65 19.10 -15.48
C05 UQE S . 8.94 22.33 -14.79
C05 UQE S . 13.40 18.53 -15.24
C06 UQE S . 9.23 21.17 -15.50
C06 UQE S . 13.06 17.29 -15.78
C07 UQE S . 10.56 20.79 -15.76
C07 UQE S . 13.95 16.60 -16.58
C08 UQE S . 10.90 19.52 -16.56
C08 UQE S . 13.60 15.22 -17.19
C12 UQE S . 9.87 20.41 -18.81
C12 UQE S . 13.60 13.91 -19.45
C18 UQE S . 10.99 16.21 -19.58
C18 UQE S . 10.14 16.94 -19.28
C19 UQE S . 11.80 15.11 -20.33
C19 UQE S . 9.29 18.15 -19.58
C23 UQE S . 16.36 20.63 -15.28
C23 UQE S . 11.61 24.21 -12.05
C25 UQE S . 14.70 20.76 -13.59
C25 UQE S . 9.80 25.18 -13.27
C27 UQE S . 14.69 19.00 -15.21
C27 UQE S . 10.61 22.95 -13.67
C29 UQE S . 12.91 17.01 -15.64
C29 UQE S . 10.53 20.32 -14.55
C30 UQE S . 12.71 15.86 -16.51
C30 UQE S . 10.33 19.70 -15.85
C31 UQE S . 13.76 15.64 -17.44
C31 UQE S . 10.11 20.66 -16.89
N10 UQE S . 9.54 20.13 -20.19
N10 UQE S . 14.97 13.45 -19.61
N14 UQE S . 9.68 16.09 -19.35
N14 UQE S . 9.76 15.69 -19.04
N15 UQE S . 9.26 17.16 -18.71
N15 UQE S . 10.84 14.95 -18.81
N16 UQE S . 10.23 18.01 -18.49
N16 UQE S . 11.93 15.70 -18.90
N20 UQE S . 13.24 15.05 -20.14
N20 UQE S . 10.20 19.27 -19.55
N22 UQE S . 15.78 19.54 -15.75
N22 UQE S . 11.54 23.08 -12.74
O01 UQE S . 9.72 24.30 -13.61
O01 UQE S . 15.03 20.35 -14.95
O09 UQE S . 9.45 21.19 -21.11
O09 UQE S . 16.04 14.18 -19.07
O11 UQE S . 10.05 21.53 -18.52
O11 UQE S . 12.73 13.25 -19.94
O32 UQE S . 13.48 13.02 -18.42
O32 UQE S . 10.76 21.68 -19.07
O34 UQE S . 15.40 14.11 -19.00
O34 UQE S . 8.57 21.31 -19.06
S21 UQE S . 14.85 16.89 -17.16
S21 UQE S . 10.19 22.18 -16.19
S33 UQE S . 13.98 14.38 -18.74
S33 UQE S . 9.82 20.66 -18.67
C1 EDO T . 4.04 17.95 -53.68
O1 EDO T . 3.54 19.30 -53.57
C2 EDO T . 5.43 17.79 -53.07
O2 EDO T . 5.69 16.43 -52.70
C1 EDO U . 16.99 17.83 -3.16
O1 EDO U . 16.48 16.79 -2.28
C2 EDO U . 15.86 18.42 -4.00
O2 EDO U . 16.40 19.24 -5.05
C1 EDO V . -1.09 20.65 11.06
O1 EDO V . 0.05 21.12 10.34
C2 EDO V . -1.92 19.62 10.27
O2 EDO V . -1.39 18.28 10.35
C1 EDO W . -3.47 40.20 -9.90
O1 EDO W . -2.66 39.96 -8.71
C2 EDO W . -3.25 41.63 -10.44
O2 EDO W . -2.03 41.83 -11.20
C1 EDO X . -10.84 10.62 -41.22
O1 EDO X . -10.95 12.05 -41.23
C2 EDO X . -11.14 10.06 -42.62
O2 EDO X . -11.22 8.64 -42.64
ZN ZN Y . -21.80 -22.41 14.72
C1 NAG Z . -43.37 -6.73 38.79
C2 NAG Z . -42.79 -6.92 40.21
C3 NAG Z . -42.79 -8.41 40.54
C4 NAG Z . -44.21 -8.97 40.46
C5 NAG Z . -44.79 -8.71 39.06
C6 NAG Z . -46.24 -9.15 38.89
C7 NAG Z . -41.03 -5.72 41.46
C8 NAG Z . -42.02 -5.63 42.60
N2 NAG Z . -41.47 -6.35 40.36
O3 NAG Z . -42.19 -8.67 41.81
O4 NAG Z . -44.19 -10.36 40.76
O5 NAG Z . -44.72 -7.31 38.72
O6 NAG Z . -46.84 -9.57 40.10
O7 NAG Z . -39.90 -5.25 41.54
C1 NAG AA . -33.49 16.30 19.21
C2 NAG AA . -34.03 16.85 17.89
C3 NAG AA . -34.43 18.33 18.06
C4 NAG AA . -35.38 18.51 19.24
C5 NAG AA . -34.85 17.81 20.51
C6 NAG AA . -35.87 17.77 21.64
C7 NAG AA . -33.14 15.71 15.89
C8 NAG AA . -32.07 15.71 14.84
N2 NAG AA . -33.08 16.70 16.81
O3 NAG AA . -35.03 18.83 16.88
O4 NAG AA . -35.58 19.89 19.51
O5 NAG AA . -34.50 16.44 20.24
O6 NAG AA . -37.09 17.15 21.27
O7 NAG AA . -34.04 14.87 15.90
C13 UQE BA . -18.67 -19.13 14.62
C17 UQE BA . -18.60 -17.63 16.70
C24 UQE BA . -13.97 -24.04 17.05
C26 UQE BA . -13.13 -21.82 16.57
C28 UQE BA . -14.62 -19.75 16.98
C02 UQE BA . -17.71 -21.16 12.61
C03 UQE BA . -17.51 -22.25 11.76
C04 UQE BA . -16.90 -23.43 12.19
C05 UQE BA . -16.50 -23.51 13.52
C06 UQE BA . -16.69 -22.42 14.35
C07 UQE BA . -17.30 -21.24 13.94
C08 UQE BA . -17.48 -20.06 14.94
C12 UQE BA . -19.95 -20.00 14.63
C18 UQE BA . -18.54 -16.19 16.89
C19 UQE BA . -18.49 -15.39 18.20
C23 UQE BA . -15.15 -23.43 17.44
C25 UQE BA . -12.94 -23.20 16.61
C27 UQE BA . -14.36 -21.28 16.97
C29 UQE BA . -14.52 -18.73 16.01
C30 UQE BA . -14.87 -17.41 16.51
C31 UQE BA . -15.25 -17.33 17.87
N10 UQE BA . -20.92 -19.88 13.56
N14 UQE BA . -18.52 -15.63 15.68
N15 UQE BA . -18.57 -16.63 14.81
N16 UQE BA . -18.64 -17.85 15.37
N20 UQE BA . -17.49 -15.91 19.14
N22 UQE BA . -15.31 -22.12 17.40
O01 UQE BA . -16.71 -24.53 11.34
O09 UQE BA . -22.10 -20.66 13.48
O11 UQE BA . -20.06 -20.82 15.45
O32 UQE BA . -15.27 -14.59 18.48
O34 UQE BA . -15.19 -15.97 20.27
S21 UQE BA . -15.12 -18.93 18.37
S33 UQE BA . -15.78 -15.90 18.92
#